data_6BAQ
#
_entry.id   6BAQ
#
_cell.length_a   132.200
_cell.length_b   200.582
_cell.length_c   89.499
_cell.angle_alpha   90.000
_cell.angle_beta   126.150
_cell.angle_gamma   90.000
#
_symmetry.space_group_name_H-M   'C 1 2 1'
#
loop_
_entity.id
_entity.type
_entity.pdbx_description
1 polymer 'BPI fold-containing family A member 1'
2 non-polymer 'SODIUM ION'
3 non-polymer 'CHLORIDE ION'
4 non-polymer GLYCEROL
5 water water
#
_entity_poly.entity_id   1
_entity_poly.type   'polypeptide(L)'
_entity_poly.pdbx_seq_one_letter_code
;SNAQGPPLPLNQGQLLPLAQGLPLAVSPALPSNPTDLLAGKFTDALSGGLLSGGLLGILENIPLLDVIKSGGGNSNGLVG
GLLGKLTSSVPLLNNILDIKITDPQLLELGLVQSPDGHRLYVTIPLGLTLNVNMPVVGSLLQLAVKLNITAEVLAVKDNQ
GRIHLVLGDCTHSPGSLKISLLNGVTPVQSFLDNLTGILTKVLPELIQGKVCPLVNGILSGLDVTLVHNIAELLIHGLQF
VIKV
;
_entity_poly.pdbx_strand_id   A,B,C,D,E,F,G,H
#
# COMPACT_ATOMS: atom_id res chain seq x y z
N PRO A 31 -0.37 -14.24 44.99
CA PRO A 31 0.58 -13.83 43.95
C PRO A 31 1.74 -14.80 43.77
N SER A 32 1.96 -15.66 44.76
CA SER A 32 3.05 -16.63 44.76
C SER A 32 3.26 -17.22 43.37
N ASN A 33 4.50 -17.20 42.88
CA ASN A 33 5.72 -16.74 43.55
C ASN A 33 6.01 -15.22 43.46
N PRO A 34 6.06 -14.53 44.60
CA PRO A 34 6.15 -13.05 44.54
C PRO A 34 7.36 -12.52 43.80
N THR A 35 8.43 -13.31 43.65
CA THR A 35 9.52 -12.86 42.79
C THR A 35 9.06 -12.69 41.35
N ASP A 36 7.96 -13.34 40.97
CA ASP A 36 7.41 -13.13 39.64
C ASP A 36 7.19 -11.65 39.33
N LEU A 37 6.90 -10.84 40.36
CA LEU A 37 6.60 -9.44 40.11
C LEU A 37 7.84 -8.59 39.90
N LEU A 38 9.00 -9.08 40.33
CA LEU A 38 10.17 -8.22 40.37
C LEU A 38 10.52 -7.68 38.99
N ALA A 39 10.46 -8.53 37.96
CA ALA A 39 10.79 -8.06 36.61
C ALA A 39 9.94 -6.85 36.25
N GLY A 40 8.62 -6.95 36.45
CA GLY A 40 7.76 -5.83 36.10
C GLY A 40 8.12 -4.59 36.91
N LYS A 41 8.36 -4.79 38.21
CA LYS A 41 8.73 -3.66 39.03
C LYS A 41 10.01 -3.04 38.52
N PHE A 42 10.95 -3.89 38.12
CA PHE A 42 12.21 -3.35 37.63
C PHE A 42 11.95 -2.56 36.34
N THR A 43 11.18 -3.15 35.43
CA THR A 43 10.98 -2.41 34.20
C THR A 43 10.14 -1.16 34.44
N ASP A 44 9.21 -1.19 35.42
CA ASP A 44 8.49 0.05 35.70
C ASP A 44 9.42 1.12 36.21
N ALA A 45 10.25 0.77 37.21
CA ALA A 45 11.10 1.78 37.82
C ALA A 45 12.09 2.33 36.82
N LEU A 46 12.66 1.45 36.01
CA LEU A 46 13.61 1.92 35.02
C LEU A 46 12.89 2.80 34.01
N SER A 47 11.76 2.35 33.47
CA SER A 47 11.12 3.18 32.45
C SER A 47 10.67 4.50 33.07
N GLY A 48 10.08 4.44 34.27
CA GLY A 48 9.73 5.68 34.95
C GLY A 48 10.93 6.56 35.15
N GLY A 49 12.04 5.96 35.61
CA GLY A 49 13.24 6.75 35.80
C GLY A 49 13.63 7.48 34.55
N LEU A 50 13.53 6.79 33.41
CA LEU A 50 13.95 7.38 32.15
C LEU A 50 13.11 8.62 31.85
N LEU A 51 11.80 8.52 31.99
CA LEU A 51 10.99 9.69 31.69
C LEU A 51 11.20 10.78 32.74
N SER A 52 11.32 10.38 34.02
CA SER A 52 11.53 11.39 35.04
C SER A 52 12.83 12.12 34.80
N GLY A 53 13.86 11.40 34.32
CA GLY A 53 15.13 11.97 34.04
C GLY A 53 15.25 12.79 32.78
N GLY A 54 14.14 13.01 32.07
CA GLY A 54 14.14 13.88 30.91
C GLY A 54 14.52 13.21 29.61
N LEU A 55 14.29 11.90 29.47
CA LEU A 55 14.67 11.20 28.26
C LEU A 55 14.14 11.88 27.01
N LEU A 56 12.86 12.23 27.01
CA LEU A 56 12.27 12.67 25.75
C LEU A 56 12.87 13.99 25.30
N GLY A 57 13.04 14.95 26.22
CA GLY A 57 13.67 16.20 25.85
C GLY A 57 15.11 16.01 25.43
N ILE A 58 15.83 15.13 26.11
CA ILE A 58 17.21 14.81 25.72
C ILE A 58 17.27 14.30 24.29
N LEU A 59 16.34 13.41 23.93
CA LEU A 59 16.31 12.95 22.55
C LEU A 59 16.04 14.13 21.63
N GLU A 60 15.06 14.95 21.99
CA GLU A 60 14.65 16.07 21.15
C GLU A 60 15.78 17.07 20.98
N ASN A 61 16.72 17.13 21.92
CA ASN A 61 17.73 18.18 21.85
C ASN A 61 19.08 17.67 21.38
N ILE A 62 19.13 16.50 20.77
CA ILE A 62 20.39 16.07 20.15
C ILE A 62 20.68 16.97 18.95
N PRO A 63 21.86 17.56 18.87
CA PRO A 63 22.23 18.47 17.75
C PRO A 63 22.63 17.67 16.52
N LEU A 64 21.64 16.98 15.93
CA LEU A 64 21.96 16.01 14.89
C LEU A 64 22.60 16.67 13.68
N LEU A 65 22.02 17.79 13.23
CA LEU A 65 22.52 18.40 12.00
C LEU A 65 23.91 18.99 12.17
N ASP A 66 24.33 19.25 13.40
CA ASP A 66 25.65 19.80 13.60
C ASP A 66 26.68 18.70 13.73
N VAL A 67 26.32 17.62 14.44
CA VAL A 67 27.16 16.43 14.43
C VAL A 67 27.36 15.93 13.01
N ILE A 68 26.39 16.15 12.13
CA ILE A 68 26.51 15.58 10.80
C ILE A 68 27.32 16.49 9.91
N LYS A 69 27.06 17.79 10.00
CA LYS A 69 27.87 18.77 9.29
C LYS A 69 29.28 18.62 9.80
N SER A 70 29.57 19.21 10.96
CA SER A 70 30.90 19.16 11.55
C SER A 70 31.29 17.74 12.00
N SER A 88 29.97 11.43 -1.58
CA SER A 88 29.90 12.81 -2.06
C SER A 88 28.69 13.54 -1.45
N SER A 89 28.86 14.02 -0.22
CA SER A 89 27.75 14.49 0.59
C SER A 89 27.59 16.02 0.64
N VAL A 90 28.61 16.79 0.32
CA VAL A 90 28.49 18.23 0.49
C VAL A 90 27.26 18.81 -0.20
N PRO A 91 26.78 18.25 -1.32
CA PRO A 91 25.54 18.77 -1.92
C PRO A 91 24.31 18.54 -1.05
N LEU A 92 23.88 17.28 -0.95
CA LEU A 92 22.92 16.87 0.09
C LEU A 92 23.02 17.74 1.34
N LEU A 93 24.17 17.70 2.03
CA LEU A 93 24.27 18.41 3.31
C LEU A 93 24.01 19.89 3.14
N ASN A 94 24.45 20.46 2.03
CA ASN A 94 24.22 21.88 1.81
C ASN A 94 22.75 22.19 1.59
N ASN A 95 21.95 21.22 1.17
CA ASN A 95 20.54 21.55 0.96
C ASN A 95 19.65 21.20 2.16
N ILE A 96 20.22 21.04 3.34
CA ILE A 96 19.46 20.74 4.56
C ILE A 96 19.36 21.96 5.46
N LEU A 97 18.34 22.80 5.24
CA LEU A 97 18.07 23.90 6.16
C LEU A 97 18.27 23.53 7.64
N ASP A 98 17.54 22.53 8.15
CA ASP A 98 17.71 22.12 9.54
C ASP A 98 17.01 20.79 9.79
N ILE A 99 17.27 20.23 10.97
CA ILE A 99 16.58 19.02 11.41
C ILE A 99 16.03 19.25 12.80
N LYS A 100 14.74 18.96 12.95
CA LYS A 100 14.06 18.98 14.24
C LYS A 100 13.63 17.55 14.61
N ILE A 101 13.89 17.15 15.85
CA ILE A 101 13.54 15.82 16.33
C ILE A 101 12.26 15.95 17.15
N THR A 102 11.20 15.26 16.74
CA THR A 102 9.91 15.33 17.41
C THR A 102 9.39 13.95 17.75
N ASP A 103 8.28 13.95 18.48
CA ASP A 103 7.54 12.73 18.82
C ASP A 103 8.46 11.63 19.36
N PRO A 104 9.34 11.96 20.31
CA PRO A 104 10.20 10.93 20.90
C PRO A 104 9.34 9.93 21.67
N GLN A 105 9.72 8.67 21.59
CA GLN A 105 8.86 7.65 22.16
C GLN A 105 9.67 6.62 22.92
N LEU A 106 9.21 6.26 24.11
CA LEU A 106 9.76 5.13 24.86
C LEU A 106 8.76 3.98 24.84
N LEU A 107 9.15 2.83 24.32
CA LEU A 107 8.23 1.71 24.28
C LEU A 107 8.41 0.82 25.51
N GLU A 108 7.58 -0.21 25.60
CA GLU A 108 7.65 -1.12 26.74
C GLU A 108 9.01 -1.79 26.80
N LEU A 109 9.58 -1.86 28.00
CA LEU A 109 10.90 -2.46 28.12
C LEU A 109 10.83 -3.98 28.05
N GLY A 110 11.85 -4.57 27.45
CA GLY A 110 12.04 -6.01 27.49
C GLY A 110 13.12 -6.38 28.50
N LEU A 111 13.00 -7.56 29.08
CA LEU A 111 13.93 -7.99 30.09
C LEU A 111 14.19 -9.48 29.94
N VAL A 112 15.45 -9.87 29.86
CA VAL A 112 15.81 -11.28 29.87
C VAL A 112 16.89 -11.49 30.92
N GLN A 113 16.82 -12.61 31.61
CA GLN A 113 17.86 -12.98 32.57
C GLN A 113 18.79 -13.98 31.91
N SER A 114 20.09 -13.82 32.15
CA SER A 114 21.08 -14.72 31.57
C SER A 114 20.88 -16.15 32.07
N PRO A 115 21.35 -17.14 31.32
CA PRO A 115 21.14 -18.53 31.75
C PRO A 115 21.81 -18.86 33.08
N ASP A 116 22.97 -18.29 33.40
CA ASP A 116 23.54 -18.57 34.70
C ASP A 116 22.86 -17.76 35.81
N GLY A 117 21.90 -16.90 35.49
CA GLY A 117 21.14 -16.14 36.46
C GLY A 117 21.78 -14.89 37.01
N HIS A 118 23.01 -14.55 36.62
CA HIS A 118 23.71 -13.44 37.27
C HIS A 118 23.50 -12.08 36.63
N ARG A 119 22.87 -12.01 35.46
CA ARG A 119 22.85 -10.78 34.70
C ARG A 119 21.45 -10.55 34.14
N LEU A 120 21.10 -9.29 34.00
CA LEU A 120 19.87 -8.94 33.30
C LEU A 120 20.25 -8.21 32.01
N TYR A 121 19.41 -8.38 30.99
CA TYR A 121 19.54 -7.63 29.75
C TYR A 121 18.24 -6.88 29.52
N VAL A 122 18.31 -5.54 29.55
CA VAL A 122 17.16 -4.67 29.35
C VAL A 122 17.16 -4.17 27.92
N THR A 123 16.06 -4.38 27.22
CA THR A 123 15.85 -3.83 25.89
C THR A 123 15.00 -2.58 26.01
N ILE A 124 15.59 -1.45 25.61
CA ILE A 124 14.99 -0.13 25.72
C ILE A 124 14.66 0.30 24.30
N PRO A 125 13.43 0.09 23.87
CA PRO A 125 13.06 0.44 22.49
C PRO A 125 12.61 1.89 22.38
N LEU A 126 13.18 2.60 21.42
CA LEU A 126 12.98 4.03 21.20
C LEU A 126 12.44 4.30 19.80
N GLY A 127 11.60 5.31 19.71
CA GLY A 127 11.15 5.81 18.43
C GLY A 127 11.27 7.32 18.43
N LEU A 128 11.40 7.88 17.24
CA LEU A 128 11.40 9.34 17.12
C LEU A 128 11.23 9.70 15.65
N THR A 129 10.92 10.97 15.40
CA THR A 129 10.70 11.44 14.04
C THR A 129 11.71 12.54 13.75
N LEU A 130 12.38 12.41 12.62
CA LEU A 130 13.25 13.44 12.10
C LEU A 130 12.44 14.28 11.12
N ASN A 131 12.50 15.60 11.29
CA ASN A 131 11.85 16.59 10.45
C ASN A 131 12.96 17.37 9.76
N VAL A 132 13.16 17.06 8.50
CA VAL A 132 14.25 17.57 7.70
C VAL A 132 13.72 18.66 6.78
N ASN A 133 14.16 19.89 6.99
CA ASN A 133 13.80 20.99 6.11
C ASN A 133 14.81 20.97 4.97
N MET A 134 14.36 20.47 3.82
CA MET A 134 15.16 20.32 2.61
C MET A 134 14.33 20.81 1.43
N PRO A 135 14.43 22.10 1.11
CA PRO A 135 13.46 22.71 0.17
C PRO A 135 13.35 22.05 -1.19
N VAL A 136 14.46 21.63 -1.79
CA VAL A 136 14.45 20.94 -3.08
C VAL A 136 13.49 19.76 -3.05
N VAL A 137 13.11 19.31 -1.86
CA VAL A 137 12.23 18.14 -1.77
C VAL A 137 10.78 18.51 -2.05
N GLY A 138 10.41 19.77 -1.88
CA GLY A 138 9.05 20.23 -2.08
C GLY A 138 8.18 20.18 -0.84
N SER A 139 8.58 19.42 0.17
CA SER A 139 7.78 19.27 1.36
C SER A 139 8.73 18.98 2.53
N LEU A 140 8.24 19.27 3.74
CA LEU A 140 8.94 18.83 4.94
C LEU A 140 9.21 17.33 4.88
N LEU A 141 10.48 16.95 4.95
CA LEU A 141 10.87 15.55 4.82
C LEU A 141 10.84 14.89 6.20
N GLN A 142 9.98 13.89 6.36
CA GLN A 142 9.84 13.17 7.63
C GLN A 142 10.36 11.73 7.59
N LEU A 143 11.21 11.41 8.56
CA LEU A 143 11.81 10.08 8.71
C LEU A 143 11.42 9.51 10.08
N ALA A 144 10.78 8.33 10.07
CA ALA A 144 10.50 7.59 11.28
C ALA A 144 11.71 6.74 11.64
N VAL A 145 12.21 6.90 12.87
CA VAL A 145 13.38 6.21 13.39
C VAL A 145 12.96 5.29 14.52
N LYS A 146 13.49 4.07 14.49
CA LYS A 146 13.42 3.14 15.60
C LYS A 146 14.81 2.65 15.96
N LEU A 147 15.01 2.39 17.25
CA LEU A 147 16.32 1.97 17.73
C LEU A 147 16.12 1.32 19.09
N ASN A 148 16.83 0.24 19.34
CA ASN A 148 16.83 -0.33 20.67
C ASN A 148 18.20 -0.14 21.31
N ILE A 149 18.20 0.14 22.59
CA ILE A 149 19.43 0.09 23.37
C ILE A 149 19.35 -1.14 24.26
N THR A 150 20.45 -1.89 24.35
CA THR A 150 20.53 -3.04 25.24
C THR A 150 21.47 -2.68 26.39
N ALA A 151 20.97 -2.83 27.61
CA ALA A 151 21.74 -2.50 28.80
C ALA A 151 21.88 -3.73 29.68
N GLU A 152 23.11 -4.14 29.97
CA GLU A 152 23.26 -5.26 30.90
C GLU A 152 23.39 -4.72 32.30
N VAL A 153 22.64 -5.33 33.20
CA VAL A 153 22.55 -4.96 34.60
C VAL A 153 23.16 -6.09 35.42
N LEU A 154 24.08 -5.72 36.31
CA LEU A 154 24.84 -6.62 37.15
C LEU A 154 24.63 -6.23 38.61
N ALA A 155 24.87 -7.19 39.52
CA ALA A 155 24.88 -6.93 40.95
C ALA A 155 26.31 -6.97 41.49
N VAL A 156 26.67 -6.02 42.35
CA VAL A 156 28.02 -5.97 42.92
C VAL A 156 27.97 -5.36 44.33
N LYS A 157 28.85 -5.84 45.21
CA LYS A 157 28.96 -5.34 46.59
C LYS A 157 30.10 -4.32 46.69
N ASP A 158 29.90 -3.29 47.50
CA ASP A 158 30.90 -2.24 47.66
C ASP A 158 31.90 -2.58 48.76
N ASN A 159 32.91 -1.71 48.90
CA ASN A 159 33.96 -1.92 49.90
C ASN A 159 33.42 -1.89 51.32
N GLN A 160 32.23 -1.33 51.51
CA GLN A 160 31.56 -1.31 52.80
C GLN A 160 30.52 -2.42 52.93
N GLY A 161 30.42 -3.33 51.95
CA GLY A 161 29.45 -4.41 51.99
C GLY A 161 28.07 -4.11 51.41
N ARG A 162 27.81 -2.90 50.94
CA ARG A 162 26.52 -2.58 50.36
C ARG A 162 26.41 -3.10 48.93
N ILE A 163 25.27 -3.70 48.62
CA ILE A 163 25.02 -4.28 47.30
C ILE A 163 24.32 -3.25 46.41
N HIS A 164 24.67 -3.23 45.13
CA HIS A 164 24.13 -2.29 44.15
C HIS A 164 23.87 -2.99 42.83
N LEU A 165 22.92 -2.46 42.08
CA LEU A 165 22.74 -2.78 40.66
C LEU A 165 23.53 -1.77 39.85
N VAL A 166 24.34 -2.26 38.91
CA VAL A 166 25.20 -1.41 38.10
C VAL A 166 25.06 -1.76 36.65
N LEU A 167 25.34 -0.78 35.79
CA LEU A 167 25.35 -0.94 34.35
C LEU A 167 26.65 -1.60 33.90
N GLY A 168 26.54 -2.69 33.15
CA GLY A 168 27.69 -3.26 32.48
C GLY A 168 27.77 -2.76 31.05
N ASP A 169 27.75 -3.67 30.09
CA ASP A 169 27.71 -3.29 28.69
C ASP A 169 26.42 -2.53 28.40
N CYS A 170 26.52 -1.46 27.61
CA CYS A 170 25.34 -0.72 27.18
C CYS A 170 25.61 -0.24 25.76
N THR A 171 24.76 -0.65 24.82
CA THR A 171 25.04 -0.36 23.42
C THR A 171 23.79 -0.67 22.61
N HIS A 172 23.70 -0.09 21.41
CA HIS A 172 22.52 -0.33 20.59
C HIS A 172 22.53 -1.73 20.01
N SER A 173 21.37 -2.23 19.77
CA SER A 173 21.21 -3.58 19.27
C SER A 173 21.52 -3.63 17.78
N PRO A 174 22.43 -4.48 17.34
CA PRO A 174 22.68 -4.60 15.90
C PRO A 174 21.39 -4.85 15.14
N GLY A 175 21.22 -4.12 14.03
CA GLY A 175 20.07 -4.35 13.17
C GLY A 175 18.73 -3.88 13.70
N SER A 176 18.71 -3.12 14.80
CA SER A 176 17.45 -2.59 15.31
C SER A 176 17.20 -1.16 14.85
N LEU A 177 18.20 -0.50 14.28
CA LEU A 177 18.00 0.81 13.69
C LEU A 177 17.11 0.71 12.46
N LYS A 178 16.01 1.45 12.46
CA LYS A 178 15.13 1.51 11.32
C LYS A 178 14.88 2.97 10.98
N ILE A 179 15.15 3.34 9.73
CA ILE A 179 14.92 4.69 9.23
C ILE A 179 14.04 4.56 8.00
N SER A 180 12.85 5.15 8.06
CA SER A 180 11.92 5.05 6.94
C SER A 180 11.38 6.43 6.59
N LEU A 181 11.41 6.77 5.30
CA LEU A 181 10.89 8.05 4.82
C LEU A 181 9.37 7.99 4.75
N LEU A 182 8.70 8.94 5.40
CA LEU A 182 7.24 8.92 5.46
C LEU A 182 6.68 9.57 4.21
N ASN A 183 6.16 8.74 3.31
CA ASN A 183 5.64 9.21 2.03
C ASN A 183 4.25 8.63 1.74
N GLY A 184 3.43 8.43 2.78
CA GLY A 184 2.09 7.95 2.52
C GLY A 184 1.96 6.44 2.54
N VAL A 185 1.18 5.91 1.59
CA VAL A 185 1.07 4.47 1.39
C VAL A 185 2.08 3.95 0.36
N THR A 186 2.87 4.83 -0.25
CA THR A 186 3.83 4.44 -1.28
C THR A 186 5.25 4.57 -0.73
N PRO A 187 5.97 3.46 -0.54
CA PRO A 187 7.33 3.57 0.02
C PRO A 187 8.30 4.21 -0.95
N VAL A 188 9.45 4.61 -0.40
CA VAL A 188 10.52 5.26 -1.15
C VAL A 188 11.64 4.27 -1.45
N GLN A 189 12.15 4.31 -2.68
CA GLN A 189 13.17 3.37 -3.13
C GLN A 189 14.20 4.14 -3.96
N SER A 190 15.46 4.15 -3.49
CA SER A 190 16.60 4.79 -4.13
C SER A 190 16.54 6.31 -4.16
N PHE A 191 15.56 6.92 -3.51
CA PHE A 191 15.58 8.36 -3.29
C PHE A 191 16.27 8.66 -1.96
N LEU A 192 17.39 9.40 -2.01
CA LEU A 192 18.08 9.93 -0.83
C LEU A 192 18.70 8.85 0.05
N ASP A 193 19.24 7.79 -0.57
CA ASP A 193 19.90 6.75 0.21
C ASP A 193 21.09 7.31 0.95
N ASN A 194 21.73 8.34 0.40
CA ASN A 194 22.89 8.92 1.06
C ASN A 194 22.52 9.47 2.43
N LEU A 195 21.35 10.12 2.54
CA LEU A 195 20.93 10.67 3.82
C LEU A 195 20.72 9.58 4.85
N THR A 196 20.02 8.51 4.46
CA THR A 196 19.82 7.38 5.36
C THR A 196 21.17 6.78 5.75
N GLY A 197 22.15 6.76 4.84
CA GLY A 197 23.46 6.20 5.16
C GLY A 197 24.20 6.99 6.22
N ILE A 198 24.26 8.32 6.06
CA ILE A 198 24.87 9.14 7.10
C ILE A 198 24.13 8.97 8.43
N LEU A 199 22.79 9.01 8.40
CA LEU A 199 22.04 8.85 9.64
C LEU A 199 22.37 7.53 10.30
N THR A 200 22.40 6.46 9.53
CA THR A 200 22.78 5.16 10.06
C THR A 200 24.14 5.23 10.73
N LYS A 201 25.03 6.09 10.23
CA LYS A 201 26.35 6.16 10.83
C LYS A 201 26.38 6.93 12.14
N VAL A 202 25.53 7.94 12.32
CA VAL A 202 25.68 8.85 13.46
C VAL A 202 24.62 8.60 14.53
N LEU A 203 23.41 8.26 14.13
CA LEU A 203 22.25 8.35 15.02
C LEU A 203 22.31 7.32 16.16
N PRO A 204 22.65 6.05 15.92
CA PRO A 204 22.70 5.09 17.04
C PRO A 204 23.68 5.51 18.11
N GLU A 205 24.84 6.02 17.69
CA GLU A 205 25.88 6.37 18.62
C GLU A 205 25.50 7.56 19.49
N LEU A 206 24.94 8.62 18.89
CA LEU A 206 24.44 9.76 19.67
C LEU A 206 23.40 9.32 20.68
N ILE A 207 22.43 8.53 20.22
CA ILE A 207 21.35 8.11 21.10
C ILE A 207 21.90 7.26 22.25
N GLN A 208 22.85 6.36 21.97
CA GLN A 208 23.30 5.50 23.06
C GLN A 208 24.18 6.27 24.03
N GLY A 209 24.97 7.22 23.51
CA GLY A 209 25.74 8.09 24.37
C GLY A 209 24.89 8.96 25.26
N LYS A 210 23.64 9.23 24.88
CA LYS A 210 22.78 9.89 25.85
C LYS A 210 22.07 8.91 26.77
N VAL A 211 21.60 7.78 26.25
CA VAL A 211 20.72 6.92 27.02
C VAL A 211 21.48 6.11 28.07
N CYS A 212 22.67 5.61 27.73
CA CYS A 212 23.39 4.75 28.67
C CYS A 212 23.77 5.46 29.96
N PRO A 213 24.31 6.68 29.95
CA PRO A 213 24.58 7.38 31.22
C PRO A 213 23.32 7.59 32.04
N LEU A 214 22.23 7.90 31.35
CA LEU A 214 20.97 8.09 32.04
C LEU A 214 20.56 6.81 32.77
N VAL A 215 20.67 5.66 32.09
CA VAL A 215 20.33 4.38 32.72
C VAL A 215 21.20 4.13 33.94
N ASN A 216 22.50 4.40 33.82
CA ASN A 216 23.39 4.18 34.95
C ASN A 216 22.94 4.99 36.17
N GLY A 217 22.71 6.29 35.97
CA GLY A 217 22.25 7.12 37.09
C GLY A 217 20.96 6.62 37.70
N ILE A 218 20.01 6.22 36.84
CA ILE A 218 18.75 5.70 37.34
C ILE A 218 18.99 4.47 38.19
N LEU A 219 19.83 3.56 37.69
CA LEU A 219 20.17 2.37 38.47
C LEU A 219 20.67 2.77 39.85
N SER A 220 21.58 3.74 39.90
CA SER A 220 22.12 4.07 41.21
C SER A 220 21.06 4.68 42.12
N GLY A 221 20.02 5.28 41.56
CA GLY A 221 19.02 5.88 42.41
C GLY A 221 17.77 5.06 42.67
N LEU A 222 17.75 3.78 42.29
CA LEU A 222 16.51 3.03 42.46
C LEU A 222 16.17 2.84 43.93
N ASP A 223 14.88 2.58 44.16
CA ASP A 223 14.39 2.13 45.44
C ASP A 223 15.31 1.08 46.03
N VAL A 224 15.87 1.37 47.21
CA VAL A 224 16.85 0.49 47.83
C VAL A 224 16.27 -0.89 48.10
N THR A 225 14.97 -0.98 48.32
CA THR A 225 14.37 -2.27 48.59
C THR A 225 14.34 -3.13 47.32
N LEU A 226 13.89 -2.54 46.21
CA LEU A 226 13.92 -3.22 44.91
C LEU A 226 15.34 -3.60 44.54
N VAL A 227 16.27 -2.66 44.71
CA VAL A 227 17.68 -2.95 44.46
C VAL A 227 18.09 -4.18 45.22
N HIS A 228 17.79 -4.21 46.52
CA HIS A 228 18.27 -5.30 47.35
C HIS A 228 17.69 -6.63 46.92
N ASN A 229 16.38 -6.68 46.67
CA ASN A 229 15.76 -7.96 46.34
C ASN A 229 16.26 -8.50 45.01
N ILE A 230 16.29 -7.65 43.98
CA ILE A 230 16.79 -8.12 42.69
C ILE A 230 18.26 -8.49 42.78
N ALA A 231 19.07 -7.65 43.45
CA ALA A 231 20.50 -7.91 43.50
C ALA A 231 20.79 -9.21 44.24
N GLU A 232 20.06 -9.49 45.32
CA GLU A 232 20.24 -10.77 45.97
C GLU A 232 19.96 -11.89 44.98
N LEU A 233 18.87 -11.80 44.23
CA LEU A 233 18.60 -12.82 43.23
C LEU A 233 19.75 -12.97 42.25
N LEU A 234 20.24 -11.85 41.71
CA LEU A 234 21.25 -11.94 40.67
C LEU A 234 22.54 -12.54 41.20
N ILE A 235 22.99 -12.08 42.37
CA ILE A 235 24.30 -12.42 42.89
C ILE A 235 24.39 -13.90 43.25
N HIS A 236 23.26 -14.54 43.55
CA HIS A 236 23.20 -15.97 43.82
C HIS A 236 22.83 -16.76 42.58
N GLY A 237 22.82 -16.12 41.41
CA GLY A 237 22.50 -16.81 40.15
C GLY A 237 21.12 -17.41 40.11
N LEU A 238 20.16 -16.81 40.83
CA LEU A 238 18.82 -17.34 40.94
C LEU A 238 17.88 -16.78 39.88
N GLN A 239 17.24 -17.66 39.13
CA GLN A 239 16.30 -17.24 38.11
C GLN A 239 15.02 -16.68 38.72
N PHE A 240 14.54 -15.58 38.15
CA PHE A 240 13.24 -15.02 38.47
C PHE A 240 12.50 -14.45 37.29
N VAL A 241 13.15 -14.10 36.20
CA VAL A 241 12.45 -13.50 35.08
C VAL A 241 11.82 -14.61 34.23
N ILE A 242 10.51 -14.55 34.06
CA ILE A 242 9.80 -15.61 33.35
C ILE A 242 9.90 -15.33 31.86
N LYS A 243 10.41 -16.29 31.10
CA LYS A 243 10.52 -16.18 29.64
C LYS A 243 9.18 -16.51 29.00
N THR B 35 26.22 -20.29 -9.63
CA THR B 35 26.39 -21.01 -8.37
C THR B 35 25.73 -20.23 -7.22
N ASP B 36 24.40 -20.31 -7.16
CA ASP B 36 23.63 -19.45 -6.27
C ASP B 36 23.85 -19.77 -4.79
N LEU B 37 24.91 -20.51 -4.45
N LEU B 37 24.93 -20.52 -4.50
CA LEU B 37 25.33 -20.59 -3.06
CA LEU B 37 25.47 -20.65 -3.14
C LEU B 37 26.33 -19.48 -2.75
C LEU B 37 26.37 -19.47 -2.82
N LEU B 38 25.84 -18.26 -3.00
CA LEU B 38 26.59 -17.04 -2.72
C LEU B 38 27.00 -16.94 -1.26
N ALA B 39 26.14 -17.38 -0.34
CA ALA B 39 26.39 -17.19 1.09
C ALA B 39 27.79 -17.65 1.49
N GLY B 40 28.14 -18.89 1.15
CA GLY B 40 29.45 -19.41 1.51
C GLY B 40 30.58 -18.64 0.84
N LYS B 41 30.44 -18.34 -0.45
CA LYS B 41 31.48 -17.59 -1.14
C LYS B 41 31.71 -16.23 -0.48
N PHE B 42 30.61 -15.60 -0.03
CA PHE B 42 30.69 -14.30 0.60
C PHE B 42 31.38 -14.39 1.96
N THR B 43 30.97 -15.33 2.81
CA THR B 43 31.62 -15.41 4.13
C THR B 43 33.07 -15.83 3.98
N ASP B 44 33.37 -16.71 3.04
CA ASP B 44 34.76 -17.10 2.82
C ASP B 44 35.57 -15.91 2.35
N ALA B 45 35.04 -15.16 1.39
CA ALA B 45 35.76 -13.99 0.88
C ALA B 45 35.97 -12.99 2.00
N LEU B 46 34.94 -12.77 2.80
CA LEU B 46 35.01 -11.80 3.88
C LEU B 46 36.03 -12.22 4.94
N SER B 47 36.01 -13.50 5.34
CA SER B 47 37.02 -14.00 6.27
C SER B 47 38.41 -13.83 5.70
N GLY B 48 38.58 -14.20 4.44
CA GLY B 48 39.89 -14.07 3.81
C GLY B 48 40.37 -12.64 3.83
N GLY B 49 39.50 -11.71 3.40
CA GLY B 49 39.87 -10.31 3.45
C GLY B 49 40.26 -9.89 4.86
N LEU B 50 39.52 -10.37 5.86
CA LEU B 50 39.82 -9.97 7.23
C LEU B 50 41.22 -10.40 7.61
N LEU B 51 41.57 -11.65 7.32
CA LEU B 51 42.89 -12.11 7.70
C LEU B 51 43.99 -11.41 6.89
N SER B 52 43.77 -11.27 5.57
CA SER B 52 44.72 -10.59 4.69
C SER B 52 44.92 -9.13 5.05
N GLY B 53 43.87 -8.45 5.45
CA GLY B 53 43.99 -7.06 5.84
C GLY B 53 44.55 -6.84 7.22
N GLY B 54 45.01 -7.91 7.88
CA GLY B 54 45.69 -7.81 9.14
C GLY B 54 44.84 -7.83 10.38
N LEU B 55 43.71 -8.53 10.37
CA LEU B 55 42.82 -8.56 11.53
C LEU B 55 43.58 -8.95 12.79
N LEU B 56 44.40 -10.01 12.72
CA LEU B 56 45.01 -10.56 13.93
C LEU B 56 46.04 -9.62 14.52
N GLY B 57 46.91 -9.06 13.68
CA GLY B 57 47.86 -8.09 14.16
C GLY B 57 47.18 -6.84 14.68
N ILE B 58 46.12 -6.41 13.99
CA ILE B 58 45.35 -5.25 14.44
C ILE B 58 44.79 -5.50 15.84
N LEU B 59 44.25 -6.69 16.07
CA LEU B 59 43.77 -6.99 17.42
C LEU B 59 44.92 -6.96 18.41
N GLU B 60 46.07 -7.55 18.05
CA GLU B 60 47.20 -7.59 18.99
C GLU B 60 47.71 -6.18 19.34
N ASN B 61 47.50 -5.21 18.47
CA ASN B 61 48.06 -3.87 18.68
C ASN B 61 47.04 -2.87 19.21
N ILE B 62 45.94 -3.34 19.77
CA ILE B 62 45.07 -2.35 20.40
C ILE B 62 45.80 -1.77 21.60
N PRO B 63 45.88 -0.46 21.74
CA PRO B 63 46.58 0.19 22.86
C PRO B 63 45.73 0.16 24.13
N LEU B 64 45.48 -1.05 24.63
CA LEU B 64 44.51 -1.22 25.70
C LEU B 64 44.91 -0.48 26.98
N LEU B 65 46.13 -0.72 27.47
CA LEU B 65 46.46 -0.11 28.76
C LEU B 65 46.67 1.39 28.67
N ASP B 66 46.80 1.94 27.48
CA ASP B 66 46.93 3.38 27.34
C ASP B 66 45.56 4.00 27.33
N VAL B 67 44.62 3.36 26.64
CA VAL B 67 43.22 3.74 26.78
C VAL B 67 42.80 3.66 28.23
N ILE B 68 43.32 2.71 28.98
CA ILE B 68 42.76 2.55 30.31
C ILE B 68 43.40 3.52 31.26
N LYS B 69 44.71 3.67 31.20
CA LYS B 69 45.36 4.64 32.06
C LYS B 69 45.06 6.07 31.65
N SER B 70 44.58 6.27 30.41
CA SER B 70 44.11 7.57 29.98
C SER B 70 42.83 7.98 30.72
N SER B 89 40.07 1.50 40.50
CA SER B 89 40.61 2.71 41.08
C SER B 89 42.12 2.73 40.94
N VAL B 90 42.78 3.53 41.77
CA VAL B 90 44.22 3.80 41.64
C VAL B 90 45.06 2.56 41.89
N PRO B 91 44.74 1.72 42.89
CA PRO B 91 45.63 0.57 43.15
C PRO B 91 45.81 -0.32 41.92
N LEU B 92 44.70 -0.90 41.43
CA LEU B 92 44.62 -1.52 40.11
C LEU B 92 45.63 -0.95 39.13
N LEU B 93 45.46 0.32 38.77
CA LEU B 93 46.31 0.91 37.74
C LEU B 93 47.78 0.93 38.17
N ASN B 94 48.03 1.16 39.46
CA ASN B 94 49.40 1.18 39.95
C ASN B 94 50.06 -0.18 39.88
N ASN B 95 49.29 -1.26 39.77
CA ASN B 95 49.85 -2.60 39.72
C ASN B 95 49.97 -3.21 38.33
N ILE B 96 49.54 -2.53 37.27
CA ILE B 96 49.62 -3.10 35.92
C ILE B 96 50.83 -2.48 35.21
N LEU B 97 51.85 -3.29 34.96
CA LEU B 97 52.97 -2.80 34.16
C LEU B 97 52.57 -2.66 32.68
N ASP B 98 51.97 -3.70 32.12
CA ASP B 98 51.53 -3.65 30.73
C ASP B 98 50.50 -4.76 30.47
N ILE B 99 49.89 -4.69 29.30
CA ILE B 99 48.98 -5.72 28.83
C ILE B 99 49.44 -6.09 27.42
N LYS B 100 49.69 -7.36 27.19
CA LYS B 100 50.03 -7.83 25.87
C LYS B 100 48.88 -8.72 25.38
N ILE B 101 48.45 -8.50 24.14
CA ILE B 101 47.37 -9.25 23.54
C ILE B 101 47.97 -10.33 22.66
N THR B 102 47.59 -11.59 22.93
CA THR B 102 48.09 -12.77 22.20
C THR B 102 46.93 -13.64 21.74
N ASP B 103 47.25 -14.70 20.99
CA ASP B 103 46.27 -15.70 20.58
C ASP B 103 45.01 -15.09 19.97
N PRO B 104 45.15 -14.10 19.07
CA PRO B 104 43.98 -13.56 18.39
C PRO B 104 43.41 -14.58 17.43
N GLN B 105 42.10 -14.69 17.41
CA GLN B 105 41.45 -15.67 16.55
C GLN B 105 40.19 -15.12 15.91
N LEU B 106 40.02 -15.45 14.63
CA LEU B 106 38.79 -15.23 13.91
C LEU B 106 38.07 -16.56 13.75
N LEU B 107 36.88 -16.66 14.31
CA LEU B 107 36.10 -17.88 14.21
C LEU B 107 35.24 -17.84 12.95
N GLU B 108 34.50 -18.92 12.71
CA GLU B 108 33.67 -19.02 11.53
C GLU B 108 32.58 -17.95 11.57
N LEU B 109 32.41 -17.26 10.46
CA LEU B 109 31.45 -16.18 10.42
C LEU B 109 30.03 -16.73 10.39
N GLY B 110 29.10 -15.97 10.97
CA GLY B 110 27.69 -16.25 10.83
C GLY B 110 27.10 -15.29 9.82
N LEU B 111 26.03 -15.73 9.15
CA LEU B 111 25.40 -14.91 8.15
C LEU B 111 23.90 -15.12 8.26
N VAL B 112 23.15 -14.02 8.37
CA VAL B 112 21.70 -14.06 8.41
C VAL B 112 21.18 -13.02 7.42
N GLN B 113 20.11 -13.37 6.70
CA GLN B 113 19.47 -12.43 5.80
C GLN B 113 18.19 -11.92 6.45
N SER B 114 17.94 -10.62 6.34
CA SER B 114 16.76 -10.05 6.94
C SER B 114 15.50 -10.64 6.29
N PRO B 115 14.38 -10.60 7.01
CA PRO B 115 13.15 -11.21 6.47
C PRO B 115 12.70 -10.61 5.15
N ASP B 116 12.92 -9.31 4.95
CA ASP B 116 12.58 -8.69 3.67
C ASP B 116 13.65 -8.92 2.60
N GLY B 117 14.74 -9.59 2.90
CA GLY B 117 15.75 -9.90 1.92
C GLY B 117 16.70 -8.77 1.57
N HIS B 118 16.53 -7.57 2.13
CA HIS B 118 17.35 -6.49 1.63
C HIS B 118 18.69 -6.34 2.34
N ARG B 119 18.93 -7.06 3.44
CA ARG B 119 20.07 -6.78 4.29
C ARG B 119 20.73 -8.09 4.73
N LEU B 120 22.05 -8.03 4.94
CA LEU B 120 22.75 -9.16 5.53
C LEU B 120 23.33 -8.75 6.87
N TYR B 121 23.39 -9.69 7.81
CA TYR B 121 24.03 -9.47 9.10
C TYR B 121 25.12 -10.53 9.22
N VAL B 122 26.37 -10.07 9.24
CA VAL B 122 27.54 -10.94 9.37
C VAL B 122 27.96 -10.89 10.83
N THR B 123 28.08 -12.06 11.44
CA THR B 123 28.59 -12.22 12.80
C THR B 123 30.06 -12.60 12.74
N ILE B 124 30.90 -11.74 13.30
CA ILE B 124 32.34 -11.87 13.27
C ILE B 124 32.77 -12.23 14.68
N PRO B 125 32.92 -13.52 14.96
CA PRO B 125 33.30 -13.91 16.32
C PRO B 125 34.80 -13.87 16.46
N LEU B 126 35.27 -13.15 17.48
CA LEU B 126 36.67 -12.87 17.73
C LEU B 126 37.05 -13.43 19.10
N GLY B 127 38.29 -13.89 19.19
CA GLY B 127 38.85 -14.29 20.45
C GLY B 127 40.25 -13.72 20.58
N LEU B 128 40.67 -13.54 21.83
CA LEU B 128 42.02 -13.07 22.09
C LEU B 128 42.34 -13.30 23.56
N THR B 129 43.63 -13.16 23.92
CA THR B 129 44.10 -13.34 25.28
C THR B 129 44.78 -12.07 25.77
N LEU B 130 44.37 -11.61 26.95
CA LEU B 130 44.99 -10.50 27.64
C LEU B 130 46.02 -11.01 28.65
N ASN B 131 47.22 -10.49 28.56
CA ASN B 131 48.32 -10.85 29.45
C ASN B 131 48.58 -9.59 30.27
N VAL B 132 48.11 -9.59 31.50
CA VAL B 132 48.18 -8.45 32.38
C VAL B 132 49.37 -8.69 33.29
N ASN B 133 50.39 -7.86 33.15
CA ASN B 133 51.63 -7.96 33.93
C ASN B 133 51.43 -7.15 35.20
N MET B 134 51.43 -7.83 36.35
CA MET B 134 51.35 -7.20 37.67
C MET B 134 52.53 -7.71 38.49
N PRO B 135 53.68 -7.02 38.42
CA PRO B 135 54.89 -7.58 39.06
C PRO B 135 54.79 -7.72 40.56
N VAL B 136 54.31 -6.68 41.25
CA VAL B 136 54.07 -6.74 42.69
C VAL B 136 53.16 -7.92 42.99
N VAL B 137 51.85 -7.73 42.76
CA VAL B 137 50.79 -8.69 43.07
C VAL B 137 51.32 -10.11 42.96
N GLY B 138 51.96 -10.45 41.85
CA GLY B 138 52.38 -11.82 41.68
C GLY B 138 53.02 -12.15 40.35
N SER B 139 52.20 -12.37 39.32
CA SER B 139 52.74 -12.81 38.03
C SER B 139 51.95 -12.32 36.82
N LEU B 140 51.89 -13.14 35.78
CA LEU B 140 51.11 -12.87 34.57
C LEU B 140 49.67 -13.36 34.70
N LEU B 141 48.74 -12.42 34.63
CA LEU B 141 47.31 -12.72 34.68
C LEU B 141 46.83 -12.92 33.24
N GLN B 142 46.28 -14.10 32.95
CA GLN B 142 45.75 -14.38 31.62
C GLN B 142 44.23 -14.38 31.60
N LEU B 143 43.67 -13.57 30.69
CA LEU B 143 42.23 -13.45 30.51
C LEU B 143 41.89 -13.87 29.08
N ALA B 144 41.03 -14.88 28.95
CA ALA B 144 40.48 -15.26 27.66
C ALA B 144 39.27 -14.38 27.36
N VAL B 145 39.30 -13.71 26.21
CA VAL B 145 38.25 -12.81 25.77
C VAL B 145 37.60 -13.38 24.52
N LYS B 146 36.28 -13.34 24.49
CA LYS B 146 35.53 -13.57 23.27
C LYS B 146 34.53 -12.44 23.07
N LEU B 147 34.27 -12.13 21.80
CA LEU B 147 33.42 -10.99 21.45
C LEU B 147 32.94 -11.16 20.02
N ASN B 148 31.68 -10.81 19.77
CA ASN B 148 31.17 -10.81 18.40
C ASN B 148 30.97 -9.39 17.93
N ILE B 149 31.28 -9.14 16.67
CA ILE B 149 30.90 -7.90 16.01
C ILE B 149 29.81 -8.27 15.01
N THR B 150 28.75 -7.47 14.93
CA THR B 150 27.72 -7.68 13.94
C THR B 150 27.82 -6.56 12.91
N ALA B 151 27.96 -6.93 11.64
CA ALA B 151 28.11 -5.98 10.55
C ALA B 151 26.90 -6.09 9.64
N GLU B 152 26.24 -4.97 9.42
CA GLU B 152 25.13 -4.90 8.51
C GLU B 152 25.66 -4.58 7.14
N VAL B 153 25.27 -5.37 6.15
CA VAL B 153 25.68 -5.18 4.76
C VAL B 153 24.43 -4.86 3.96
N LEU B 154 24.52 -3.80 3.17
CA LEU B 154 23.43 -3.25 2.36
C LEU B 154 23.86 -3.17 0.91
N ALA B 155 22.90 -3.15 0.00
CA ALA B 155 23.15 -2.88 -1.40
C ALA B 155 22.64 -1.49 -1.74
N VAL B 156 23.43 -0.73 -2.48
CA VAL B 156 23.02 0.64 -2.78
C VAL B 156 23.54 1.03 -4.16
N LYS B 157 22.75 1.82 -4.87
CA LYS B 157 23.11 2.32 -6.18
C LYS B 157 23.72 3.70 -6.02
N ASP B 158 24.78 3.95 -6.76
CA ASP B 158 25.40 5.28 -6.67
C ASP B 158 24.74 6.22 -7.67
N ASN B 159 25.16 7.50 -7.61
CA ASN B 159 24.58 8.51 -8.49
C ASN B 159 24.83 8.21 -9.97
N GLN B 160 25.79 7.33 -10.28
CA GLN B 160 26.05 6.90 -11.64
C GLN B 160 25.37 5.57 -11.99
N GLY B 161 24.56 5.01 -11.09
CA GLY B 161 23.82 3.78 -11.32
C GLY B 161 24.50 2.47 -10.98
N ARG B 162 25.74 2.49 -10.53
CA ARG B 162 26.43 1.26 -10.17
C ARG B 162 25.97 0.73 -8.80
N ILE B 163 25.82 -0.60 -8.69
CA ILE B 163 25.39 -1.27 -7.47
C ILE B 163 26.62 -1.61 -6.65
N HIS B 164 26.54 -1.41 -5.33
CA HIS B 164 27.64 -1.66 -4.40
C HIS B 164 27.12 -2.33 -3.14
N LEU B 165 27.98 -3.10 -2.48
CA LEU B 165 27.75 -3.53 -1.11
C LEU B 165 28.45 -2.59 -0.14
N VAL B 166 27.70 -2.09 0.83
CA VAL B 166 28.21 -1.13 1.79
C VAL B 166 27.90 -1.57 3.22
N LEU B 167 28.75 -1.13 4.13
CA LEU B 167 28.55 -1.40 5.52
C LEU B 167 27.48 -0.46 6.06
N GLY B 168 26.46 -1.02 6.67
CA GLY B 168 25.47 -0.21 7.34
C GLY B 168 25.83 -0.07 8.80
N ASP B 169 24.96 -0.52 9.68
CA ASP B 169 25.27 -0.56 11.10
C ASP B 169 26.39 -1.56 11.35
N CYS B 170 27.31 -1.23 12.26
CA CYS B 170 28.36 -2.17 12.63
C CYS B 170 28.67 -1.96 14.11
N THR B 171 28.56 -3.01 14.91
CA THR B 171 28.73 -2.76 16.34
C THR B 171 28.84 -4.10 17.05
N HIS B 172 29.42 -4.08 18.25
CA HIS B 172 29.55 -5.34 18.97
C HIS B 172 28.19 -5.79 19.47
N SER B 173 28.03 -7.11 19.55
CA SER B 173 26.76 -7.71 19.97
C SER B 173 26.62 -7.56 21.48
N PRO B 174 25.55 -6.95 21.97
CA PRO B 174 25.37 -6.86 23.42
C PRO B 174 25.40 -8.24 24.06
N GLY B 175 26.08 -8.34 25.20
CA GLY B 175 26.12 -9.61 25.92
C GLY B 175 26.98 -10.69 25.30
N SER B 176 27.77 -10.38 24.28
CA SER B 176 28.66 -11.38 23.71
C SER B 176 30.08 -11.29 24.25
N LEU B 177 30.41 -10.24 24.98
CA LEU B 177 31.70 -10.16 25.62
C LEU B 177 31.80 -11.24 26.71
N LYS B 178 32.84 -12.05 26.64
CA LYS B 178 33.10 -13.08 27.64
C LYS B 178 34.55 -12.96 28.09
N ILE B 179 34.75 -12.83 29.40
CA ILE B 179 36.08 -12.73 30.00
C ILE B 179 36.21 -13.85 31.01
N SER B 180 37.21 -14.72 30.80
CA SER B 180 37.38 -15.90 31.60
C SER B 180 38.82 -15.99 32.09
N LEU B 181 39.00 -16.30 33.37
CA LEU B 181 40.35 -16.42 33.95
C LEU B 181 40.99 -17.75 33.59
N LEU B 182 42.15 -17.69 32.95
CA LEU B 182 42.88 -18.87 32.50
C LEU B 182 43.92 -19.31 33.53
N ASN B 183 44.70 -20.32 33.16
CA ASN B 183 45.78 -20.88 33.96
C ASN B 183 45.50 -20.84 35.45
N GLY B 184 44.79 -21.85 35.96
CA GLY B 184 44.50 -21.94 37.37
C GLY B 184 43.15 -21.35 37.71
N VAL B 185 43.17 -20.09 38.13
CA VAL B 185 42.00 -19.29 38.50
C VAL B 185 42.20 -18.80 39.93
N THR B 186 41.18 -19.00 40.78
CA THR B 186 41.09 -18.60 42.18
C THR B 186 39.73 -17.95 42.41
N PRO B 187 39.40 -17.55 43.64
CA PRO B 187 38.11 -16.88 43.87
C PRO B 187 38.08 -15.50 43.21
N VAL B 188 37.41 -14.52 43.81
CA VAL B 188 37.35 -13.19 43.22
C VAL B 188 38.36 -12.30 43.93
N GLN B 189 39.26 -11.70 43.15
CA GLN B 189 40.27 -10.80 43.64
C GLN B 189 39.74 -9.41 43.31
N SER B 190 39.60 -8.54 44.32
CA SER B 190 39.11 -7.19 44.06
C SER B 190 39.75 -6.57 42.81
N PHE B 191 40.99 -6.99 42.51
CA PHE B 191 41.64 -6.42 41.34
C PHE B 191 41.12 -7.03 40.05
N LEU B 192 40.89 -8.33 40.02
CA LEU B 192 40.29 -8.90 38.82
C LEU B 192 38.86 -8.41 38.62
N ASP B 193 38.13 -8.11 39.71
CA ASP B 193 36.79 -7.57 39.51
C ASP B 193 36.85 -6.16 38.94
N ASN B 194 37.74 -5.32 39.47
CA ASN B 194 37.84 -3.97 38.92
C ASN B 194 38.31 -4.01 37.48
N LEU B 195 39.25 -4.90 37.17
CA LEU B 195 39.74 -5.01 35.79
C LEU B 195 38.65 -5.48 34.85
N THR B 196 37.91 -6.52 35.22
CA THR B 196 36.83 -6.98 34.37
C THR B 196 35.80 -5.89 34.15
N GLY B 197 35.57 -5.05 35.17
CA GLY B 197 34.65 -3.94 34.99
C GLY B 197 35.16 -2.94 33.97
N ILE B 198 36.42 -2.52 34.12
CA ILE B 198 37.00 -1.60 33.14
C ILE B 198 36.95 -2.21 31.76
N LEU B 199 37.33 -3.48 31.64
CA LEU B 199 37.35 -4.16 30.35
C LEU B 199 35.97 -4.20 29.73
N THR B 200 34.95 -4.50 30.52
CA THR B 200 33.58 -4.45 30.04
C THR B 200 33.25 -3.07 29.49
N LYS B 201 33.76 -2.04 30.14
CA LYS B 201 33.41 -0.72 29.65
C LYS B 201 34.17 -0.34 28.37
N VAL B 202 35.38 -0.87 28.18
CA VAL B 202 36.32 -0.33 27.19
C VAL B 202 36.53 -1.26 25.99
N LEU B 203 36.62 -2.55 26.21
CA LEU B 203 37.19 -3.44 25.20
C LEU B 203 36.32 -3.59 23.95
N PRO B 204 35.01 -3.77 24.08
CA PRO B 204 34.18 -3.89 22.87
C PRO B 204 34.30 -2.70 21.94
N GLU B 205 34.35 -1.49 22.51
CA GLU B 205 34.43 -0.31 21.68
C GLU B 205 35.78 -0.23 20.97
N LEU B 206 36.89 -0.53 21.66
CA LEU B 206 38.16 -0.57 20.95
C LEU B 206 38.14 -1.58 19.81
N ILE B 207 37.71 -2.79 20.11
CA ILE B 207 37.73 -3.79 19.07
C ILE B 207 36.85 -3.37 17.90
N GLN B 208 35.64 -2.87 18.19
CA GLN B 208 34.74 -2.61 17.09
C GLN B 208 35.19 -1.41 16.29
N GLY B 209 35.78 -0.40 16.95
CA GLY B 209 36.35 0.73 16.23
C GLY B 209 37.50 0.36 15.33
N LYS B 210 38.20 -0.73 15.63
CA LYS B 210 39.15 -1.17 14.62
C LYS B 210 38.49 -2.07 13.57
N VAL B 211 37.58 -2.94 14.00
CA VAL B 211 37.09 -4.01 13.14
C VAL B 211 36.11 -3.50 12.09
N CYS B 212 35.26 -2.55 12.44
CA CYS B 212 34.24 -2.10 11.49
C CYS B 212 34.84 -1.42 10.25
N PRO B 213 35.75 -0.46 10.37
CA PRO B 213 36.40 0.09 9.15
C PRO B 213 37.13 -0.98 8.34
N LEU B 214 37.75 -1.94 9.00
CA LEU B 214 38.36 -3.04 8.27
C LEU B 214 37.34 -3.77 7.40
N VAL B 215 36.18 -4.12 7.98
CA VAL B 215 35.13 -4.78 7.20
C VAL B 215 34.66 -3.87 6.06
N ASN B 216 34.52 -2.59 6.33
CA ASN B 216 34.11 -1.68 5.26
C ASN B 216 35.07 -1.78 4.07
N GLY B 217 36.38 -1.67 4.36
CA GLY B 217 37.37 -1.79 3.31
C GLY B 217 37.31 -3.14 2.60
N ILE B 218 37.17 -4.22 3.38
CA ILE B 218 37.08 -5.54 2.78
C ILE B 218 35.94 -5.59 1.78
N LEU B 219 34.78 -5.08 2.18
CA LEU B 219 33.65 -5.02 1.27
C LEU B 219 34.03 -4.31 -0.01
N SER B 220 34.64 -3.13 0.11
CA SER B 220 34.93 -2.39 -1.12
C SER B 220 35.94 -3.12 -2.01
N GLY B 221 36.72 -4.05 -1.47
CA GLY B 221 37.69 -4.73 -2.30
C GLY B 221 37.32 -6.12 -2.76
N LEU B 222 36.09 -6.57 -2.54
CA LEU B 222 35.75 -7.94 -2.91
C LEU B 222 35.67 -8.14 -4.43
N ASP B 223 35.76 -9.42 -4.83
CA ASP B 223 35.47 -9.83 -6.18
C ASP B 223 34.25 -9.09 -6.70
N VAL B 224 34.46 -8.31 -7.76
CA VAL B 224 33.40 -7.47 -8.29
C VAL B 224 32.21 -8.31 -8.76
N THR B 225 32.44 -9.54 -9.19
CA THR B 225 31.33 -10.30 -9.75
C THR B 225 30.47 -10.86 -8.59
N LEU B 226 31.12 -11.39 -7.55
CA LEU B 226 30.41 -11.77 -6.31
C LEU B 226 29.66 -10.58 -5.74
N VAL B 227 30.32 -9.43 -5.63
CA VAL B 227 29.61 -8.25 -5.16
C VAL B 227 28.35 -8.03 -5.97
N HIS B 228 28.48 -8.04 -7.30
CA HIS B 228 27.34 -7.73 -8.16
C HIS B 228 26.22 -8.73 -7.93
N ASN B 229 26.55 -10.01 -7.82
CA ASN B 229 25.52 -11.01 -7.64
C ASN B 229 24.80 -10.80 -6.31
N ILE B 230 25.58 -10.59 -5.24
CA ILE B 230 24.97 -10.42 -3.92
C ILE B 230 24.09 -9.18 -3.92
N ALA B 231 24.61 -8.08 -4.49
CA ALA B 231 23.89 -6.82 -4.48
C ALA B 231 22.59 -6.90 -5.26
N GLU B 232 22.62 -7.56 -6.42
CA GLU B 232 21.39 -7.76 -7.17
C GLU B 232 20.37 -8.51 -6.34
N LEU B 233 20.80 -9.58 -5.65
CA LEU B 233 19.85 -10.29 -4.81
C LEU B 233 19.27 -9.38 -3.72
N LEU B 234 20.14 -8.65 -3.01
CA LEU B 234 19.66 -7.86 -1.89
C LEU B 234 18.71 -6.76 -2.34
N ILE B 235 19.05 -6.09 -3.43
CA ILE B 235 18.31 -4.93 -3.85
C ILE B 235 16.91 -5.35 -4.27
N HIS B 236 16.75 -6.60 -4.72
CA HIS B 236 15.44 -7.15 -5.04
C HIS B 236 14.81 -7.94 -3.90
N GLY B 237 15.42 -7.94 -2.71
CA GLY B 237 14.83 -8.65 -1.58
C GLY B 237 14.67 -10.15 -1.81
N LEU B 238 15.56 -10.74 -2.58
CA LEU B 238 15.47 -12.16 -2.90
C LEU B 238 16.23 -12.95 -1.86
N GLN B 239 15.55 -13.88 -1.22
CA GLN B 239 16.19 -14.73 -0.24
C GLN B 239 17.20 -15.63 -0.92
N PHE B 240 18.36 -15.79 -0.28
CA PHE B 240 19.34 -16.75 -0.76
C PHE B 240 20.12 -17.36 0.39
N VAL B 241 20.16 -16.71 1.54
CA VAL B 241 20.92 -17.24 2.67
C VAL B 241 20.06 -18.27 3.39
N ILE B 242 20.56 -19.50 3.47
CA ILE B 242 19.80 -20.61 4.05
C ILE B 242 19.98 -20.57 5.57
N LYS B 243 18.86 -20.56 6.28
CA LYS B 243 18.91 -20.50 7.73
C LYS B 243 19.25 -21.87 8.31
N VAL B 244 20.26 -21.91 9.17
CA VAL B 244 20.75 -23.15 9.76
C VAL B 244 19.92 -23.52 11.00
N THR C 35 -2.23 2.76 -58.05
CA THR C 35 -3.09 2.21 -57.00
C THR C 35 -3.10 3.13 -55.78
N ASP C 36 -4.25 3.15 -55.09
CA ASP C 36 -4.51 4.09 -54.01
C ASP C 36 -3.97 3.64 -52.67
N LEU C 37 -3.06 2.66 -52.66
CA LEU C 37 -2.14 2.50 -51.54
C LEU C 37 -1.18 3.70 -51.47
N LEU C 38 -1.67 4.87 -51.90
CA LEU C 38 -1.00 6.14 -51.65
C LEU C 38 -0.65 6.33 -50.19
N ALA C 39 -1.57 5.93 -49.31
CA ALA C 39 -1.37 6.09 -47.88
C ALA C 39 -0.03 5.53 -47.42
N GLY C 40 0.26 4.29 -47.81
CA GLY C 40 1.52 3.69 -47.44
C GLY C 40 2.72 4.45 -48.01
N LYS C 41 2.63 4.83 -49.29
CA LYS C 41 3.73 5.57 -49.89
C LYS C 41 3.99 6.86 -49.14
N PHE C 42 2.91 7.52 -48.74
CA PHE C 42 2.99 8.80 -48.07
C PHE C 42 3.63 8.65 -46.70
N THR C 43 3.19 7.69 -45.91
CA THR C 43 3.79 7.54 -44.59
C THR C 43 5.24 7.05 -44.69
N ASP C 44 5.54 6.19 -45.67
CA ASP C 44 6.93 5.78 -45.88
C ASP C 44 7.80 6.98 -46.20
N ALA C 45 7.33 7.81 -47.14
CA ALA C 45 8.11 8.98 -47.51
C ALA C 45 8.30 9.90 -46.30
N LEU C 46 7.24 10.11 -45.52
CA LEU C 46 7.36 11.00 -44.37
C LEU C 46 8.36 10.45 -43.36
N SER C 47 8.26 9.17 -43.04
CA SER C 47 9.22 8.60 -42.09
C SER C 47 10.64 8.79 -42.59
N GLY C 48 10.87 8.51 -43.87
CA GLY C 48 12.19 8.72 -44.43
C GLY C 48 12.64 10.15 -44.27
N GLY C 49 11.78 11.10 -44.66
CA GLY C 49 12.17 12.49 -44.54
C GLY C 49 12.57 12.83 -43.12
N LEU C 50 11.80 12.35 -42.14
CA LEU C 50 12.09 12.65 -40.74
C LEU C 50 13.45 12.11 -40.33
N LEU C 51 13.73 10.85 -40.66
CA LEU C 51 15.00 10.26 -40.23
C LEU C 51 16.17 10.90 -40.97
N SER C 52 16.05 11.08 -42.29
CA SER C 52 17.10 11.71 -43.08
C SER C 52 17.34 13.15 -42.66
N GLY C 53 16.29 13.87 -42.31
CA GLY C 53 16.47 15.25 -41.89
C GLY C 53 16.99 15.43 -40.49
N GLY C 54 17.37 14.36 -39.82
CA GLY C 54 18.02 14.51 -38.53
C GLY C 54 17.10 14.65 -37.34
N LEU C 55 15.90 14.07 -37.40
CA LEU C 55 14.97 14.14 -36.27
C LEU C 55 15.63 13.70 -34.95
N LEU C 56 16.35 12.57 -34.97
CA LEU C 56 16.85 12.00 -33.72
C LEU C 56 17.90 12.89 -33.07
N GLY C 57 18.85 13.38 -33.86
CA GLY C 57 19.80 14.33 -33.32
C GLY C 57 19.15 15.63 -32.90
N ILE C 58 18.17 16.09 -33.69
CA ILE C 58 17.44 17.31 -33.34
C ILE C 58 16.85 17.18 -31.95
N LEU C 59 16.23 16.03 -31.68
CA LEU C 59 15.69 15.78 -30.35
C LEU C 59 16.79 15.77 -29.29
N GLU C 60 17.88 15.03 -29.53
CA GLU C 60 18.94 14.98 -28.52
C GLU C 60 19.55 16.34 -28.27
N ASN C 61 19.43 17.26 -29.23
CA ASN C 61 20.07 18.57 -29.17
C ASN C 61 19.10 19.69 -28.78
N ILE C 62 17.94 19.36 -28.24
CA ILE C 62 17.04 20.42 -27.74
C ILE C 62 17.62 21.06 -26.49
N PRO C 63 17.63 22.40 -26.36
CA PRO C 63 18.17 23.08 -25.17
C PRO C 63 17.22 23.02 -23.97
N LEU C 64 16.93 21.80 -23.50
CA LEU C 64 15.90 21.63 -22.49
C LEU C 64 16.29 22.37 -21.20
N LEU C 65 17.48 22.06 -20.68
CA LEU C 65 18.01 22.75 -19.48
C LEU C 65 18.58 24.11 -19.89
N ASP C 66 17.87 24.89 -20.68
CA ASP C 66 18.29 26.27 -20.93
C ASP C 66 17.01 27.05 -20.84
N VAL C 67 15.98 26.48 -21.44
CA VAL C 67 14.62 26.90 -21.17
C VAL C 67 14.51 26.71 -19.66
N ILE C 68 14.83 27.77 -18.92
CA ILE C 68 14.98 27.71 -17.47
C ILE C 68 14.85 29.11 -16.89
N PRO C 91 11.46 25.84 -7.76
CA PRO C 91 12.63 26.71 -8.00
C PRO C 91 13.90 26.11 -7.41
N LEU C 92 13.98 26.08 -6.07
CA LEU C 92 14.94 25.26 -5.32
C LEU C 92 15.49 24.13 -6.18
N LEU C 93 14.57 23.29 -6.68
CA LEU C 93 14.90 22.09 -7.45
C LEU C 93 15.71 22.38 -8.72
N ASN C 94 15.56 23.58 -9.31
CA ASN C 94 16.25 23.87 -10.56
C ASN C 94 17.77 23.87 -10.49
N ASN C 95 18.35 23.35 -9.43
CA ASN C 95 19.81 23.21 -9.39
C ASN C 95 20.13 21.79 -9.87
N ILE C 96 19.88 21.64 -11.18
CA ILE C 96 19.99 20.37 -11.89
C ILE C 96 21.30 20.20 -12.67
N LEU C 97 22.11 21.24 -12.80
CA LEU C 97 23.43 21.02 -13.38
C LEU C 97 23.36 20.66 -14.86
N ASP C 98 22.71 19.55 -15.23
CA ASP C 98 22.56 19.21 -16.64
C ASP C 98 21.51 18.12 -16.86
N ILE C 99 21.10 18.00 -18.13
CA ILE C 99 20.18 16.98 -18.62
C ILE C 99 20.67 16.48 -19.97
N LYS C 100 20.81 15.17 -20.12
CA LYS C 100 21.18 14.59 -21.40
C LYS C 100 20.00 13.83 -21.99
N ILE C 101 19.70 14.07 -23.26
CA ILE C 101 18.61 13.35 -23.93
C ILE C 101 19.22 12.27 -24.80
N THR C 102 18.84 11.03 -24.55
CA THR C 102 19.39 9.88 -25.25
C THR C 102 18.26 9.01 -25.81
N ASP C 103 18.64 8.00 -26.57
CA ASP C 103 17.72 7.01 -27.10
C ASP C 103 16.54 7.64 -27.86
N PRO C 104 16.80 8.55 -28.79
CA PRO C 104 15.70 9.08 -29.60
C PRO C 104 15.10 7.99 -30.47
N GLN C 105 13.76 8.02 -30.59
CA GLN C 105 13.07 7.05 -31.41
C GLN C 105 11.97 7.71 -32.22
N LEU C 106 11.87 7.27 -33.46
CA LEU C 106 10.71 7.54 -34.30
C LEU C 106 9.91 6.25 -34.41
N LEU C 107 8.65 6.28 -33.98
CA LEU C 107 7.81 5.10 -34.12
C LEU C 107 7.05 5.16 -35.44
N GLU C 108 6.33 4.08 -35.76
CA GLU C 108 5.60 4.03 -37.02
C GLU C 108 4.53 5.12 -37.08
N LEU C 109 4.42 5.77 -38.23
CA LEU C 109 3.46 6.83 -38.40
C LEU C 109 2.03 6.31 -38.50
N GLY C 110 1.10 7.09 -37.98
CA GLY C 110 -0.33 6.87 -38.20
C GLY C 110 -0.87 7.86 -39.22
N LEU C 111 -1.93 7.45 -39.91
CA LEU C 111 -2.54 8.31 -40.92
C LEU C 111 -4.06 8.11 -40.92
N VAL C 112 -4.80 9.22 -40.82
CA VAL C 112 -6.27 9.22 -40.85
C VAL C 112 -6.72 10.26 -41.85
N GLN C 113 -7.79 9.95 -42.59
CA GLN C 113 -8.41 10.91 -43.49
C GLN C 113 -9.69 11.44 -42.85
N SER C 114 -9.92 12.75 -42.97
CA SER C 114 -11.11 13.37 -42.41
C SER C 114 -12.37 12.82 -43.09
N PRO C 115 -13.52 12.90 -42.41
CA PRO C 115 -14.75 12.35 -43.00
C PRO C 115 -15.14 12.97 -44.32
N ASP C 116 -14.91 14.26 -44.49
CA ASP C 116 -15.19 14.92 -45.76
C ASP C 116 -14.12 14.68 -46.81
N GLY C 117 -13.04 13.96 -46.48
CA GLY C 117 -12.03 13.59 -47.43
C GLY C 117 -11.02 14.65 -47.78
N HIS C 118 -11.12 15.87 -47.25
CA HIS C 118 -10.28 16.98 -47.72
C HIS C 118 -8.97 17.12 -46.97
N ARG C 119 -8.77 16.39 -45.88
CA ARG C 119 -7.64 16.62 -44.98
C ARG C 119 -7.07 15.29 -44.51
N LEU C 120 -5.77 15.28 -44.20
CA LEU C 120 -5.11 14.13 -43.59
C LEU C 120 -4.54 14.51 -42.22
N TYR C 121 -4.52 13.57 -41.30
CA TYR C 121 -3.92 13.75 -40.00
C TYR C 121 -2.86 12.67 -39.79
N VAL C 122 -1.61 13.10 -39.67
CA VAL C 122 -0.46 12.23 -39.48
C VAL C 122 -0.10 12.21 -38.00
N THR C 123 0.02 11.03 -37.44
CA THR C 123 0.48 10.84 -36.06
C THR C 123 1.94 10.44 -36.06
N ILE C 124 2.77 11.25 -35.41
CA ILE C 124 4.22 11.11 -35.35
C ILE C 124 4.63 10.75 -33.94
N PRO C 125 4.79 9.48 -33.62
CA PRO C 125 5.09 9.09 -32.24
C PRO C 125 6.58 9.07 -31.93
N LEU C 126 6.98 9.76 -30.86
CA LEU C 126 8.39 9.92 -30.51
C LEU C 126 8.65 9.43 -29.09
N GLY C 127 9.83 8.87 -28.90
CA GLY C 127 10.29 8.52 -27.57
C GLY C 127 11.70 9.01 -27.36
N LEU C 128 12.04 9.21 -26.09
CA LEU C 128 13.40 9.62 -25.71
C LEU C 128 13.57 9.45 -24.21
N THR C 129 14.82 9.50 -23.76
CA THR C 129 15.15 9.38 -22.34
C THR C 129 15.83 10.64 -21.87
N LEU C 130 15.39 11.13 -20.72
CA LEU C 130 16.02 12.22 -20.01
C LEU C 130 16.92 11.66 -18.92
N ASN C 131 18.15 12.18 -18.85
CA ASN C 131 19.15 11.86 -17.82
C ASN C 131 19.37 13.16 -17.07
N VAL C 132 18.79 13.25 -15.86
CA VAL C 132 18.78 14.47 -15.07
C VAL C 132 19.83 14.33 -13.96
N ASN C 133 20.87 15.17 -13.98
CA ASN C 133 21.89 15.12 -12.95
C ASN C 133 21.50 15.99 -11.76
N MET C 134 21.12 15.36 -10.65
CA MET C 134 20.86 16.05 -9.39
C MET C 134 21.67 15.35 -8.31
N PRO C 135 22.93 15.74 -8.10
CA PRO C 135 23.75 14.98 -7.14
C PRO C 135 23.19 15.03 -5.73
N VAL C 136 22.60 16.17 -5.35
CA VAL C 136 22.00 16.36 -4.02
C VAL C 136 21.08 15.21 -3.64
N VAL C 137 20.40 14.59 -4.61
CA VAL C 137 19.46 13.50 -4.31
C VAL C 137 20.13 12.12 -4.34
N GLY C 138 21.41 12.05 -4.73
CA GLY C 138 22.13 10.80 -4.78
C GLY C 138 21.69 9.84 -5.85
N SER C 139 20.51 10.05 -6.44
CA SER C 139 19.97 9.12 -7.42
C SER C 139 20.41 9.50 -8.84
N LEU C 140 20.49 8.50 -9.70
CA LEU C 140 20.60 8.73 -11.14
C LEU C 140 19.15 8.80 -11.64
N LEU C 141 18.72 9.96 -12.11
CA LEU C 141 17.34 10.13 -12.53
C LEU C 141 17.25 9.94 -14.03
N GLN C 142 16.66 8.81 -14.44
CA GLN C 142 16.34 8.51 -15.83
C GLN C 142 14.84 8.52 -16.02
N LEU C 143 14.39 9.29 -17.01
CA LEU C 143 12.99 9.50 -17.30
C LEU C 143 12.73 9.04 -18.73
N ALA C 144 11.80 8.11 -18.89
CA ALA C 144 11.33 7.75 -20.22
C ALA C 144 10.23 8.72 -20.62
N VAL C 145 10.40 9.35 -21.78
CA VAL C 145 9.48 10.32 -22.35
C VAL C 145 8.88 9.73 -23.62
N LYS C 146 7.55 9.85 -23.74
CA LYS C 146 6.81 9.52 -24.95
C LYS C 146 5.95 10.72 -25.33
N LEU C 147 5.76 10.94 -26.64
CA LEU C 147 4.99 12.09 -27.11
C LEU C 147 4.57 11.89 -28.57
N ASN C 148 3.34 12.27 -28.91
CA ASN C 148 2.89 12.26 -30.30
C ASN C 148 2.76 13.68 -30.83
N ILE C 149 3.12 13.87 -32.09
CA ILE C 149 2.84 15.10 -32.81
C ILE C 149 1.78 14.79 -33.86
N THR C 150 0.79 15.66 -34.01
CA THR C 150 -0.22 15.54 -35.05
C THR C 150 -0.03 16.61 -36.09
N ALA C 151 0.07 16.19 -37.34
CA ALA C 151 0.28 17.12 -38.44
C ALA C 151 -0.92 17.06 -39.35
N GLU C 152 -1.51 18.22 -39.58
CA GLU C 152 -2.63 18.35 -40.50
C GLU C 152 -2.08 18.70 -41.87
N VAL C 153 -2.50 17.93 -42.87
CA VAL C 153 -2.08 18.14 -44.25
C VAL C 153 -3.31 18.44 -45.08
N LEU C 154 -3.22 19.50 -45.88
CA LEU C 154 -4.29 20.01 -46.72
C LEU C 154 -3.78 20.11 -48.15
N ALA C 155 -4.71 20.16 -49.09
CA ALA C 155 -4.43 20.45 -50.50
C ALA C 155 -4.93 21.83 -50.88
N VAL C 156 -4.13 22.56 -51.65
CA VAL C 156 -4.49 23.92 -52.08
C VAL C 156 -3.90 24.18 -53.45
N LYS C 157 -4.62 24.95 -54.28
CA LYS C 157 -4.15 25.36 -55.59
C LYS C 157 -3.64 26.80 -55.55
N ASP C 158 -2.51 27.05 -56.23
CA ASP C 158 -1.93 28.37 -56.28
C ASP C 158 -2.49 29.16 -57.47
N ASN C 159 -2.05 30.42 -57.59
CA ASN C 159 -2.52 31.30 -58.66
C ASN C 159 -2.15 30.77 -60.05
N GLN C 160 -1.21 29.82 -60.13
CA GLN C 160 -0.85 29.21 -61.40
C GLN C 160 -1.56 27.90 -61.64
N GLY C 161 -2.47 27.48 -60.74
CA GLY C 161 -3.25 26.27 -60.89
C GLY C 161 -2.60 24.99 -60.40
N ARG C 162 -1.36 25.02 -59.94
CA ARG C 162 -0.72 23.81 -59.45
C ARG C 162 -1.20 23.46 -58.04
N ILE C 163 -1.44 22.18 -57.81
CA ILE C 163 -1.96 21.68 -56.53
C ILE C 163 -0.78 21.35 -55.63
N HIS C 164 -0.92 21.66 -54.35
CA HIS C 164 0.15 21.42 -53.41
C HIS C 164 -0.41 20.84 -52.13
N LEU C 165 0.40 20.02 -51.47
CA LEU C 165 0.15 19.61 -50.09
C LEU C 165 0.85 20.56 -49.16
N VAL C 166 0.10 21.15 -48.23
CA VAL C 166 0.65 22.12 -47.30
C VAL C 166 0.24 21.73 -45.89
N LEU C 167 1.09 22.10 -44.94
CA LEU C 167 0.82 21.84 -43.54
C LEU C 167 -0.12 22.90 -42.99
N GLY C 168 -1.24 22.43 -42.45
CA GLY C 168 -2.18 23.24 -41.72
C GLY C 168 -1.84 23.21 -40.25
N ASP C 169 -2.75 22.74 -39.42
CA ASP C 169 -2.46 22.63 -37.99
C ASP C 169 -1.34 21.62 -37.74
N CYS C 170 -0.45 21.96 -36.81
CA CYS C 170 0.59 21.02 -36.41
C CYS C 170 0.89 21.23 -34.93
N THR C 171 0.72 20.18 -34.13
CA THR C 171 0.89 20.43 -32.72
C THR C 171 0.91 19.10 -31.99
N HIS C 172 1.41 19.11 -30.75
CA HIS C 172 1.47 17.87 -29.99
C HIS C 172 0.07 17.44 -29.53
N SER C 173 -0.10 16.15 -29.36
CA SER C 173 -1.39 15.62 -28.95
C SER C 173 -1.60 15.80 -27.46
N PRO C 174 -2.64 16.49 -27.03
CA PRO C 174 -2.91 16.59 -25.59
C PRO C 174 -3.01 15.20 -24.96
N GLY C 175 -2.41 15.07 -23.79
CA GLY C 175 -2.49 13.83 -23.02
C GLY C 175 -1.68 12.67 -23.57
N SER C 176 -0.83 12.90 -24.57
CA SER C 176 0.05 11.88 -25.12
C SER C 176 1.44 11.94 -24.50
N LEU C 177 1.73 13.00 -23.75
CA LEU C 177 2.98 13.08 -23.03
C LEU C 177 3.02 12.01 -21.95
N LYS C 178 4.08 11.22 -21.95
CA LYS C 178 4.29 10.22 -20.91
C LYS C 178 5.68 10.42 -20.35
N ILE C 179 5.78 10.61 -19.04
CA ILE C 179 7.04 10.77 -18.33
C ILE C 179 7.05 9.77 -17.19
N SER C 180 7.98 8.82 -17.23
CA SER C 180 8.05 7.79 -16.20
C SER C 180 9.48 7.67 -15.70
N LEU C 181 9.62 7.62 -14.39
CA LEU C 181 10.93 7.52 -13.78
C LEU C 181 11.45 6.09 -13.95
N LEU C 182 12.64 5.96 -14.51
CA LEU C 182 13.18 4.65 -14.85
C LEU C 182 13.94 4.05 -13.67
N ASN C 183 14.52 2.88 -13.91
CA ASN C 183 15.24 2.17 -12.84
C ASN C 183 14.19 1.86 -11.78
N GLY C 184 14.57 1.85 -10.51
CA GLY C 184 13.58 1.59 -9.49
C GLY C 184 13.22 2.81 -8.68
N VAL C 185 13.84 3.93 -8.98
CA VAL C 185 13.79 5.13 -8.15
C VAL C 185 12.35 5.59 -7.93
N THR C 186 11.87 5.49 -6.70
CA THR C 186 10.59 6.11 -6.33
C THR C 186 10.87 7.26 -5.35
N PRO C 187 10.83 8.50 -5.79
CA PRO C 187 11.10 9.64 -4.90
C PRO C 187 9.92 9.93 -3.98
N VAL C 188 10.10 10.98 -3.18
CA VAL C 188 9.02 11.50 -2.34
C VAL C 188 8.03 12.21 -3.26
N GLN C 189 6.73 11.98 -3.03
CA GLN C 189 5.72 12.38 -4.02
C GLN C 189 5.81 13.86 -4.40
N SER C 190 6.10 14.76 -3.45
CA SER C 190 6.20 16.18 -3.79
C SER C 190 7.34 16.44 -4.79
N PHE C 191 8.43 15.67 -4.71
CA PHE C 191 9.55 15.82 -5.63
C PHE C 191 9.20 15.28 -7.01
N LEU C 192 8.81 14.01 -7.08
CA LEU C 192 8.28 13.46 -8.33
C LEU C 192 7.33 14.44 -9.03
N ASP C 193 6.42 15.06 -8.25
CA ASP C 193 5.44 15.98 -8.81
C ASP C 193 6.08 17.26 -9.35
N ASN C 194 7.02 17.84 -8.60
CA ASN C 194 7.63 19.07 -9.09
C ASN C 194 8.43 18.80 -10.37
N LEU C 195 9.16 17.69 -10.39
CA LEU C 195 9.98 17.37 -11.55
C LEU C 195 9.11 17.11 -12.78
N THR C 196 8.06 16.30 -12.60
CA THR C 196 7.16 16.03 -13.71
C THR C 196 6.55 17.32 -14.23
N GLY C 197 6.21 18.25 -13.33
CA GLY C 197 5.63 19.50 -13.77
C GLY C 197 6.57 20.34 -14.61
N ILE C 198 7.81 20.51 -14.14
CA ILE C 198 8.76 21.30 -14.93
C ILE C 198 8.83 20.73 -16.33
N LEU C 199 9.03 19.40 -16.42
CA LEU C 199 9.18 18.77 -17.73
C LEU C 199 7.93 18.96 -18.59
N THR C 200 6.76 18.72 -17.99
CA THR C 200 5.50 18.80 -18.72
C THR C 200 5.28 20.16 -19.33
N LYS C 201 5.73 21.23 -18.66
CA LYS C 201 5.41 22.55 -19.19
C LYS C 201 6.20 22.89 -20.45
N VAL C 202 7.43 22.38 -20.59
CA VAL C 202 8.36 22.85 -21.61
C VAL C 202 8.55 21.84 -22.73
N LEU C 203 8.59 20.54 -22.42
CA LEU C 203 9.15 19.61 -23.40
C LEU C 203 8.28 19.47 -24.65
N PRO C 204 6.95 19.30 -24.55
CA PRO C 204 6.15 19.15 -25.79
C PRO C 204 6.26 20.33 -26.71
N GLU C 205 6.28 21.55 -26.17
CA GLU C 205 6.35 22.72 -27.03
C GLU C 205 7.68 22.77 -27.78
N LEU C 206 8.79 22.47 -27.09
CA LEU C 206 10.08 22.41 -27.77
C LEU C 206 10.08 21.33 -28.86
N ILE C 207 9.65 20.12 -28.51
CA ILE C 207 9.71 19.05 -29.50
C ILE C 207 8.88 19.41 -30.71
N GLN C 208 7.71 20.03 -30.50
CA GLN C 208 6.85 20.33 -31.63
C GLN C 208 7.38 21.50 -32.44
N GLY C 209 7.96 22.51 -31.77
CA GLY C 209 8.56 23.61 -32.50
C GLY C 209 9.70 23.17 -33.39
N LYS C 210 10.34 22.06 -33.05
CA LYS C 210 11.31 21.50 -33.98
C LYS C 210 10.65 20.58 -35.01
N VAL C 211 9.66 19.78 -34.60
CA VAL C 211 9.17 18.73 -35.49
C VAL C 211 8.25 19.27 -36.59
N CYS C 212 7.40 20.25 -36.29
CA CYS C 212 6.46 20.75 -37.29
C CYS C 212 7.15 21.39 -38.49
N PRO C 213 8.14 22.26 -38.31
CA PRO C 213 8.86 22.77 -39.50
C PRO C 213 9.56 21.68 -40.29
N LEU C 214 10.08 20.65 -39.61
CA LEU C 214 10.67 19.53 -40.32
C LEU C 214 9.64 18.85 -41.23
N VAL C 215 8.44 18.59 -40.69
CA VAL C 215 7.39 17.98 -41.51
C VAL C 215 7.02 18.90 -42.66
N ASN C 216 6.92 20.19 -42.39
CA ASN C 216 6.60 21.12 -43.46
C ASN C 216 7.62 21.01 -44.59
N GLY C 217 8.92 21.02 -44.24
CA GLY C 217 9.95 20.92 -45.25
C GLY C 217 9.86 19.63 -46.04
N ILE C 218 9.68 18.51 -45.34
CA ILE C 218 9.57 17.24 -46.04
C ILE C 218 8.40 17.27 -47.02
N LEU C 219 7.26 17.82 -46.59
CA LEU C 219 6.13 17.97 -47.51
C LEU C 219 6.50 18.74 -48.75
N SER C 220 7.18 19.87 -48.57
CA SER C 220 7.48 20.71 -49.72
C SER C 220 8.42 20.03 -50.70
N GLY C 221 9.21 19.05 -50.25
CA GLY C 221 10.16 18.37 -51.10
C GLY C 221 9.77 16.99 -51.58
N LEU C 222 8.55 16.54 -51.31
CA LEU C 222 8.18 15.20 -51.71
C LEU C 222 8.12 15.06 -53.23
N ASP C 223 8.18 13.80 -53.66
CA ASP C 223 7.90 13.38 -55.02
C ASP C 223 6.72 14.13 -55.60
N VAL C 224 6.96 14.84 -56.70
CA VAL C 224 5.92 15.67 -57.28
C VAL C 224 4.71 14.84 -57.66
N THR C 225 4.91 13.58 -58.07
CA THR C 225 3.79 12.75 -58.51
C THR C 225 2.95 12.25 -57.34
N LEU C 226 3.61 11.77 -56.29
CA LEU C 226 2.89 11.38 -55.08
C LEU C 226 2.06 12.54 -54.54
N VAL C 227 2.68 13.72 -54.45
CA VAL C 227 1.97 14.93 -54.06
C VAL C 227 0.77 15.16 -54.96
N HIS C 228 0.97 15.11 -56.27
CA HIS C 228 -0.14 15.45 -57.15
C HIS C 228 -1.29 14.47 -56.98
N ASN C 229 -1.01 13.18 -56.89
CA ASN C 229 -2.10 12.22 -56.77
C ASN C 229 -2.86 12.40 -55.46
N ILE C 230 -2.12 12.51 -54.34
CA ILE C 230 -2.78 12.68 -53.04
C ILE C 230 -3.56 13.98 -53.00
N ALA C 231 -2.97 15.06 -53.52
CA ALA C 231 -3.66 16.35 -53.50
C ALA C 231 -4.91 16.32 -54.36
N GLU C 232 -4.85 15.68 -55.53
CA GLU C 232 -6.04 15.56 -56.35
C GLU C 232 -7.15 14.86 -55.59
N LEU C 233 -6.81 13.79 -54.87
CA LEU C 233 -7.82 13.12 -54.04
C LEU C 233 -8.39 14.07 -52.98
N LEU C 234 -7.50 14.78 -52.25
CA LEU C 234 -7.97 15.63 -51.14
C LEU C 234 -8.87 16.75 -51.63
N ILE C 235 -8.52 17.38 -52.75
CA ILE C 235 -9.26 18.54 -53.21
C ILE C 235 -10.66 18.15 -53.63
N HIS C 236 -10.85 16.93 -54.11
CA HIS C 236 -12.18 16.44 -54.49
C HIS C 236 -12.86 15.66 -53.37
N GLY C 237 -12.27 15.63 -52.18
CA GLY C 237 -12.90 14.96 -51.05
C GLY C 237 -13.12 13.47 -51.25
N LEU C 238 -12.22 12.80 -51.97
CA LEU C 238 -12.34 11.38 -52.29
C LEU C 238 -11.60 10.55 -51.25
N GLN C 239 -12.30 9.61 -50.63
CA GLN C 239 -11.69 8.74 -49.63
C GLN C 239 -10.67 7.78 -50.24
N PHE C 240 -9.55 7.58 -49.53
CA PHE C 240 -8.57 6.55 -49.91
C PHE C 240 -7.83 5.94 -48.73
N VAL C 241 -7.81 6.62 -47.58
CA VAL C 241 -7.10 6.08 -46.42
C VAL C 241 -7.99 5.08 -45.69
N ILE C 242 -7.50 3.86 -45.55
CA ILE C 242 -8.26 2.78 -44.92
C ILE C 242 -7.99 2.80 -43.42
N LYS C 243 -9.05 2.87 -42.62
CA LYS C 243 -8.88 2.87 -41.17
C LYS C 243 -8.75 1.44 -40.62
N PRO D 34 -23.20 -21.22 -49.33
CA PRO D 34 -21.78 -21.60 -49.36
C PRO D 34 -21.33 -22.30 -48.07
N THR D 35 -20.16 -22.97 -48.15
CA THR D 35 -19.51 -23.43 -46.94
C THR D 35 -19.33 -22.28 -45.95
N ASP D 36 -19.37 -21.04 -46.44
CA ASP D 36 -19.54 -19.90 -45.56
C ASP D 36 -20.95 -19.92 -45.00
N LEU D 37 -21.09 -19.48 -43.75
CA LEU D 37 -22.34 -19.62 -43.01
C LEU D 37 -22.41 -20.92 -42.22
N LEU D 38 -21.65 -21.94 -42.64
CA LEU D 38 -21.66 -23.19 -41.89
C LEU D 38 -21.21 -22.94 -40.46
N ALA D 39 -20.14 -22.17 -40.29
CA ALA D 39 -19.69 -21.86 -38.94
C ALA D 39 -20.84 -21.28 -38.11
N GLY D 40 -21.49 -20.24 -38.65
CA GLY D 40 -22.57 -19.60 -37.92
C GLY D 40 -23.76 -20.52 -37.70
N LYS D 41 -24.15 -21.25 -38.74
CA LYS D 41 -25.28 -22.17 -38.59
C LYS D 41 -24.97 -23.22 -37.53
N PHE D 42 -23.72 -23.67 -37.47
CA PHE D 42 -23.33 -24.66 -36.49
C PHE D 42 -23.39 -24.09 -35.08
N THR D 43 -22.80 -22.92 -34.88
CA THR D 43 -22.81 -22.36 -33.54
C THR D 43 -24.21 -21.97 -33.11
N ASP D 44 -25.03 -21.46 -34.04
CA ASP D 44 -26.41 -21.15 -33.71
C ASP D 44 -27.19 -22.40 -33.36
N ALA D 45 -27.07 -23.44 -34.18
CA ALA D 45 -27.77 -24.67 -33.86
C ALA D 45 -27.32 -25.22 -32.54
N LEU D 46 -26.02 -25.18 -32.29
CA LEU D 46 -25.48 -25.70 -31.04
C LEU D 46 -26.04 -24.91 -29.86
N SER D 47 -26.06 -23.58 -29.95
CA SER D 47 -26.61 -22.77 -28.89
C SER D 47 -28.07 -23.11 -28.62
N GLY D 48 -28.85 -23.21 -29.69
CA GLY D 48 -30.25 -23.55 -29.55
C GLY D 48 -30.44 -24.89 -28.89
N GLY D 49 -29.70 -25.90 -29.37
CA GLY D 49 -29.79 -27.22 -28.76
C GLY D 49 -29.46 -27.17 -27.28
N LEU D 50 -28.46 -26.37 -26.92
CA LEU D 50 -28.08 -26.27 -25.52
C LEU D 50 -29.24 -25.70 -24.69
N LEU D 51 -29.83 -24.61 -25.16
CA LEU D 51 -30.91 -24.00 -24.39
C LEU D 51 -32.15 -24.89 -24.35
N SER D 52 -32.52 -25.46 -25.51
CA SER D 52 -33.65 -26.37 -25.64
C SER D 52 -33.46 -27.62 -24.79
N GLY D 53 -32.22 -28.12 -24.70
CA GLY D 53 -31.95 -29.30 -23.92
C GLY D 53 -31.87 -29.06 -22.44
N GLY D 54 -32.19 -27.85 -21.98
CA GLY D 54 -32.26 -27.54 -20.56
C GLY D 54 -30.97 -27.12 -19.91
N LEU D 55 -30.06 -26.48 -20.66
CA LEU D 55 -28.79 -26.07 -20.11
C LEU D 55 -28.95 -25.26 -18.82
N LEU D 56 -29.84 -24.26 -18.85
CA LEU D 56 -29.92 -23.30 -17.74
C LEU D 56 -30.44 -23.94 -16.47
N GLY D 57 -31.47 -24.78 -16.59
CA GLY D 57 -31.94 -25.52 -15.43
C GLY D 57 -30.90 -26.50 -14.93
N ILE D 58 -30.19 -27.16 -15.86
CA ILE D 58 -29.10 -28.05 -15.46
C ILE D 58 -28.09 -27.30 -14.59
N LEU D 59 -27.70 -26.10 -15.04
CA LEU D 59 -26.78 -25.31 -14.23
C LEU D 59 -27.42 -24.97 -12.89
N GLU D 60 -28.66 -24.48 -12.91
CA GLU D 60 -29.30 -24.06 -11.67
C GLU D 60 -29.46 -25.20 -10.68
N ASN D 61 -29.51 -26.44 -11.14
CA ASN D 61 -29.78 -27.58 -10.28
C ASN D 61 -28.53 -28.42 -9.97
N ILE D 62 -27.34 -27.87 -10.16
CA ILE D 62 -26.15 -28.60 -9.72
C ILE D 62 -26.12 -28.67 -8.19
N PRO D 63 -25.91 -29.84 -7.62
CA PRO D 63 -25.92 -30.01 -6.14
C PRO D 63 -24.61 -29.54 -5.50
N LEU D 64 -24.34 -28.24 -5.62
CA LEU D 64 -23.03 -27.73 -5.23
C LEU D 64 -22.77 -27.92 -3.74
N LEU D 65 -23.72 -27.52 -2.89
CA LEU D 65 -23.40 -27.55 -1.47
C LEU D 65 -23.37 -28.97 -0.92
N ASP D 66 -23.96 -29.92 -1.64
CA ASP D 66 -23.91 -31.30 -1.19
C ASP D 66 -22.59 -31.92 -1.63
N VAL D 67 -22.15 -31.58 -2.85
CA VAL D 67 -20.82 -31.93 -3.29
C VAL D 67 -19.78 -31.38 -2.33
N ILE D 68 -20.06 -30.24 -1.70
CA ILE D 68 -19.05 -29.63 -0.86
C ILE D 68 -19.16 -30.16 0.55
N LYS D 69 -20.36 -30.12 1.12
CA LYS D 69 -20.57 -30.58 2.49
C LYS D 69 -20.69 -32.10 2.46
N SER D 89 -11.17 -26.08 6.29
CA SER D 89 -11.80 -25.90 7.58
C SER D 89 -13.31 -26.04 7.51
N VAL D 90 -13.90 -26.55 8.59
CA VAL D 90 -15.34 -26.80 8.65
C VAL D 90 -16.13 -25.64 9.24
N PRO D 91 -15.51 -24.51 9.70
CA PRO D 91 -16.35 -23.37 10.11
C PRO D 91 -17.27 -22.91 8.98
N LEU D 92 -16.65 -22.49 7.87
CA LEU D 92 -17.31 -22.34 6.58
C LEU D 92 -18.51 -23.27 6.40
N LEU D 93 -18.24 -24.58 6.41
CA LEU D 93 -19.31 -25.52 6.11
C LEU D 93 -20.42 -25.44 7.15
N ASN D 94 -20.05 -25.24 8.41
CA ASN D 94 -21.04 -25.16 9.47
C ASN D 94 -21.90 -23.91 9.35
N ASN D 95 -21.36 -22.85 8.73
CA ASN D 95 -22.10 -21.61 8.54
C ASN D 95 -22.76 -21.52 7.17
N ILE D 96 -22.74 -22.59 6.40
CA ILE D 96 -23.30 -22.61 5.06
C ILE D 96 -24.67 -23.28 5.17
N LEU D 97 -25.74 -22.49 5.07
CA LEU D 97 -27.07 -23.08 5.06
C LEU D 97 -27.38 -23.70 3.71
N ASP D 98 -27.26 -22.92 2.65
CA ASP D 98 -27.52 -23.42 1.31
C ASP D 98 -26.89 -22.48 0.29
N ILE D 99 -26.86 -22.95 -0.96
CA ILE D 99 -26.38 -22.19 -2.10
C ILE D 99 -27.42 -22.31 -3.19
N LYS D 100 -27.86 -21.19 -3.72
CA LYS D 100 -28.77 -21.15 -4.84
C LYS D 100 -28.03 -20.57 -6.03
N ILE D 101 -28.21 -21.21 -7.18
CA ILE D 101 -27.61 -20.79 -8.43
C ILE D 101 -28.66 -20.04 -9.22
N THR D 102 -28.37 -18.80 -9.56
CA THR D 102 -29.29 -17.93 -10.27
C THR D 102 -28.60 -17.33 -11.49
N ASP D 103 -29.36 -16.60 -12.29
CA ASP D 103 -28.84 -15.85 -13.42
C ASP D 103 -27.91 -16.71 -14.29
N PRO D 104 -28.32 -17.93 -14.64
CA PRO D 104 -27.52 -18.73 -15.58
C PRO D 104 -27.51 -18.07 -16.94
N GLN D 105 -26.35 -18.09 -17.58
CA GLN D 105 -26.14 -17.39 -18.86
C GLN D 105 -25.31 -18.25 -19.81
N LEU D 106 -25.75 -18.33 -21.07
CA LEU D 106 -24.95 -18.91 -22.13
C LEU D 106 -24.50 -17.77 -23.02
N LEU D 107 -23.21 -17.55 -23.14
CA LEU D 107 -22.72 -16.46 -23.96
C LEU D 107 -22.52 -16.94 -25.39
N GLU D 108 -22.10 -16.02 -26.26
CA GLU D 108 -21.90 -16.41 -27.65
C GLU D 108 -20.80 -17.46 -27.75
N LEU D 109 -21.06 -18.51 -28.53
CA LEU D 109 -20.09 -19.58 -28.68
C LEU D 109 -18.92 -19.12 -29.52
N GLY D 110 -17.73 -19.63 -29.20
CA GLY D 110 -16.55 -19.43 -30.03
C GLY D 110 -16.31 -20.68 -30.84
N LEU D 111 -15.70 -20.52 -32.02
CA LEU D 111 -15.44 -21.65 -32.88
C LEU D 111 -14.09 -21.46 -33.55
N VAL D 112 -13.23 -22.48 -33.45
CA VAL D 112 -11.90 -22.48 -34.04
C VAL D 112 -11.71 -23.80 -34.79
N GLN D 113 -11.03 -23.75 -35.93
CA GLN D 113 -10.71 -24.95 -36.67
C GLN D 113 -9.22 -25.26 -36.55
N SER D 114 -8.90 -26.53 -36.32
CA SER D 114 -7.51 -26.91 -36.19
C SER D 114 -6.73 -26.61 -37.47
N PRO D 115 -5.41 -26.47 -37.34
CA PRO D 115 -4.58 -26.22 -38.53
C PRO D 115 -4.71 -27.28 -39.60
N ASP D 116 -4.86 -28.56 -39.24
CA ASP D 116 -5.06 -29.61 -40.22
C ASP D 116 -6.48 -29.67 -40.76
N GLY D 117 -7.38 -28.82 -40.27
CA GLY D 117 -8.72 -28.78 -40.80
C GLY D 117 -9.63 -29.89 -40.33
N HIS D 118 -9.14 -30.84 -39.55
CA HIS D 118 -9.98 -31.99 -39.27
C HIS D 118 -10.87 -31.82 -38.03
N ARG D 119 -10.69 -30.77 -37.23
CA ARG D 119 -11.35 -30.72 -35.94
C ARG D 119 -11.89 -29.32 -35.69
N LEU D 120 -13.00 -29.25 -34.94
CA LEU D 120 -13.52 -27.99 -34.48
C LEU D 120 -13.40 -27.94 -32.96
N TYR D 121 -13.13 -26.75 -32.45
CA TYR D 121 -13.11 -26.51 -31.01
C TYR D 121 -14.14 -25.44 -30.76
N VAL D 122 -15.19 -25.82 -30.03
CA VAL D 122 -16.28 -24.94 -29.66
C VAL D 122 -16.00 -24.47 -28.25
N THR D 123 -16.00 -23.15 -28.05
CA THR D 123 -15.92 -22.56 -26.73
C THR D 123 -17.31 -22.17 -26.26
N ILE D 124 -17.71 -22.72 -25.12
CA ILE D 124 -19.02 -22.55 -24.53
C ILE D 124 -18.83 -21.68 -23.28
N PRO D 125 -19.05 -20.35 -23.37
CA PRO D 125 -18.85 -19.50 -22.19
C PRO D 125 -20.11 -19.49 -21.34
N LEU D 126 -19.98 -19.80 -20.05
CA LEU D 126 -21.09 -19.96 -19.14
C LEU D 126 -20.94 -18.94 -18.02
N GLY D 127 -22.06 -18.42 -17.54
CA GLY D 127 -22.08 -17.58 -16.38
C GLY D 127 -23.19 -17.98 -15.42
N LEU D 128 -23.00 -17.65 -14.16
CA LEU D 128 -24.05 -17.89 -13.18
C LEU D 128 -23.73 -17.15 -11.89
N THR D 129 -24.74 -17.05 -11.02
CA THR D 129 -24.58 -16.37 -9.75
C THR D 129 -24.85 -17.36 -8.61
N LEU D 130 -23.90 -17.44 -7.69
CA LEU D 130 -24.04 -18.25 -6.50
C LEU D 130 -24.59 -17.41 -5.36
N ASN D 131 -25.61 -17.90 -4.70
CA ASN D 131 -26.24 -17.22 -3.59
C ASN D 131 -25.96 -18.06 -2.36
N VAL D 132 -25.00 -17.61 -1.56
CA VAL D 132 -24.51 -18.34 -0.41
C VAL D 132 -25.24 -17.75 0.80
N ASN D 133 -26.08 -18.57 1.39
CA ASN D 133 -26.83 -18.23 2.59
C ASN D 133 -25.98 -18.58 3.80
N MET D 134 -25.54 -17.56 4.54
CA MET D 134 -24.77 -17.76 5.76
C MET D 134 -25.45 -16.97 6.87
N PRO D 135 -26.51 -17.52 7.48
CA PRO D 135 -27.30 -16.85 8.52
C PRO D 135 -26.51 -16.67 9.81
N VAL D 137 -22.55 -15.55 10.29
CA VAL D 137 -22.60 -14.17 9.85
C VAL D 137 -24.02 -13.81 9.45
N GLY D 138 -24.14 -12.76 8.64
CA GLY D 138 -25.40 -12.37 8.03
C GLY D 138 -25.16 -11.99 6.59
N SER D 139 -26.24 -11.58 5.92
CA SER D 139 -26.22 -11.21 4.51
C SER D 139 -26.25 -12.40 3.54
N LEU D 140 -26.77 -12.14 2.33
CA LEU D 140 -26.71 -13.06 1.21
C LEU D 140 -25.44 -12.80 0.41
N LEU D 141 -24.57 -13.79 0.31
CA LEU D 141 -23.30 -13.63 -0.37
C LEU D 141 -23.48 -14.01 -1.85
N GLN D 142 -23.27 -13.06 -2.74
CA GLN D 142 -23.42 -13.31 -4.17
C GLN D 142 -22.07 -13.41 -4.87
N LEU D 143 -21.88 -14.49 -5.60
CA LEU D 143 -20.64 -14.74 -6.34
C LEU D 143 -20.96 -14.83 -7.82
N ALA D 144 -20.35 -13.98 -8.62
CA ALA D 144 -20.45 -14.09 -10.07
C ALA D 144 -19.41 -15.07 -10.55
N VAL D 145 -19.86 -16.10 -11.25
CA VAL D 145 -19.01 -17.15 -11.78
C VAL D 145 -19.04 -17.06 -13.30
N LYS D 146 -17.87 -17.14 -13.92
CA LYS D 146 -17.69 -17.35 -15.35
C LYS D 146 -16.79 -18.54 -15.56
N LEU D 147 -17.03 -19.26 -16.66
CA LEU D 147 -16.30 -20.49 -16.94
C LEU D 147 -16.50 -20.86 -18.39
N ASN D 148 -15.46 -21.34 -19.05
CA ASN D 148 -15.61 -21.85 -20.40
C ASN D 148 -15.44 -23.36 -20.44
N ILE D 149 -16.28 -24.02 -21.24
CA ILE D 149 -16.11 -25.43 -21.58
C ILE D 149 -15.63 -25.47 -23.03
N THR D 150 -14.65 -26.31 -23.32
CA THR D 150 -14.18 -26.49 -24.69
C THR D 150 -14.58 -27.89 -25.15
N ALA D 151 -15.27 -27.92 -26.29
CA ALA D 151 -15.78 -29.17 -26.85
C ALA D 151 -15.08 -29.42 -28.17
N GLU D 152 -14.46 -30.58 -28.26
CA GLU D 152 -13.79 -30.99 -29.49
C GLU D 152 -14.79 -31.74 -30.35
N VAL D 153 -14.90 -31.34 -31.61
CA VAL D 153 -15.83 -31.94 -32.54
C VAL D 153 -15.05 -32.57 -33.67
N LEU D 154 -15.38 -33.82 -33.96
CA LEU D 154 -14.71 -34.68 -34.92
C LEU D 154 -15.70 -35.17 -35.98
N ALA D 155 -15.16 -35.55 -37.12
CA ALA D 155 -15.93 -36.27 -38.12
C ALA D 155 -15.42 -37.69 -38.15
N VAL D 156 -16.33 -38.66 -38.18
CA VAL D 156 -15.92 -40.05 -38.18
C VAL D 156 -16.96 -40.86 -38.94
N LYS D 157 -16.51 -41.88 -39.66
CA LYS D 157 -17.41 -42.76 -40.38
C LYS D 157 -17.68 -43.96 -39.50
N ASP D 158 -18.92 -44.44 -39.51
CA ASP D 158 -19.29 -45.60 -38.72
C ASP D 158 -19.02 -46.87 -39.53
N ASN D 159 -19.23 -48.03 -38.91
CA ASN D 159 -18.94 -49.31 -39.57
C ASN D 159 -19.77 -49.51 -40.84
N GLN D 160 -20.85 -48.74 -41.03
CA GLN D 160 -21.66 -48.80 -42.25
C GLN D 160 -21.28 -47.75 -43.27
N GLY D 161 -20.24 -46.96 -43.01
CA GLY D 161 -19.79 -45.92 -43.92
C GLY D 161 -20.45 -44.57 -43.78
N ARG D 162 -21.41 -44.42 -42.88
CA ARG D 162 -22.07 -43.14 -42.66
C ARG D 162 -21.17 -42.23 -41.83
N ILE D 163 -21.11 -40.96 -42.21
CA ILE D 163 -20.29 -39.98 -41.54
C ILE D 163 -21.10 -39.25 -40.47
N HIS D 164 -20.47 -38.96 -39.33
CA HIS D 164 -21.13 -38.32 -38.20
C HIS D 164 -20.18 -37.28 -37.60
N LEU D 165 -20.75 -36.26 -36.97
CA LEU D 165 -20.01 -35.38 -36.08
C LEU D 165 -20.13 -35.89 -34.66
N VAL D 166 -19.00 -36.04 -34.00
CA VAL D 166 -18.94 -36.63 -32.67
C VAL D 166 -18.16 -35.72 -31.74
N LEU D 167 -18.49 -35.82 -30.46
CA LEU D 167 -17.77 -35.08 -29.45
C LEU D 167 -16.48 -35.82 -29.17
N GLY D 168 -15.36 -35.12 -29.28
CA GLY D 168 -14.11 -35.71 -28.85
C GLY D 168 -13.80 -35.31 -27.42
N ASP D 169 -12.68 -34.65 -27.21
CA ASP D 169 -12.38 -34.10 -25.90
C ASP D 169 -13.41 -33.03 -25.54
N CYS D 170 -13.86 -33.03 -24.29
CA CYS D 170 -14.74 -31.98 -23.78
C CYS D 170 -14.32 -31.72 -22.35
N THR D 171 -13.94 -30.49 -22.04
CA THR D 171 -13.39 -30.22 -20.71
C THR D 171 -13.35 -28.72 -20.51
N HIS D 172 -13.28 -28.30 -19.24
CA HIS D 172 -13.22 -26.86 -19.01
C HIS D 172 -11.85 -26.30 -19.40
N SER D 173 -11.84 -25.06 -19.80
CA SER D 173 -10.63 -24.37 -20.24
C SER D 173 -9.78 -24.00 -19.02
N PRO D 174 -8.52 -24.41 -18.98
CA PRO D 174 -7.66 -24.03 -17.85
C PRO D 174 -7.68 -22.51 -17.64
N GLY D 175 -7.81 -22.12 -16.38
CA GLY D 175 -7.71 -20.71 -16.08
C GLY D 175 -8.86 -19.84 -16.53
N SER D 176 -9.98 -20.41 -16.96
CA SER D 176 -11.13 -19.63 -17.36
C SER D 176 -12.17 -19.46 -16.25
N LEU D 177 -12.03 -20.17 -15.13
CA LEU D 177 -12.91 -19.92 -14.00
C LEU D 177 -12.65 -18.53 -13.44
N LYS D 178 -13.71 -17.71 -13.33
CA LYS D 178 -13.61 -16.38 -12.76
C LYS D 178 -14.67 -16.22 -11.68
N ILE D 179 -14.26 -15.85 -10.46
CA ILE D 179 -15.16 -15.68 -9.34
C ILE D 179 -15.03 -14.25 -8.82
N SER D 180 -16.14 -13.53 -8.79
CA SER D 180 -16.17 -12.12 -8.42
C SER D 180 -17.23 -11.88 -7.34
N LEU D 181 -16.85 -11.14 -6.30
CA LEU D 181 -17.79 -10.82 -5.22
C LEU D 181 -18.71 -9.69 -5.65
N LEU D 182 -20.02 -9.92 -5.63
CA LEU D 182 -20.98 -8.91 -6.02
C LEU D 182 -21.46 -8.10 -4.81
N ASN D 183 -22.35 -7.15 -5.07
CA ASN D 183 -22.90 -6.25 -4.05
C ASN D 183 -21.79 -5.59 -3.24
N GLY D 184 -20.75 -5.13 -3.94
CA GLY D 184 -19.60 -4.45 -3.35
C GLY D 184 -19.29 -4.82 -1.91
N VAL D 185 -19.06 -6.11 -1.64
CA VAL D 185 -18.85 -6.56 -0.26
C VAL D 185 -17.37 -6.52 0.09
N THR D 186 -17.09 -6.48 1.39
CA THR D 186 -15.83 -6.10 2.04
C THR D 186 -14.56 -6.64 1.39
N PRO D 187 -13.38 -6.12 1.80
CA PRO D 187 -12.11 -6.61 1.25
C PRO D 187 -11.72 -7.99 1.74
N VAL D 188 -12.22 -9.02 1.04
CA VAL D 188 -11.95 -10.44 1.26
C VAL D 188 -11.79 -10.82 2.73
N GLN D 189 -12.52 -11.87 3.12
CA GLN D 189 -12.63 -12.37 4.47
C GLN D 189 -12.25 -13.85 4.45
N SER D 190 -11.83 -14.37 5.60
CA SER D 190 -11.35 -15.76 5.64
C SER D 190 -12.38 -16.75 5.11
N PHE D 191 -13.67 -16.45 5.25
CA PHE D 191 -14.66 -17.42 4.81
C PHE D 191 -14.85 -17.37 3.29
N LEU D 192 -14.87 -16.17 2.71
CA LEU D 192 -14.93 -16.10 1.25
C LEU D 192 -13.64 -16.61 0.61
N ASP D 193 -12.51 -16.50 1.29
CA ASP D 193 -11.29 -17.08 0.71
C ASP D 193 -11.37 -18.59 0.70
N ASN D 194 -11.76 -19.19 1.83
CA ASN D 194 -11.83 -20.65 1.86
C ASN D 194 -12.87 -21.15 0.86
N LEU D 195 -13.97 -20.40 0.72
CA LEU D 195 -15.03 -20.77 -0.21
C LEU D 195 -14.56 -20.71 -1.65
N THR D 196 -13.89 -19.62 -2.05
CA THR D 196 -13.37 -19.54 -3.41
C THR D 196 -12.34 -20.64 -3.67
N GLY D 197 -11.54 -21.00 -2.66
CA GLY D 197 -10.61 -22.09 -2.86
C GLY D 197 -11.32 -23.40 -3.14
N ILE D 198 -12.33 -23.72 -2.33
CA ILE D 198 -13.14 -24.91 -2.56
C ILE D 198 -13.77 -24.87 -3.94
N LEU D 199 -14.37 -23.73 -4.26
CA LEU D 199 -15.06 -23.59 -5.55
C LEU D 199 -14.08 -23.81 -6.69
N THR D 200 -12.87 -23.25 -6.58
CA THR D 200 -11.86 -23.50 -7.60
C THR D 200 -11.65 -24.98 -7.80
N LYS D 201 -11.67 -25.73 -6.70
CA LYS D 201 -11.41 -27.15 -6.83
C LYS D 201 -12.60 -27.95 -7.40
N VAL D 202 -13.82 -27.48 -7.17
CA VAL D 202 -15.02 -28.29 -7.39
C VAL D 202 -15.87 -27.82 -8.57
N LEU D 203 -15.99 -26.55 -8.77
CA LEU D 203 -17.05 -26.10 -9.63
C LEU D 203 -16.83 -26.47 -11.10
N PRO D 204 -15.62 -26.34 -11.63
CA PRO D 204 -15.41 -26.69 -13.05
C PRO D 204 -15.76 -28.13 -13.38
N GLU D 205 -15.38 -29.07 -12.50
CA GLU D 205 -15.65 -30.47 -12.77
C GLU D 205 -17.15 -30.78 -12.71
N LEU D 206 -17.89 -30.20 -11.75
CA LEU D 206 -19.36 -30.34 -11.75
C LEU D 206 -19.96 -29.78 -13.03
N ILE D 207 -19.58 -28.54 -13.38
CA ILE D 207 -20.20 -27.94 -14.54
C ILE D 207 -19.91 -28.77 -15.78
N GLN D 208 -18.65 -29.18 -15.97
CA GLN D 208 -18.30 -29.83 -17.21
C GLN D 208 -18.92 -31.22 -17.26
N GLY D 209 -18.98 -31.91 -16.10
CA GLY D 209 -19.63 -33.20 -16.06
C GLY D 209 -21.10 -33.14 -16.42
N LYS D 210 -21.74 -31.98 -16.20
CA LYS D 210 -23.10 -31.87 -16.73
C LYS D 210 -23.13 -31.38 -18.18
N VAL D 211 -22.27 -30.44 -18.54
CA VAL D 211 -22.41 -29.78 -19.82
C VAL D 211 -21.95 -30.66 -20.97
N CYS D 212 -20.95 -31.51 -20.74
CA CYS D 212 -20.42 -32.32 -21.83
C CYS D 212 -21.39 -33.40 -22.32
N PRO D 213 -22.03 -34.20 -21.46
CA PRO D 213 -23.02 -35.18 -21.99
C PRO D 213 -24.16 -34.50 -22.76
N LEU D 214 -24.58 -33.32 -22.30
CA LEU D 214 -25.59 -32.54 -23.01
C LEU D 214 -25.12 -32.19 -24.41
N VAL D 215 -23.89 -31.69 -24.52
CA VAL D 215 -23.34 -31.36 -25.84
C VAL D 215 -23.26 -32.62 -26.69
N ASN D 216 -22.89 -33.74 -26.06
CA ASN D 216 -22.81 -34.99 -26.82
C ASN D 216 -24.17 -35.31 -27.46
N GLY D 217 -25.22 -35.32 -26.66
CA GLY D 217 -26.56 -35.55 -27.19
C GLY D 217 -26.97 -34.54 -28.23
N ILE D 218 -26.68 -33.27 -27.98
CA ILE D 218 -27.04 -32.23 -28.95
C ILE D 218 -26.37 -32.47 -30.29
N LEU D 219 -25.06 -32.74 -30.30
CA LEU D 219 -24.42 -33.09 -31.57
C LEU D 219 -25.15 -34.24 -32.23
N SER D 220 -25.43 -35.30 -31.47
CA SER D 220 -26.03 -36.48 -32.08
C SER D 220 -27.41 -36.16 -32.65
N GLY D 221 -28.05 -35.11 -32.19
CA GLY D 221 -29.36 -34.78 -32.70
C GLY D 221 -29.45 -33.62 -33.67
N LEU D 222 -28.33 -33.06 -34.11
CA LEU D 222 -28.42 -31.89 -34.98
C LEU D 222 -28.96 -32.26 -36.36
N ASP D 223 -29.42 -31.24 -37.07
CA ASP D 223 -29.79 -31.40 -38.46
C ASP D 223 -28.80 -32.29 -39.20
N VAL D 224 -29.30 -33.42 -39.70
CA VAL D 224 -28.44 -34.39 -40.38
C VAL D 224 -27.78 -33.76 -41.62
N THR D 225 -28.44 -32.78 -42.22
CA THR D 225 -27.85 -32.16 -43.41
C THR D 225 -26.70 -31.22 -43.05
N LEU D 226 -26.91 -30.36 -42.04
CA LEU D 226 -25.81 -29.53 -41.53
C LEU D 226 -24.65 -30.40 -41.08
N VAL D 227 -24.94 -31.41 -40.25
CA VAL D 227 -23.93 -32.34 -39.79
C VAL D 227 -23.19 -32.92 -40.96
N HIS D 228 -23.92 -33.35 -41.99
CA HIS D 228 -23.26 -33.99 -43.11
C HIS D 228 -22.30 -33.02 -43.80
N ASN D 229 -22.74 -31.78 -44.02
CA ASN D 229 -21.88 -30.84 -44.75
C ASN D 229 -20.61 -30.54 -43.95
N ILE D 230 -20.78 -30.28 -42.65
CA ILE D 230 -19.61 -29.95 -41.84
C ILE D 230 -18.68 -31.15 -41.74
N ALA D 231 -19.25 -32.35 -41.55
CA ALA D 231 -18.43 -33.55 -41.41
C ALA D 231 -17.65 -33.81 -42.70
N GLU D 232 -18.28 -33.60 -43.86
CA GLU D 232 -17.55 -33.73 -45.12
C GLU D 232 -16.37 -32.77 -45.17
N LEU D 233 -16.56 -31.52 -44.74
CA LEU D 233 -15.43 -30.61 -44.73
C LEU D 233 -14.31 -31.11 -43.80
N LEU D 234 -14.67 -31.51 -42.59
CA LEU D 234 -13.67 -31.90 -41.58
C LEU D 234 -12.91 -33.13 -42.02
N ILE D 235 -13.60 -34.11 -42.59
CA ILE D 235 -12.97 -35.36 -42.93
C ILE D 235 -11.94 -35.14 -44.04
N HIS D 236 -12.15 -34.13 -44.89
CA HIS D 236 -11.15 -33.82 -45.92
C HIS D 236 -10.18 -32.72 -45.50
N GLY D 237 -10.25 -32.26 -44.25
CA GLY D 237 -9.33 -31.24 -43.79
C GLY D 237 -9.43 -29.92 -44.52
N LEU D 238 -10.63 -29.55 -44.97
CA LEU D 238 -10.84 -28.32 -45.72
C LEU D 238 -11.13 -27.21 -44.72
N GLN D 239 -10.34 -26.14 -44.77
CA GLN D 239 -10.56 -24.99 -43.93
C GLN D 239 -11.87 -24.32 -44.35
N PHE D 240 -12.66 -23.86 -43.38
CA PHE D 240 -13.90 -23.19 -43.74
C PHE D 240 -14.28 -22.17 -42.67
N VAL D 241 -13.73 -22.33 -41.46
CA VAL D 241 -14.01 -21.44 -40.33
C VAL D 241 -13.04 -20.26 -40.38
N ILE D 242 -13.58 -19.05 -40.41
CA ILE D 242 -12.80 -17.84 -40.58
C ILE D 242 -12.27 -17.37 -39.23
N LYS D 243 -10.96 -17.19 -39.15
CA LYS D 243 -10.31 -16.73 -37.92
C LYS D 243 -10.45 -15.22 -37.75
N LEU E 30 21.96 28.54 33.65
CA LEU E 30 20.61 27.95 33.57
C LEU E 30 19.59 28.92 32.97
N PRO E 31 18.56 28.37 32.33
CA PRO E 31 17.56 29.21 31.64
C PRO E 31 16.90 30.21 32.57
N SER E 32 16.69 31.42 32.05
CA SER E 32 15.86 32.43 32.71
C SER E 32 15.05 33.13 31.64
N ASN E 33 13.75 33.33 31.87
CA ASN E 33 13.00 33.04 33.10
C ASN E 33 12.99 31.57 33.54
N PRO E 34 13.22 31.33 34.84
CA PRO E 34 13.31 29.94 35.31
C PRO E 34 11.98 29.22 35.40
N THR E 35 10.87 29.94 35.56
CA THR E 35 9.60 29.25 35.49
C THR E 35 9.42 28.61 34.12
N ASP E 36 10.18 29.05 33.12
CA ASP E 36 10.13 28.40 31.81
C ASP E 36 10.36 26.91 31.92
N LEU E 37 11.14 26.45 32.91
CA LEU E 37 11.42 25.03 32.98
C LEU E 37 10.24 24.23 33.49
N LEU E 38 9.37 24.87 34.28
CA LEU E 38 8.43 24.11 35.10
C LEU E 38 7.59 23.14 34.28
N ALA E 39 7.11 23.57 33.12
CA ALA E 39 6.25 22.73 32.29
C ALA E 39 6.91 21.37 32.04
N GLY E 40 8.16 21.42 31.57
CA GLY E 40 8.90 20.20 31.30
C GLY E 40 9.11 19.38 32.55
N LYS E 41 9.47 20.04 33.66
CA LYS E 41 9.65 19.29 34.88
C LYS E 41 8.38 18.58 35.23
N PHE E 42 7.25 19.24 34.99
CA PHE E 42 5.98 18.63 35.36
C PHE E 42 5.71 17.42 34.47
N THR E 43 5.87 17.59 33.16
CA THR E 43 5.47 16.48 32.30
C THR E 43 6.41 15.30 32.48
N ASP E 44 7.69 15.56 32.73
CA ASP E 44 8.59 14.45 33.02
C ASP E 44 8.13 13.71 34.27
N ALA E 45 7.89 14.46 35.36
CA ALA E 45 7.57 13.80 36.62
C ALA E 45 6.28 13.00 36.51
N LEU E 46 5.26 13.60 35.91
CA LEU E 46 3.99 12.91 35.70
C LEU E 46 4.17 11.70 34.78
N SER E 47 4.84 11.89 33.65
CA SER E 47 5.03 10.74 32.79
C SER E 47 5.83 9.68 33.52
N GLY E 48 6.86 10.11 34.26
CA GLY E 48 7.63 9.15 35.04
C GLY E 48 6.75 8.42 36.01
N GLY E 49 5.92 9.19 36.73
CA GLY E 49 5.02 8.60 37.71
C GLY E 49 4.15 7.54 37.08
N LEU E 50 3.64 7.80 35.88
CA LEU E 50 2.73 6.86 35.25
C LEU E 50 3.41 5.51 35.03
N LEU E 51 4.63 5.52 34.50
CA LEU E 51 5.29 4.25 34.25
C LEU E 51 5.69 3.61 35.56
N SER E 52 6.17 4.41 36.52
CA SER E 52 6.55 3.83 37.80
C SER E 52 5.34 3.21 38.48
N GLY E 53 4.19 3.83 38.34
CA GLY E 53 3.03 3.23 38.95
C GLY E 53 2.45 2.05 38.21
N GLY E 54 3.11 1.56 37.15
CA GLY E 54 2.66 0.36 36.49
C GLY E 54 1.61 0.57 35.42
N LEU E 55 1.59 1.75 34.78
CA LEU E 55 0.59 2.02 33.76
C LEU E 55 0.53 0.90 32.73
N LEU E 56 1.69 0.43 32.27
CA LEU E 56 1.66 -0.51 31.16
C LEU E 56 1.01 -1.82 31.56
N GLY E 57 1.34 -2.35 32.74
CA GLY E 57 0.70 -3.57 33.21
C GLY E 57 -0.79 -3.39 33.43
N ILE E 58 -1.17 -2.24 33.98
CA ILE E 58 -2.59 -1.93 34.15
C ILE E 58 -3.30 -1.98 32.80
N LEU E 59 -2.73 -1.35 31.79
CA LEU E 59 -3.36 -1.45 30.47
C LEU E 59 -3.43 -2.92 30.02
N GLU E 60 -2.35 -3.68 30.22
CA GLU E 60 -2.32 -5.06 29.76
C GLU E 60 -3.36 -5.93 30.46
N ASN E 61 -3.81 -5.56 31.66
CA ASN E 61 -4.73 -6.42 32.40
C ASN E 61 -6.17 -5.90 32.42
N ILE E 62 -6.52 -5.01 31.52
CA ILE E 62 -7.94 -4.66 31.45
C ILE E 62 -8.74 -5.89 31.02
N PRO E 63 -9.80 -6.25 31.75
CA PRO E 63 -10.63 -7.42 31.41
C PRO E 63 -11.63 -7.06 30.32
N LEU E 64 -11.10 -6.78 29.14
CA LEU E 64 -11.92 -6.23 28.05
C LEU E 64 -13.03 -7.21 27.62
N LEU E 65 -12.66 -8.48 27.43
CA LEU E 65 -13.64 -9.43 26.89
C LEU E 65 -14.70 -9.84 27.92
N ASP E 66 -14.45 -9.63 29.20
CA ASP E 66 -15.47 -9.93 30.19
C ASP E 66 -16.38 -8.74 30.36
N VAL E 67 -15.80 -7.53 30.35
CA VAL E 67 -16.61 -6.33 30.29
C VAL E 67 -17.52 -6.37 29.07
N ILE E 68 -17.07 -7.02 28.01
CA ILE E 68 -17.84 -6.99 26.78
C ILE E 68 -18.90 -8.07 26.80
N LYS E 69 -18.48 -9.30 27.07
CA LYS E 69 -19.41 -10.43 27.11
C LYS E 69 -20.43 -10.31 28.23
N SER E 70 -20.14 -9.56 29.30
CA SER E 70 -21.00 -9.61 30.47
C SER E 70 -21.02 -8.30 31.25
N GLY E 71 -20.00 -7.46 31.08
CA GLY E 71 -19.82 -6.33 31.97
C GLY E 71 -19.10 -6.77 33.24
N GLY E 72 -19.34 -6.02 34.32
CA GLY E 72 -18.79 -6.37 35.62
C GLY E 72 -18.23 -5.17 36.36
CA PRO E 91 -25.07 -15.45 16.11
C PRO E 91 -23.77 -14.68 16.33
N LEU E 92 -23.77 -13.39 15.97
CA LEU E 92 -22.69 -12.49 16.38
C LEU E 92 -21.36 -12.93 15.79
N LEU E 93 -20.95 -14.14 16.14
CA LEU E 93 -19.66 -14.75 15.78
C LEU E 93 -18.68 -14.57 16.92
N ASN E 94 -19.18 -14.37 18.13
CA ASN E 94 -18.30 -14.22 19.27
C ASN E 94 -17.60 -15.54 19.54
N ASN E 95 -16.64 -15.82 18.66
CA ASN E 95 -15.74 -16.97 18.70
C ASN E 95 -14.40 -16.58 19.34
N ILE E 96 -14.45 -15.63 20.25
CA ILE E 96 -13.23 -14.96 20.74
C ILE E 96 -12.75 -15.76 21.95
N LEU E 97 -12.02 -16.83 21.66
CA LEU E 97 -11.28 -17.54 22.70
C LEU E 97 -10.79 -16.55 23.75
N ASP E 98 -10.08 -15.52 23.33
CA ASP E 98 -9.58 -14.52 24.27
C ASP E 98 -9.13 -13.28 23.51
N ILE E 99 -8.83 -12.24 24.27
CA ILE E 99 -8.22 -11.02 23.77
C ILE E 99 -7.03 -10.71 24.67
N LYS E 100 -5.86 -10.59 24.08
CA LYS E 100 -4.65 -10.23 24.81
C LYS E 100 -4.25 -8.82 24.41
N ILE E 101 -3.92 -7.99 25.39
CA ILE E 101 -3.50 -6.62 25.14
C ILE E 101 -1.97 -6.59 25.23
N THR E 102 -1.33 -6.13 24.17
CA THR E 102 0.12 -6.08 24.09
C THR E 102 0.56 -4.69 23.66
N ASP E 103 1.87 -4.51 23.67
CA ASP E 103 2.52 -3.31 23.18
C ASP E 103 1.90 -2.01 23.72
N PRO E 104 1.63 -1.94 25.03
CA PRO E 104 1.13 -0.68 25.60
C PRO E 104 2.21 0.38 25.49
N GLN E 105 1.78 1.59 25.14
CA GLN E 105 2.72 2.68 24.98
C GLN E 105 2.14 3.97 25.54
N LEU E 106 2.99 4.71 26.25
CA LEU E 106 2.73 6.07 26.70
C LEU E 106 3.50 7.02 25.79
N LEU E 107 2.80 7.94 25.14
CA LEU E 107 3.49 8.90 24.29
C LEU E 107 3.81 10.17 25.07
N GLU E 108 4.51 11.09 24.41
CA GLU E 108 4.91 12.34 25.02
C GLU E 108 3.69 13.15 25.47
N LEU E 109 3.74 13.67 26.69
CA LEU E 109 2.58 14.40 27.20
C LEU E 109 2.46 15.79 26.55
N GLY E 110 1.22 16.26 26.40
CA GLY E 110 0.97 17.65 26.06
C GLY E 110 0.48 18.39 27.29
N LEU E 111 0.74 19.69 27.35
CA LEU E 111 0.34 20.48 28.51
C LEU E 111 -0.11 21.86 28.05
N VAL E 112 -1.30 22.30 28.49
CA VAL E 112 -1.80 23.64 28.18
C VAL E 112 -2.27 24.31 29.46
N GLN E 113 -2.01 25.62 29.58
CA GLN E 113 -2.46 26.39 30.72
C GLN E 113 -3.70 27.17 30.31
N SER E 114 -4.70 27.22 31.20
CA SER E 114 -5.93 27.93 30.90
C SER E 114 -5.66 29.42 30.70
N PRO E 115 -6.54 30.10 29.96
CA PRO E 115 -6.31 31.55 29.74
C PRO E 115 -6.26 32.33 31.04
N ASP E 116 -7.10 31.99 32.01
CA ASP E 116 -7.05 32.68 33.29
C ASP E 116 -5.85 32.24 34.14
N GLY E 117 -5.03 31.31 33.63
CA GLY E 117 -3.81 30.93 34.32
C GLY E 117 -4.00 29.99 35.49
N HIS E 118 -5.24 29.61 35.83
CA HIS E 118 -5.47 28.86 37.06
C HIS E 118 -5.45 27.35 36.91
N ARG E 119 -5.44 26.81 35.69
CA ARG E 119 -5.63 25.37 35.53
C ARG E 119 -4.68 24.85 34.48
N LEU E 120 -4.27 23.60 34.63
CA LEU E 120 -3.50 22.94 33.59
C LEU E 120 -4.33 21.82 33.00
N TYR E 121 -4.11 21.55 31.72
CA TYR E 121 -4.73 20.43 31.03
C TYR E 121 -3.61 19.57 30.43
N VAL E 122 -3.50 18.35 30.95
CA VAL E 122 -2.49 17.39 30.54
C VAL E 122 -3.12 16.44 29.54
N THR E 123 -2.50 16.30 28.39
CA THR E 123 -2.93 15.35 27.37
C THR E 123 -2.01 14.12 27.44
N ILE E 124 -2.60 12.96 27.75
CA ILE E 124 -1.91 11.71 27.99
C ILE E 124 -2.22 10.78 26.82
N PRO E 125 -1.35 10.71 25.82
CA PRO E 125 -1.62 9.85 24.66
C PRO E 125 -1.13 8.44 24.91
N LEU E 126 -2.01 7.48 24.68
CA LEU E 126 -1.82 6.07 24.94
C LEU E 126 -2.01 5.30 23.65
N GLY E 127 -1.24 4.22 23.50
CA GLY E 127 -1.45 3.29 22.44
C GLY E 127 -1.39 1.87 22.98
N LEU E 128 -2.02 0.96 22.26
CA LEU E 128 -1.93 -0.44 22.64
C LEU E 128 -2.43 -1.29 21.48
N THR E 129 -2.15 -2.60 21.55
CA THR E 129 -2.58 -3.53 20.52
C THR E 129 -3.51 -4.58 21.14
N LEU E 130 -4.65 -4.77 20.49
CA LEU E 130 -5.61 -5.81 20.82
C LEU E 130 -5.35 -7.04 19.95
N ASN E 131 -5.22 -8.19 20.58
CA ASN E 131 -4.95 -9.48 19.95
C ASN E 131 -6.17 -10.37 20.15
N VAL E 132 -7.00 -10.52 19.12
CA VAL E 132 -8.24 -11.26 19.25
C VAL E 132 -8.02 -12.64 18.64
N ASN E 133 -8.00 -13.65 19.52
CA ASN E 133 -7.78 -15.04 19.13
C ASN E 133 -9.11 -15.73 18.86
N MET E 134 -9.34 -16.11 17.60
CA MET E 134 -10.57 -16.81 17.24
C MET E 134 -10.20 -18.08 16.49
N PRO E 135 -9.86 -19.16 17.22
CA PRO E 135 -9.41 -20.38 16.53
C PRO E 135 -10.48 -21.01 15.65
N VAL E 136 -11.73 -21.04 16.13
CA VAL E 136 -12.84 -21.59 15.37
C VAL E 136 -12.86 -20.97 13.97
N VAL E 137 -13.16 -19.67 13.89
CA VAL E 137 -13.24 -18.97 12.61
C VAL E 137 -11.86 -18.88 11.98
N GLY E 138 -10.86 -19.44 12.65
CA GLY E 138 -9.51 -19.47 12.14
C GLY E 138 -8.90 -18.10 11.89
N SER E 139 -8.80 -17.26 12.91
CA SER E 139 -8.26 -15.92 12.72
C SER E 139 -7.56 -15.46 14.00
N LEU E 140 -6.56 -14.59 13.81
CA LEU E 140 -5.96 -13.84 14.91
C LEU E 140 -5.85 -12.41 14.41
N LEU E 141 -6.66 -11.53 14.99
CA LEU E 141 -6.75 -10.14 14.58
C LEU E 141 -5.93 -9.26 15.49
N GLN E 142 -5.00 -8.51 14.93
CA GLN E 142 -4.28 -7.48 15.66
C GLN E 142 -4.84 -6.13 15.29
N LEU E 143 -5.26 -5.38 16.32
CA LEU E 143 -5.86 -4.06 16.20
C LEU E 143 -5.00 -3.05 16.94
N ALA E 144 -4.61 -1.99 16.24
CA ALA E 144 -3.92 -0.88 16.86
C ALA E 144 -4.93 0.11 17.43
N VAL E 145 -4.81 0.41 18.71
CA VAL E 145 -5.67 1.36 19.41
C VAL E 145 -4.83 2.56 19.80
N LYS E 146 -5.40 3.75 19.61
CA LYS E 146 -4.86 4.98 20.18
C LYS E 146 -5.98 5.68 20.96
N LEU E 147 -5.59 6.37 22.04
CA LEU E 147 -6.57 7.04 22.90
C LEU E 147 -5.85 8.10 23.72
N ASN E 148 -6.48 9.26 23.86
CA ASN E 148 -5.95 10.30 24.72
C ASN E 148 -6.82 10.46 25.96
N ILE E 149 -6.18 10.69 27.09
CA ILE E 149 -6.86 11.11 28.31
C ILE E 149 -6.49 12.56 28.59
N THR E 150 -7.45 13.39 28.94
CA THR E 150 -7.19 14.77 29.34
C THR E 150 -7.43 14.85 30.84
N ALA E 151 -6.45 15.37 31.57
CA ALA E 151 -6.56 15.50 33.02
C ALA E 151 -6.41 16.96 33.39
N GLU E 152 -7.39 17.54 34.08
CA GLU E 152 -7.19 18.93 34.48
C GLU E 152 -6.62 18.92 35.88
N VAL E 153 -5.58 19.74 36.08
CA VAL E 153 -4.87 19.85 37.35
C VAL E 153 -5.11 21.24 37.90
N LEU E 154 -5.45 21.29 39.20
CA LEU E 154 -5.79 22.48 39.95
C LEU E 154 -4.88 22.60 41.17
N ALA E 155 -4.77 23.79 41.74
CA ALA E 155 -4.11 23.97 43.02
C ALA E 155 -5.16 24.26 44.08
N VAL E 156 -5.08 23.57 45.22
CA VAL E 156 -6.07 23.72 46.29
C VAL E 156 -5.38 23.44 47.61
N LYS E 157 -5.86 24.11 48.65
CA LYS E 157 -5.32 23.94 50.00
C LYS E 157 -6.14 22.93 50.78
N ASP E 158 -5.47 22.15 51.60
CA ASP E 158 -6.14 21.18 52.45
C ASP E 158 -6.63 21.89 53.72
N ASN E 159 -7.35 21.15 54.57
CA ASN E 159 -7.92 21.79 55.76
C ASN E 159 -6.85 22.35 56.67
N GLN E 160 -5.59 21.96 56.48
CA GLN E 160 -4.49 22.48 57.28
C GLN E 160 -3.78 23.65 56.61
N GLY E 161 -4.26 24.12 55.47
CA GLY E 161 -3.58 25.20 54.77
C GLY E 161 -2.47 24.77 53.83
N ARG E 162 -2.18 23.46 53.72
CA ARG E 162 -1.15 22.99 52.80
C ARG E 162 -1.66 22.98 51.37
N ILE E 163 -0.84 23.46 50.46
CA ILE E 163 -1.23 23.55 49.07
C ILE E 163 -0.85 22.27 48.34
N HIS E 164 -1.72 21.86 47.44
CA HIS E 164 -1.55 20.62 46.70
C HIS E 164 -1.96 20.86 45.26
N LEU E 165 -1.41 20.04 44.38
CA LEU E 165 -1.94 19.87 43.03
C LEU E 165 -2.92 18.71 43.09
N VAL E 166 -4.13 18.93 42.55
CA VAL E 166 -5.16 17.90 42.61
C VAL E 166 -5.75 17.72 41.22
N LEU E 167 -6.30 16.53 41.00
CA LEU E 167 -6.99 16.19 39.77
C LEU E 167 -8.38 16.80 39.74
N GLY E 168 -8.67 17.58 38.69
CA GLY E 168 -10.00 18.08 38.47
C GLY E 168 -10.79 17.16 37.59
N ASP E 169 -11.30 17.64 36.46
CA ASP E 169 -11.93 16.77 35.50
C ASP E 169 -10.89 15.81 34.89
N CYS E 170 -11.29 14.55 34.69
CA CYS E 170 -10.39 13.61 34.02
C CYS E 170 -11.19 12.67 33.14
N THR E 171 -10.86 12.67 31.85
CA THR E 171 -11.70 11.91 30.92
C THR E 171 -11.01 11.83 29.57
N HIS E 172 -11.40 10.84 28.80
CA HIS E 172 -10.78 10.73 27.49
C HIS E 172 -11.23 11.86 26.56
N SER E 173 -10.35 12.19 25.64
CA SER E 173 -10.59 13.26 24.68
C SER E 173 -11.57 12.78 23.61
N PRO E 174 -12.68 13.48 23.40
CA PRO E 174 -13.63 13.07 22.36
C PRO E 174 -12.96 12.90 21.00
N GLY E 175 -13.27 11.79 20.32
CA GLY E 175 -12.74 11.58 18.98
C GLY E 175 -11.27 11.25 18.87
N SER E 176 -10.58 10.93 19.97
CA SER E 176 -9.19 10.52 19.91
C SER E 176 -9.02 9.01 19.91
N LEU E 177 -10.07 8.25 20.14
CA LEU E 177 -10.02 6.80 20.02
C LEU E 177 -9.79 6.41 18.55
N LYS E 178 -8.74 5.64 18.30
CA LYS E 178 -8.48 5.20 16.96
C LYS E 178 -8.25 3.71 16.98
N ILE E 179 -9.06 2.98 16.22
CA ILE E 179 -8.95 1.53 16.13
C ILE E 179 -8.76 1.20 14.67
N SER E 180 -7.64 0.58 14.36
CA SER E 180 -7.29 0.27 12.99
C SER E 180 -6.81 -1.16 12.91
N LEU E 181 -7.22 -1.88 11.87
CA LEU E 181 -6.77 -3.25 11.70
C LEU E 181 -5.32 -3.28 11.25
N LEU E 182 -4.47 -3.88 12.07
CA LEU E 182 -3.04 -3.95 11.85
C LEU E 182 -2.63 -5.26 11.19
N ASN E 183 -3.14 -6.38 11.70
CA ASN E 183 -2.71 -7.68 11.22
C ASN E 183 -3.87 -8.67 11.35
N GLY E 184 -3.88 -9.69 10.49
CA GLY E 184 -4.89 -10.72 10.55
C GLY E 184 -6.04 -10.45 9.59
N VAL E 185 -6.87 -11.47 9.41
CA VAL E 185 -8.01 -11.39 8.49
C VAL E 185 -9.28 -11.61 9.29
N THR E 186 -10.27 -10.76 9.04
CA THR E 186 -11.57 -10.96 9.67
C THR E 186 -12.30 -12.09 8.95
N PRO E 187 -12.99 -12.97 9.69
CA PRO E 187 -13.75 -14.03 9.00
C PRO E 187 -14.91 -13.45 8.21
N VAL E 188 -15.49 -12.37 8.72
CA VAL E 188 -16.55 -11.62 8.05
C VAL E 188 -16.48 -10.18 8.55
N GLN E 189 -16.49 -9.22 7.62
CA GLN E 189 -16.31 -7.81 7.98
C GLN E 189 -17.30 -7.39 9.05
N SER E 190 -18.59 -7.60 8.80
CA SER E 190 -19.67 -7.31 9.74
C SER E 190 -19.26 -7.61 11.17
N PHE E 191 -18.41 -8.62 11.35
CA PHE E 191 -17.87 -8.93 12.65
C PHE E 191 -16.82 -7.94 13.09
N LEU E 192 -15.89 -7.55 12.21
CA LEU E 192 -14.92 -6.53 12.58
C LEU E 192 -15.58 -5.19 12.85
N ASP E 193 -16.65 -4.86 12.12
CA ASP E 193 -17.38 -3.62 12.39
C ASP E 193 -18.13 -3.70 13.72
N ASN E 194 -18.74 -4.84 14.02
CA ASN E 194 -19.43 -4.96 15.30
C ASN E 194 -18.44 -4.89 16.46
N LEU E 195 -17.28 -5.52 16.29
CA LEU E 195 -16.25 -5.50 17.31
C LEU E 195 -15.75 -4.08 17.53
N THR E 196 -15.53 -3.35 16.43
CA THR E 196 -15.12 -1.96 16.54
C THR E 196 -16.18 -1.12 17.25
N GLY E 197 -17.47 -1.37 16.99
CA GLY E 197 -18.52 -0.61 17.68
C GLY E 197 -18.55 -0.87 19.18
N ILE E 198 -18.52 -2.14 19.56
CA ILE E 198 -18.46 -2.48 20.98
C ILE E 198 -17.25 -1.82 21.63
N LEU E 199 -16.09 -1.95 21.00
CA LEU E 199 -14.86 -1.38 21.53
C LEU E 199 -14.99 0.12 21.70
N THR E 200 -15.58 0.80 20.72
CA THR E 200 -15.76 2.24 20.84
C THR E 200 -16.53 2.56 22.09
N LYS E 201 -17.50 1.72 22.42
CA LYS E 201 -18.33 2.00 23.58
C LYS E 201 -17.63 1.69 24.90
N VAL E 202 -16.72 0.73 24.89
CA VAL E 202 -16.20 0.13 26.12
C VAL E 202 -14.80 0.62 26.46
N LEU E 203 -13.96 0.75 25.45
CA LEU E 203 -12.53 0.83 25.67
C LEU E 203 -12.14 2.16 26.30
N PRO E 204 -12.65 3.30 25.84
CA PRO E 204 -12.27 4.56 26.50
C PRO E 204 -12.64 4.62 27.96
N GLU E 205 -13.82 4.13 28.33
CA GLU E 205 -14.25 4.20 29.71
C GLU E 205 -13.39 3.31 30.61
N LEU E 206 -13.08 2.09 30.16
CA LEU E 206 -12.17 1.25 30.92
C LEU E 206 -10.80 1.92 31.09
N ILE E 207 -10.25 2.42 29.98
CA ILE E 207 -8.93 3.01 30.06
C ILE E 207 -8.93 4.20 31.01
N GLN E 208 -9.94 5.06 30.91
CA GLN E 208 -9.89 6.26 31.74
C GLN E 208 -10.16 5.91 33.19
N GLY E 209 -11.07 4.98 33.45
CA GLY E 209 -11.30 4.52 34.81
C GLY E 209 -10.08 3.90 35.44
N LYS E 210 -9.14 3.41 34.64
CA LYS E 210 -7.87 3.02 35.23
C LYS E 210 -6.86 4.17 35.33
N VAL E 211 -6.79 5.05 34.31
CA VAL E 211 -5.71 6.03 34.24
C VAL E 211 -5.92 7.21 35.17
N CYS E 212 -7.16 7.69 35.28
CA CYS E 212 -7.42 8.87 36.09
C CYS E 212 -7.11 8.65 37.58
N PRO E 213 -7.49 7.52 38.22
CA PRO E 213 -7.07 7.31 39.63
C PRO E 213 -5.55 7.28 39.80
N LEU E 214 -4.87 6.68 38.82
CA LEU E 214 -3.42 6.65 38.83
C LEU E 214 -2.86 8.05 38.77
N VAL E 215 -3.40 8.90 37.89
CA VAL E 215 -2.94 10.28 37.81
C VAL E 215 -3.15 10.99 39.14
N ASN E 216 -4.28 10.74 39.78
CA ASN E 216 -4.56 11.38 41.07
C ASN E 216 -3.48 11.02 42.08
N GLY E 217 -3.20 9.71 42.23
CA GLY E 217 -2.19 9.26 43.17
C GLY E 217 -0.82 9.84 42.85
N ILE E 218 -0.47 9.86 41.57
CA ILE E 218 0.82 10.42 41.16
C ILE E 218 0.92 11.90 41.58
N LEU E 219 -0.11 12.69 41.28
CA LEU E 219 -0.12 14.09 41.70
C LEU E 219 0.10 14.21 43.20
N SER E 220 -0.62 13.41 43.98
CA SER E 220 -0.45 13.60 45.42
C SER E 220 0.95 13.23 45.86
N GLY E 221 1.67 12.44 45.08
CA GLY E 221 3.01 12.06 45.46
C GLY E 221 4.15 12.81 44.81
N LEU E 222 3.88 13.86 44.05
CA LEU E 222 4.97 14.57 43.38
C LEU E 222 5.91 15.23 44.38
N ASP E 223 7.11 15.52 43.91
CA ASP E 223 8.07 16.35 44.62
C ASP E 223 7.41 17.61 45.18
N VAL E 224 7.51 17.78 46.50
CA VAL E 224 6.84 18.89 47.18
C VAL E 224 7.30 20.24 46.63
N THR E 225 8.56 20.33 46.21
CA THR E 225 9.08 21.61 45.74
C THR E 225 8.42 22.02 44.42
N LEU E 226 8.41 21.08 43.47
CA LEU E 226 7.73 21.28 42.19
C LEU E 226 6.25 21.58 42.39
N VAL E 227 5.60 20.80 43.27
CA VAL E 227 4.20 21.04 43.61
C VAL E 227 4.01 22.47 44.07
N HIS E 228 4.85 22.94 44.99
CA HIS E 228 4.66 24.27 45.56
C HIS E 228 4.80 25.32 44.50
N ASN E 229 5.85 25.21 43.69
CA ASN E 229 6.12 26.24 42.68
C ASN E 229 5.01 26.27 41.63
N ILE E 230 4.63 25.10 41.12
CA ILE E 230 3.55 25.14 40.13
C ILE E 230 2.25 25.59 40.77
N ALA E 231 1.93 25.09 41.96
CA ALA E 231 0.65 25.45 42.57
C ALA E 231 0.59 26.93 42.87
N GLU E 232 1.68 27.53 43.34
CA GLU E 232 1.71 28.97 43.53
C GLU E 232 1.43 29.70 42.23
N LEU E 233 2.05 29.26 41.12
CA LEU E 233 1.73 29.89 39.85
C LEU E 233 0.25 29.78 39.54
N LEU E 234 -0.31 28.57 39.66
CA LEU E 234 -1.72 28.38 39.30
C LEU E 234 -2.66 29.17 40.20
N ILE E 235 -2.37 29.18 41.50
CA ILE E 235 -3.27 29.77 42.48
C ILE E 235 -3.34 31.28 42.30
N HIS E 236 -2.29 31.89 41.74
CA HIS E 236 -2.28 33.32 41.40
C HIS E 236 -2.61 33.59 39.94
N GLY E 237 -3.01 32.58 39.16
CA GLY E 237 -3.34 32.80 37.75
C GLY E 237 -2.21 33.30 36.90
N LEU E 238 -0.97 32.91 37.20
CA LEU E 238 0.19 33.40 36.47
C LEU E 238 0.56 32.45 35.33
N GLN E 239 0.62 32.98 34.11
CA GLN E 239 0.96 32.15 32.96
C GLN E 239 2.38 31.67 33.07
N PHE E 240 2.61 30.43 32.66
CA PHE E 240 4.00 29.98 32.71
C PHE E 240 4.28 28.92 31.66
N VAL E 241 3.25 28.22 31.17
CA VAL E 241 3.38 27.22 30.13
C VAL E 241 3.39 27.94 28.79
N ILE E 242 4.44 27.76 28.01
CA ILE E 242 4.61 28.53 26.79
C ILE E 242 4.09 27.77 25.56
N LYS E 243 3.18 28.42 24.84
CA LYS E 243 2.58 27.93 23.60
C LYS E 243 3.47 28.19 22.39
N LEU F 30 24.88 -13.87 -11.85
CA LEU F 30 25.67 -12.97 -12.69
C LEU F 30 24.87 -12.17 -13.74
N PRO F 31 23.55 -12.41 -13.89
CA PRO F 31 22.81 -11.72 -14.95
C PRO F 31 21.98 -10.54 -14.48
N SER F 32 21.99 -9.47 -15.29
CA SER F 32 21.10 -8.32 -15.18
C SER F 32 20.17 -8.39 -13.98
N ASN F 33 18.87 -8.61 -14.25
CA ASN F 33 17.86 -8.72 -13.20
C ASN F 33 17.74 -10.17 -12.75
N PRO F 34 17.90 -10.46 -11.46
CA PRO F 34 17.97 -11.86 -11.05
C PRO F 34 16.65 -12.59 -11.11
N THR F 35 15.53 -11.87 -11.00
CA THR F 35 14.26 -12.56 -11.08
C THR F 35 14.06 -13.17 -12.45
N ASP F 36 14.83 -12.73 -13.44
CA ASP F 36 14.81 -13.39 -14.74
C ASP F 36 15.05 -14.89 -14.61
N LEU F 37 15.85 -15.31 -13.63
CA LEU F 37 16.15 -16.73 -13.49
C LEU F 37 15.01 -17.51 -12.86
N LEU F 38 14.11 -16.83 -12.14
CA LEU F 38 13.13 -17.53 -11.32
C LEU F 38 12.31 -18.53 -12.13
N ALA F 39 11.82 -18.13 -13.31
CA ALA F 39 11.01 -19.03 -14.11
C ALA F 39 11.73 -20.35 -14.34
N GLY F 40 12.99 -20.27 -14.81
CA GLY F 40 13.75 -21.48 -15.08
C GLY F 40 13.95 -22.30 -13.82
N LYS F 41 14.27 -21.62 -12.72
CA LYS F 41 14.45 -22.34 -11.48
C LYS F 41 13.18 -23.08 -11.12
N PHE F 42 12.03 -22.45 -11.39
CA PHE F 42 10.78 -23.07 -11.05
C PHE F 42 10.52 -24.29 -11.93
N THR F 43 10.74 -24.13 -13.25
CA THR F 43 10.41 -25.26 -14.12
C THR F 43 11.35 -26.42 -13.86
N ASP F 44 12.64 -26.14 -13.63
CA ASP F 44 13.55 -27.25 -13.30
C ASP F 44 13.06 -27.98 -12.06
N ALA F 45 12.75 -27.22 -11.00
CA ALA F 45 12.40 -27.87 -9.75
C ALA F 45 11.13 -28.69 -9.93
N LEU F 46 10.13 -28.11 -10.60
CA LEU F 46 8.90 -28.85 -10.79
C LEU F 46 9.15 -30.07 -11.68
N SER F 47 9.84 -29.86 -12.80
CA SER F 47 10.11 -31.02 -13.64
C SER F 47 10.95 -32.02 -12.89
N GLY F 48 11.95 -31.53 -12.14
CA GLY F 48 12.75 -32.44 -11.34
C GLY F 48 11.88 -33.19 -10.35
N GLY F 49 11.01 -32.45 -9.66
CA GLY F 49 10.11 -33.05 -8.70
C GLY F 49 9.27 -34.13 -9.33
N LEU F 50 8.80 -33.90 -10.57
CA LEU F 50 7.96 -34.90 -11.21
C LEU F 50 8.70 -36.21 -11.41
N LEU F 51 9.94 -36.15 -11.91
CA LEU F 51 10.64 -37.40 -12.17
C LEU F 51 11.06 -38.07 -10.86
N SER F 52 11.58 -37.30 -9.90
CA SER F 52 11.95 -37.86 -8.61
C SER F 52 10.76 -38.54 -7.94
N GLY F 53 9.56 -37.96 -8.11
CA GLY F 53 8.38 -38.52 -7.52
C GLY F 53 7.78 -39.69 -8.24
N GLY F 54 8.45 -40.21 -9.29
CA GLY F 54 8.01 -41.41 -9.97
C GLY F 54 6.98 -41.24 -11.07
N LEU F 55 6.93 -40.08 -11.74
CA LEU F 55 5.94 -39.85 -12.78
C LEU F 55 5.93 -40.95 -13.82
N LEU F 56 7.11 -41.39 -14.25
CA LEU F 56 7.15 -42.30 -15.39
C LEU F 56 6.56 -43.65 -15.01
N GLY F 57 6.95 -44.19 -13.85
CA GLY F 57 6.35 -45.45 -13.43
C GLY F 57 4.85 -45.35 -13.23
N ILE F 58 4.40 -44.26 -12.61
CA ILE F 58 2.97 -44.02 -12.43
C ILE F 58 2.25 -44.01 -13.78
N LEU F 59 2.83 -43.34 -14.78
CA LEU F 59 2.21 -43.39 -16.10
C LEU F 59 2.17 -44.81 -16.62
N GLU F 60 3.26 -45.55 -16.46
CA GLU F 60 3.34 -46.92 -16.97
C GLU F 60 2.34 -47.85 -16.30
N ASN F 61 1.90 -47.57 -15.09
CA ASN F 61 1.02 -48.51 -14.43
C ASN F 61 -0.44 -48.06 -14.41
N ILE F 62 -0.81 -47.12 -15.28
CA ILE F 62 -2.23 -46.83 -15.37
C ILE F 62 -2.95 -48.06 -15.92
N PRO F 63 -4.00 -48.53 -15.26
CA PRO F 63 -4.76 -49.73 -15.64
C PRO F 63 -5.76 -49.38 -16.73
N LEU F 64 -5.20 -49.03 -17.88
CA LEU F 64 -6.00 -48.44 -18.95
C LEU F 64 -7.07 -49.41 -19.43
N LEU F 65 -6.69 -50.67 -19.70
CA LEU F 65 -7.66 -51.58 -20.28
C LEU F 65 -8.70 -52.02 -19.26
N ASP F 66 -8.42 -51.84 -17.98
CA ASP F 66 -9.42 -52.24 -17.01
C ASP F 66 -10.39 -51.11 -16.77
N VAL F 67 -9.88 -49.87 -16.69
CA VAL F 67 -10.74 -48.68 -16.70
C VAL F 67 -11.63 -48.67 -17.94
N ILE F 68 -11.17 -49.23 -19.04
CA ILE F 68 -11.95 -49.13 -20.25
C ILE F 68 -13.00 -50.24 -20.29
N LYS F 69 -12.69 -51.43 -19.76
CA LYS F 69 -13.72 -52.46 -19.68
C LYS F 69 -14.73 -52.20 -18.57
N SER F 70 -14.34 -51.51 -17.48
CA SER F 70 -15.26 -51.38 -16.36
C SER F 70 -15.14 -50.06 -15.60
N GLY F 71 -14.10 -49.28 -15.89
CA GLY F 71 -13.83 -48.07 -15.14
C GLY F 71 -12.93 -48.29 -13.93
N GLY F 72 -13.04 -47.37 -12.97
CA GLY F 72 -12.29 -47.47 -11.73
C GLY F 72 -12.93 -46.69 -10.59
N GLY F 73 -13.72 -45.68 -10.92
CA GLY F 73 -14.44 -44.91 -9.91
C GLY F 73 -15.45 -45.73 -9.11
N GLY F 77 -18.96 -49.89 -8.75
CA GLY F 77 -20.02 -50.80 -8.32
C GLY F 77 -21.16 -50.94 -9.32
N LEU F 78 -22.09 -49.97 -9.28
CA LEU F 78 -23.14 -49.94 -10.29
C LEU F 78 -22.59 -49.53 -11.65
N VAL F 79 -21.91 -48.38 -11.71
CA VAL F 79 -21.29 -47.95 -12.97
C VAL F 79 -20.28 -48.99 -13.44
N GLY F 80 -19.50 -49.54 -12.51
CA GLY F 80 -18.56 -50.59 -12.89
C GLY F 80 -19.22 -51.71 -13.65
N GLY F 81 -20.33 -52.25 -13.10
CA GLY F 81 -21.07 -53.28 -13.80
C GLY F 81 -21.74 -52.80 -15.08
N LEU F 82 -22.22 -51.55 -15.09
CA LEU F 82 -22.84 -51.02 -16.31
C LEU F 82 -21.85 -50.96 -17.47
N LEU F 83 -20.66 -50.41 -17.23
CA LEU F 83 -19.64 -50.45 -18.26
C LEU F 83 -19.21 -51.87 -18.57
N GLY F 84 -18.93 -52.64 -17.52
CA GLY F 84 -18.53 -54.03 -17.71
C GLY F 84 -19.45 -54.77 -18.67
N LYS F 85 -20.77 -54.47 -18.61
CA LYS F 85 -21.70 -55.09 -19.53
C LYS F 85 -21.65 -54.42 -20.90
N LEU F 86 -21.76 -53.08 -20.92
CA LEU F 86 -21.69 -52.34 -22.18
C LEU F 86 -20.46 -52.75 -22.99
N THR F 87 -19.26 -52.44 -22.47
CA THR F 87 -18.03 -52.75 -23.20
C THR F 87 -17.82 -54.25 -23.36
N SER F 88 -18.53 -55.07 -22.58
CA SER F 88 -18.44 -56.52 -22.73
C SER F 88 -19.00 -56.99 -24.07
N SER F 89 -19.71 -56.13 -24.80
CA SER F 89 -20.32 -56.48 -26.08
C SER F 89 -19.49 -56.01 -27.26
N VAL F 90 -19.14 -54.73 -27.29
CA VAL F 90 -18.34 -54.16 -28.38
C VAL F 90 -17.20 -55.12 -28.69
N PRO F 91 -17.12 -55.63 -29.92
CA PRO F 91 -16.14 -56.71 -30.21
C PRO F 91 -14.71 -56.22 -30.25
N LEU F 92 -14.47 -55.01 -30.78
CA LEU F 92 -13.20 -54.34 -30.54
C LEU F 92 -12.63 -54.70 -29.18
N LEU F 93 -13.35 -54.36 -28.10
CA LEU F 93 -12.83 -54.54 -26.74
C LEU F 93 -12.56 -56.01 -26.45
N ASN F 94 -13.38 -56.89 -26.98
CA ASN F 94 -13.15 -58.31 -26.77
C ASN F 94 -11.90 -58.80 -27.50
N ASN F 95 -11.44 -58.07 -28.51
CA ASN F 95 -10.25 -58.52 -29.22
C ASN F 95 -8.97 -57.86 -28.72
N ILE F 96 -8.99 -57.22 -27.54
CA ILE F 96 -7.81 -56.58 -27.00
C ILE F 96 -7.20 -57.38 -25.85
N LEU F 97 -6.34 -58.35 -26.17
CA LEU F 97 -5.59 -59.09 -25.15
C LEU F 97 -5.12 -58.21 -23.97
N ASP F 98 -4.36 -57.15 -24.25
CA ASP F 98 -3.93 -56.26 -23.16
C ASP F 98 -3.38 -54.96 -23.77
N ILE F 99 -3.11 -54.01 -22.87
CA ILE F 99 -2.46 -52.75 -23.23
C ILE F 99 -1.32 -52.51 -22.27
N LYS F 100 -0.13 -52.29 -22.81
CA LYS F 100 1.07 -51.97 -22.07
C LYS F 100 1.52 -50.53 -22.40
N ILE F 101 1.80 -49.74 -21.37
CA ILE F 101 2.21 -48.35 -21.57
C ILE F 101 3.73 -48.25 -21.43
N THR F 102 4.40 -47.77 -22.48
CA THR F 102 5.86 -47.68 -22.48
C THR F 102 6.34 -46.30 -22.93
N ASP F 103 7.65 -46.13 -22.83
CA ASP F 103 8.35 -44.94 -23.32
C ASP F 103 7.70 -43.63 -22.87
N PRO F 104 7.35 -43.50 -21.59
CA PRO F 104 6.81 -42.24 -21.09
C PRO F 104 7.87 -41.16 -21.15
N GLN F 105 7.46 -39.96 -21.50
CA GLN F 105 8.44 -38.88 -21.57
C GLN F 105 7.81 -37.61 -21.02
N LEU F 106 8.59 -36.88 -20.24
CA LEU F 106 8.23 -35.55 -19.79
C LEU F 106 9.01 -34.55 -20.64
N LEU F 107 8.31 -33.64 -21.30
CA LEU F 107 9.00 -32.66 -22.11
C LEU F 107 9.27 -31.39 -21.30
N GLU F 108 9.95 -30.43 -21.93
CA GLU F 108 10.29 -29.18 -21.27
C GLU F 108 9.03 -28.43 -20.83
N LEU F 109 9.02 -27.95 -19.59
CA LEU F 109 7.82 -27.27 -19.12
C LEU F 109 7.70 -25.86 -19.70
N GLY F 110 6.46 -25.45 -19.94
CA GLY F 110 6.16 -24.07 -20.29
C GLY F 110 5.60 -23.33 -19.10
N LEU F 111 5.83 -22.03 -19.06
CA LEU F 111 5.39 -21.23 -17.93
C LEU F 111 4.93 -19.87 -18.45
N VAL F 112 3.73 -19.47 -18.05
CA VAL F 112 3.20 -18.15 -18.39
C VAL F 112 2.71 -17.50 -17.12
N GLN F 113 2.94 -16.21 -17.00
CA GLN F 113 2.40 -15.45 -15.87
C GLN F 113 1.16 -14.70 -16.35
N SER F 114 0.12 -14.71 -15.52
CA SER F 114 -1.10 -14.00 -15.87
C SER F 114 -0.84 -12.49 -16.00
N PRO F 115 -1.65 -11.78 -16.78
CA PRO F 115 -1.43 -10.33 -16.93
C PRO F 115 -1.52 -9.56 -15.62
N ASP F 116 -2.36 -9.95 -14.66
CA ASP F 116 -2.34 -9.23 -13.41
C ASP F 116 -1.19 -9.63 -12.49
N GLY F 117 -0.36 -10.59 -12.89
CA GLY F 117 0.82 -10.98 -12.15
C GLY F 117 0.60 -11.92 -10.98
N HIS F 118 -0.64 -12.28 -10.66
CA HIS F 118 -0.88 -13.05 -9.44
C HIS F 118 -0.85 -14.56 -9.62
N ARG F 119 -0.77 -15.06 -10.84
CA ARG F 119 -0.94 -16.49 -11.07
C ARG F 119 0.08 -16.93 -12.09
N LEU F 120 0.47 -18.20 -11.98
CA LEU F 120 1.31 -18.83 -12.99
C LEU F 120 0.51 -19.96 -13.62
N TYR F 121 0.76 -20.21 -14.90
CA TYR F 121 0.20 -21.36 -15.59
C TYR F 121 1.35 -22.19 -16.13
N VAL F 122 1.49 -23.40 -15.59
CA VAL F 122 2.54 -24.34 -15.97
C VAL F 122 1.93 -25.32 -16.96
N THR F 123 2.57 -25.44 -18.12
CA THR F 123 2.20 -26.42 -19.13
C THR F 123 3.14 -27.61 -19.02
N ILE F 124 2.57 -28.78 -18.72
CA ILE F 124 3.33 -30.00 -18.49
C ILE F 124 3.08 -30.93 -19.67
N PRO F 125 3.96 -30.96 -20.65
CA PRO F 125 3.73 -31.79 -21.83
C PRO F 125 4.24 -33.21 -21.64
N LEU F 126 3.40 -34.19 -21.92
CA LEU F 126 3.65 -35.61 -21.69
C LEU F 126 3.52 -36.35 -23.01
N GLY F 127 4.34 -37.39 -23.15
CA GLY F 127 4.22 -38.32 -24.24
C GLY F 127 4.30 -39.74 -23.70
N LEU F 128 3.71 -40.66 -24.45
CA LEU F 128 3.81 -42.06 -24.07
C LEU F 128 3.37 -42.91 -25.26
N THR F 129 3.65 -44.22 -25.17
CA THR F 129 3.29 -45.15 -26.23
C THR F 129 2.35 -46.21 -25.65
N LEU F 130 1.25 -46.45 -26.34
CA LEU F 130 0.34 -47.55 -26.02
C LEU F 130 0.69 -48.74 -26.90
N ASN F 131 0.86 -49.91 -26.28
CA ASN F 131 1.18 -51.17 -26.94
C ASN F 131 -0.05 -52.05 -26.74
N VAL F 132 -0.83 -52.19 -27.79
CA VAL F 132 -2.12 -52.86 -27.79
C VAL F 132 -1.96 -54.22 -28.43
N ASN F 133 -2.13 -55.29 -27.65
CA ASN F 133 -2.06 -56.64 -28.20
C ASN F 133 -3.45 -56.97 -28.74
N MET F 134 -3.57 -56.89 -30.06
CA MET F 134 -4.82 -57.11 -30.80
C MET F 134 -4.52 -58.04 -31.98
N PRO F 135 -4.58 -59.35 -31.77
CA PRO F 135 -4.06 -60.28 -32.80
C PRO F 135 -4.67 -60.12 -34.18
N VAL F 136 -5.96 -59.83 -34.29
CA VAL F 136 -6.59 -59.61 -35.59
C VAL F 136 -5.79 -58.63 -36.46
N VAL F 137 -4.92 -57.82 -35.84
CA VAL F 137 -4.22 -56.78 -36.59
C VAL F 137 -2.98 -57.33 -37.32
N GLY F 138 -2.47 -58.50 -36.94
CA GLY F 138 -1.27 -59.04 -37.54
C GLY F 138 0.03 -58.63 -36.87
N SER F 139 0.00 -57.56 -36.07
CA SER F 139 1.19 -57.02 -35.44
C SER F 139 0.81 -56.32 -34.15
N LEU F 140 1.79 -56.15 -33.27
CA LEU F 140 1.61 -55.30 -32.09
C LEU F 140 1.12 -53.93 -32.52
N LEU F 141 0.01 -53.47 -31.95
CA LEU F 141 -0.56 -52.20 -32.36
C LEU F 141 0.01 -51.10 -31.47
N GLN F 142 0.76 -50.16 -32.04
CA GLN F 142 1.39 -49.07 -31.29
C GLN F 142 0.78 -47.71 -31.58
N LEU F 143 0.44 -46.99 -30.51
CA LEU F 143 -0.15 -45.65 -30.59
C LEU F 143 0.75 -44.65 -29.85
N ALA F 144 1.15 -43.59 -30.54
CA ALA F 144 1.87 -42.46 -29.96
C ALA F 144 0.85 -41.49 -29.37
N VAL F 145 1.00 -41.19 -28.09
CA VAL F 145 0.11 -40.31 -27.35
C VAL F 145 0.87 -39.08 -26.89
N LYS F 146 0.24 -37.93 -27.04
CA LYS F 146 0.71 -36.70 -26.45
C LYS F 146 -0.43 -36.05 -25.69
N LEU F 147 -0.09 -35.37 -24.61
CA LEU F 147 -1.09 -34.74 -23.76
C LEU F 147 -0.38 -33.67 -22.96
N ASN F 148 -1.01 -32.52 -22.80
CA ASN F 148 -0.50 -31.50 -21.90
C ASN F 148 -1.45 -31.39 -20.72
N ILE F 149 -0.88 -31.19 -19.55
CA ILE F 149 -1.66 -30.83 -18.37
C ILE F 149 -1.33 -29.38 -18.04
N THR F 150 -2.33 -28.57 -17.74
CA THR F 150 -2.12 -27.19 -17.32
C THR F 150 -2.41 -27.08 -15.84
N ALA F 151 -1.45 -26.55 -15.08
CA ALA F 151 -1.55 -26.39 -13.63
C ALA F 151 -1.43 -24.90 -13.29
N GLU F 152 -2.43 -24.34 -12.62
CA GLU F 152 -2.29 -22.96 -12.20
C GLU F 152 -1.75 -22.95 -10.79
N VAL F 153 -0.74 -22.12 -10.59
CA VAL F 153 -0.04 -22.00 -9.32
C VAL F 153 -0.36 -20.61 -8.79
N LEU F 154 -0.75 -20.56 -7.52
CA LEU F 154 -1.17 -19.37 -6.80
C LEU F 154 -0.31 -19.20 -5.55
N ALA F 155 -0.22 -17.99 -5.04
CA ALA F 155 0.44 -17.76 -3.75
C ALA F 155 -0.61 -17.43 -2.69
N VAL F 156 -0.46 -18.01 -1.49
CA VAL F 156 -1.41 -17.78 -0.41
C VAL F 156 -0.73 -17.89 0.94
N LYS F 157 -1.19 -17.10 1.92
CA LYS F 157 -0.64 -17.12 3.27
C LYS F 157 -1.47 -18.05 4.16
N ASP F 158 -0.79 -18.75 5.06
CA ASP F 158 -1.47 -19.67 5.95
C ASP F 158 -2.01 -18.94 7.17
N ASN F 159 -2.75 -19.68 8.02
CA ASN F 159 -3.36 -19.06 9.20
C ASN F 159 -2.30 -18.51 10.14
N GLN F 160 -1.05 -18.97 10.02
CA GLN F 160 0.05 -18.47 10.81
C GLN F 160 0.85 -17.39 10.08
N GLY F 161 0.39 -16.97 8.90
CA GLY F 161 1.12 -15.97 8.14
C GLY F 161 2.23 -16.47 7.23
N ARG F 162 2.51 -17.77 7.22
CA ARG F 162 3.53 -18.30 6.32
C ARG F 162 2.97 -18.43 4.90
N ILE F 163 3.78 -18.01 3.91
CA ILE F 163 3.35 -17.97 2.51
C ILE F 163 3.74 -19.26 1.79
N HIS F 164 2.84 -19.73 0.92
CA HIS F 164 3.01 -20.98 0.21
C HIS F 164 2.59 -20.84 -1.25
N LEU F 165 3.19 -21.66 -2.12
CA LEU F 165 2.70 -21.86 -3.48
C LEU F 165 1.74 -23.05 -3.50
N VAL F 166 0.57 -22.87 -4.11
CA VAL F 166 -0.44 -23.93 -4.09
C VAL F 166 -1.03 -24.14 -5.46
N LEU F 167 -1.51 -25.37 -5.66
CA LEU F 167 -2.18 -25.74 -6.90
C LEU F 167 -3.60 -25.21 -6.92
N GLY F 168 -3.92 -24.46 -7.95
CA GLY F 168 -5.28 -24.04 -8.19
C GLY F 168 -5.95 -24.98 -9.16
N ASP F 169 -6.41 -24.45 -10.28
CA ASP F 169 -6.96 -25.33 -11.29
C ASP F 169 -5.83 -26.23 -11.77
N CYS F 170 -6.15 -27.50 -12.01
CA CYS F 170 -5.21 -28.41 -12.64
C CYS F 170 -6.02 -29.34 -13.51
N THR F 171 -5.76 -29.31 -14.83
CA THR F 171 -6.60 -30.08 -15.75
C THR F 171 -5.89 -30.17 -17.09
N HIS F 172 -6.31 -31.15 -17.91
CA HIS F 172 -5.65 -31.31 -19.20
C HIS F 172 -6.06 -30.19 -20.15
N SER F 173 -5.17 -29.88 -21.07
CA SER F 173 -5.41 -28.78 -22.01
C SER F 173 -6.36 -29.23 -23.12
N PRO F 174 -7.47 -28.56 -23.33
CA PRO F 174 -8.36 -28.94 -24.44
C PRO F 174 -7.57 -29.02 -25.75
N GLY F 175 -7.82 -30.09 -26.50
CA GLY F 175 -7.21 -30.20 -27.81
C GLY F 175 -5.72 -30.47 -27.83
N SER F 176 -5.11 -30.80 -26.68
CA SER F 176 -3.71 -31.18 -26.69
C SER F 176 -3.52 -32.69 -26.75
N LEU F 177 -4.59 -33.46 -26.56
CA LEU F 177 -4.50 -34.90 -26.72
C LEU F 177 -4.28 -35.26 -28.19
N LYS F 178 -3.22 -36.00 -28.47
CA LYS F 178 -2.97 -36.49 -29.82
C LYS F 178 -2.66 -37.97 -29.78
N ILE F 179 -3.40 -38.74 -30.57
CA ILE F 179 -3.23 -40.18 -30.66
C ILE F 179 -2.98 -40.54 -32.11
N SER F 180 -1.85 -41.16 -32.39
CA SER F 180 -1.53 -41.52 -33.76
C SER F 180 -1.05 -42.97 -33.82
N LEU F 181 -1.63 -43.75 -34.74
CA LEU F 181 -1.27 -45.14 -34.94
C LEU F 181 0.03 -45.22 -35.72
N LEU F 182 1.00 -45.96 -35.21
CA LEU F 182 2.31 -45.98 -35.85
C LEU F 182 2.26 -47.01 -36.98
N ASN F 183 2.29 -46.52 -38.21
CA ASN F 183 2.21 -47.35 -39.40
C ASN F 183 3.32 -46.99 -40.38
N GLY F 184 4.54 -46.79 -39.88
CA GLY F 184 5.64 -46.44 -40.77
C GLY F 184 5.48 -45.04 -41.35
N VAL F 185 5.69 -44.92 -42.67
CA VAL F 185 5.56 -43.64 -43.36
C VAL F 185 4.14 -43.35 -43.83
N THR F 186 3.24 -44.33 -43.76
CA THR F 186 1.89 -44.19 -44.30
C THR F 186 0.91 -43.93 -43.16
N PRO F 187 0.26 -42.77 -43.10
CA PRO F 187 -0.71 -42.53 -42.03
C PRO F 187 -1.94 -43.41 -42.19
N VAL F 188 -2.62 -43.62 -41.07
CA VAL F 188 -3.80 -44.48 -40.98
C VAL F 188 -5.07 -43.63 -41.04
N GLN F 189 -6.04 -44.07 -41.84
CA GLN F 189 -7.25 -43.31 -42.09
C GLN F 189 -8.44 -44.25 -42.05
N SER F 190 -9.49 -43.82 -41.31
CA SER F 190 -10.70 -44.62 -41.10
C SER F 190 -10.40 -46.08 -40.80
N PHE F 191 -9.41 -46.32 -39.95
CA PHE F 191 -9.15 -47.64 -39.42
C PHE F 191 -9.06 -47.55 -37.90
N LEU F 192 -9.98 -48.22 -37.21
CA LEU F 192 -9.96 -48.32 -35.74
C LEU F 192 -10.24 -46.96 -35.06
N ASP F 193 -11.10 -46.16 -35.67
CA ASP F 193 -11.51 -44.90 -35.04
C ASP F 193 -12.23 -45.19 -33.73
N ASN F 194 -12.83 -46.36 -33.63
CA ASN F 194 -13.52 -46.73 -32.40
C ASN F 194 -12.56 -46.76 -31.22
N LEU F 195 -11.35 -47.30 -31.43
CA LEU F 195 -10.38 -47.38 -30.34
C LEU F 195 -9.94 -45.99 -29.91
N THR F 196 -9.59 -45.14 -30.89
CA THR F 196 -9.21 -43.78 -30.59
C THR F 196 -10.32 -43.00 -29.89
N GLY F 197 -11.58 -43.26 -30.25
CA GLY F 197 -12.68 -42.58 -29.57
C GLY F 197 -12.74 -42.93 -28.10
N ILE F 198 -12.67 -44.23 -27.81
CA ILE F 198 -12.64 -44.65 -26.41
C ILE F 198 -11.46 -44.02 -25.68
N LEU F 199 -10.27 -44.12 -26.28
CA LEU F 199 -9.08 -43.59 -25.63
C LEU F 199 -9.24 -42.10 -25.35
N THR F 200 -9.71 -41.34 -26.35
CA THR F 200 -9.93 -39.92 -26.14
C THR F 200 -10.84 -39.69 -24.94
N LYS F 201 -11.80 -40.58 -24.72
CA LYS F 201 -12.68 -40.34 -23.60
C LYS F 201 -12.02 -40.64 -22.27
N VAL F 202 -11.07 -41.56 -22.24
CA VAL F 202 -10.60 -42.10 -20.97
C VAL F 202 -9.26 -41.54 -20.56
N LEU F 203 -8.36 -41.37 -21.51
CA LEU F 203 -6.94 -41.25 -21.19
C LEU F 203 -6.59 -39.92 -20.52
N PRO F 204 -7.09 -38.77 -21.01
CA PRO F 204 -6.72 -37.48 -20.36
C PRO F 204 -7.09 -37.41 -18.88
N GLU F 205 -8.25 -37.94 -18.53
CA GLU F 205 -8.72 -37.90 -17.15
C GLU F 205 -7.86 -38.76 -16.22
N LEU F 206 -7.51 -39.98 -16.66
CA LEU F 206 -6.61 -40.82 -15.88
C LEU F 206 -5.27 -40.11 -15.69
N ILE F 207 -4.72 -39.59 -16.79
CA ILE F 207 -3.41 -38.94 -16.70
C ILE F 207 -3.47 -37.74 -15.75
N GLN F 208 -4.52 -36.91 -15.84
CA GLN F 208 -4.54 -35.71 -15.02
C GLN F 208 -4.79 -36.04 -13.56
N GLY F 209 -5.62 -37.05 -13.30
CA GLY F 209 -5.82 -37.53 -11.95
C GLY F 209 -4.55 -38.09 -11.35
N LYS F 210 -3.63 -38.56 -12.18
CA LYS F 210 -2.34 -38.92 -11.61
C LYS F 210 -1.40 -37.72 -11.46
N VAL F 211 -1.36 -36.84 -12.46
CA VAL F 211 -0.30 -35.81 -12.48
C VAL F 211 -0.61 -34.68 -11.51
N CYS F 212 -1.86 -34.26 -11.41
CA CYS F 212 -2.20 -33.12 -10.57
C CYS F 212 -1.91 -33.35 -9.08
N PRO F 213 -2.27 -34.48 -8.47
CA PRO F 213 -1.88 -34.68 -7.04
C PRO F 213 -0.39 -34.66 -6.83
N LEU F 214 0.33 -35.26 -7.77
CA LEU F 214 1.78 -35.24 -7.73
C LEU F 214 2.29 -33.81 -7.78
N VAL F 215 1.72 -32.98 -8.66
CA VAL F 215 2.17 -31.59 -8.70
C VAL F 215 1.91 -30.89 -7.37
N ASN F 216 0.75 -31.14 -6.78
CA ASN F 216 0.42 -30.52 -5.50
C ASN F 216 1.48 -30.85 -4.46
N GLY F 217 1.78 -32.15 -4.31
CA GLY F 217 2.81 -32.54 -3.34
C GLY F 217 4.15 -31.89 -3.63
N ILE F 218 4.56 -31.87 -4.89
CA ILE F 218 5.84 -31.25 -5.26
C ILE F 218 5.86 -29.79 -4.83
N LEU F 219 4.79 -29.06 -5.17
CA LEU F 219 4.71 -27.67 -4.76
C LEU F 219 4.91 -27.53 -3.27
N SER F 220 4.21 -28.37 -2.48
CA SER F 220 4.30 -28.20 -1.03
C SER F 220 5.70 -28.48 -0.52
N GLY F 221 6.52 -29.22 -1.27
CA GLY F 221 7.87 -29.54 -0.83
C GLY F 221 9.00 -28.75 -1.46
N LEU F 222 8.71 -27.69 -2.20
CA LEU F 222 9.81 -27.00 -2.85
C LEU F 222 10.71 -26.31 -1.83
N ASP F 223 11.92 -26.01 -2.29
CA ASP F 223 12.87 -25.13 -1.64
C ASP F 223 12.20 -23.88 -1.10
N VAL F 224 12.28 -23.68 0.22
CA VAL F 224 11.57 -22.56 0.84
C VAL F 224 12.02 -21.24 0.25
N THR F 225 13.25 -21.15 -0.22
CA THR F 225 13.76 -19.89 -0.74
C THR F 225 13.11 -19.55 -2.09
N LEU F 226 13.06 -20.54 -2.98
CA LEU F 226 12.35 -20.42 -4.25
C LEU F 226 10.89 -20.10 -4.02
N VAL F 227 10.25 -20.86 -3.12
CA VAL F 227 8.86 -20.61 -2.78
C VAL F 227 8.68 -19.17 -2.39
N HIS F 228 9.51 -18.69 -1.47
CA HIS F 228 9.32 -17.35 -0.96
C HIS F 228 9.47 -16.31 -2.05
N ASN F 229 10.52 -16.42 -2.85
CA ASN F 229 10.76 -15.38 -3.85
C ASN F 229 9.65 -15.35 -4.90
N ILE F 230 9.26 -16.53 -5.41
CA ILE F 230 8.20 -16.52 -6.40
C ILE F 230 6.88 -16.06 -5.79
N ALA F 231 6.57 -16.54 -4.58
CA ALA F 231 5.30 -16.19 -3.97
C ALA F 231 5.23 -14.69 -3.67
N GLU F 232 6.33 -14.11 -3.23
CA GLU F 232 6.33 -12.67 -3.03
C GLU F 232 6.03 -11.96 -4.34
N LEU F 233 6.65 -12.39 -5.44
CA LEU F 233 6.30 -11.76 -6.72
C LEU F 233 4.81 -11.95 -7.04
N LEU F 234 4.29 -13.18 -6.89
CA LEU F 234 2.91 -13.44 -7.27
C LEU F 234 1.94 -12.64 -6.41
N ILE F 235 2.17 -12.61 -5.10
CA ILE F 235 1.21 -12.02 -4.18
C ILE F 235 1.10 -10.51 -4.39
N HIS F 236 2.16 -9.87 -4.85
CA HIS F 236 2.15 -8.45 -5.15
C HIS F 236 1.86 -8.19 -6.63
N GLY F 237 1.49 -9.21 -7.39
CA GLY F 237 1.16 -9.02 -8.79
C GLY F 237 2.29 -8.50 -9.63
N LEU F 238 3.53 -8.84 -9.27
CA LEU F 238 4.72 -8.34 -9.95
C LEU F 238 5.13 -9.30 -11.06
N GLN F 239 5.25 -8.78 -12.26
CA GLN F 239 5.68 -9.59 -13.39
C GLN F 239 7.14 -9.98 -13.25
N PHE F 240 7.43 -11.23 -13.57
CA PHE F 240 8.80 -11.71 -13.71
C PHE F 240 9.02 -12.69 -14.81
N VAL F 241 8.02 -13.38 -15.32
CA VAL F 241 8.26 -14.37 -16.36
C VAL F 241 8.40 -13.64 -17.69
N ILE F 242 9.54 -13.80 -18.36
CA ILE F 242 9.77 -13.08 -19.60
C ILE F 242 9.11 -13.85 -20.73
N LYS F 243 8.15 -13.21 -21.39
CA LYS F 243 7.48 -13.82 -22.56
C LYS F 243 8.31 -13.57 -23.80
N PRO G 31 -27.11 11.46 -4.98
CA PRO G 31 -27.19 10.18 -4.25
C PRO G 31 -26.77 8.98 -5.11
N SER G 32 -26.65 7.81 -4.48
CA SER G 32 -26.20 6.59 -5.16
C SER G 32 -24.75 6.74 -5.60
N ASN G 33 -23.89 6.93 -4.62
CA ASN G 33 -22.49 7.28 -4.84
C ASN G 33 -22.40 8.76 -5.22
N PRO G 34 -22.41 9.66 -4.25
CA PRO G 34 -22.39 11.09 -4.55
C PRO G 34 -21.19 11.49 -5.40
N THR G 35 -20.19 10.60 -5.49
CA THR G 35 -19.10 10.82 -6.41
C THR G 35 -19.59 11.09 -7.82
N ASP G 36 -20.71 10.47 -8.21
CA ASP G 36 -21.26 10.66 -9.55
C ASP G 36 -21.48 12.14 -9.87
N LEU G 37 -21.74 12.97 -8.86
CA LEU G 37 -22.06 14.36 -9.17
C LEU G 37 -20.80 15.18 -9.45
N LEU G 38 -19.64 14.71 -8.97
CA LEU G 38 -18.47 15.57 -8.98
C LEU G 38 -18.13 16.09 -10.38
N ALA G 39 -18.19 15.21 -11.37
CA ALA G 39 -17.85 15.60 -12.74
C ALA G 39 -18.63 16.83 -13.16
N GLY G 40 -19.96 16.77 -12.99
CA GLY G 40 -20.79 17.90 -13.36
C GLY G 40 -20.46 19.14 -12.56
N LYS G 41 -20.26 18.96 -11.25
CA LYS G 41 -19.86 20.09 -10.42
C LYS G 41 -18.56 20.68 -10.91
N PHE G 42 -17.66 19.82 -11.37
CA PHE G 42 -16.40 20.36 -11.84
C PHE G 42 -16.63 21.16 -13.10
N THR G 43 -17.37 20.60 -14.05
CA THR G 43 -17.48 21.31 -15.32
C THR G 43 -18.29 22.58 -15.15
N ASP G 44 -19.26 22.58 -14.25
CA ASP G 44 -19.98 23.82 -13.96
C ASP G 44 -19.03 24.88 -13.40
N ALA G 45 -18.21 24.52 -12.40
CA ALA G 45 -17.37 25.54 -11.77
C ALA G 45 -16.33 26.05 -12.75
N LEU G 46 -15.69 25.14 -13.50
CA LEU G 46 -14.66 25.58 -14.43
C LEU G 46 -15.26 26.50 -15.49
N SER G 47 -16.33 26.07 -16.12
CA SER G 47 -16.97 26.93 -17.10
C SER G 47 -17.42 28.24 -16.47
N GLY G 48 -18.01 28.16 -15.27
CA GLY G 48 -18.40 29.40 -14.62
C GLY G 48 -17.22 30.32 -14.46
N GLY G 49 -16.11 29.76 -13.94
CA GLY G 49 -14.93 30.55 -13.74
C GLY G 49 -14.48 31.22 -15.02
N LEU G 50 -14.55 30.48 -16.13
CA LEU G 50 -14.08 31.03 -17.40
C LEU G 50 -14.87 32.30 -17.76
N LEU G 51 -16.20 32.25 -17.62
CA LEU G 51 -16.96 33.44 -17.96
C LEU G 51 -16.72 34.53 -16.93
N SER G 52 -16.68 34.15 -15.64
CA SER G 52 -16.45 35.15 -14.59
C SER G 52 -15.12 35.82 -14.77
N GLY G 53 -14.13 35.09 -15.23
CA GLY G 53 -12.85 35.69 -15.45
C GLY G 53 -12.71 36.48 -16.74
N GLY G 54 -13.80 36.70 -17.46
CA GLY G 54 -13.73 37.53 -18.65
C GLY G 54 -13.28 36.82 -19.89
N LEU G 55 -13.56 35.53 -20.02
CA LEU G 55 -13.14 34.80 -21.21
C LEU G 55 -13.60 35.49 -22.48
N LEU G 56 -14.86 35.92 -22.54
CA LEU G 56 -15.39 36.39 -23.81
C LEU G 56 -14.72 37.70 -24.25
N GLY G 57 -14.54 38.63 -23.32
CA GLY G 57 -13.82 39.86 -23.65
C GLY G 57 -12.38 39.60 -24.03
N ILE G 58 -11.71 38.68 -23.35
CA ILE G 58 -10.35 38.31 -23.71
C ILE G 58 -10.31 37.82 -25.14
N LEU G 59 -11.23 36.95 -25.51
CA LEU G 59 -11.25 36.49 -26.90
C LEU G 59 -11.45 37.66 -27.85
N GLU G 60 -12.39 38.57 -27.51
CA GLU G 60 -12.67 39.70 -28.38
C GLU G 60 -11.45 40.62 -28.53
N ASN G 61 -10.55 40.65 -27.55
CA ASN G 61 -9.46 41.60 -27.56
C ASN G 61 -8.14 41.00 -27.97
N ILE G 62 -8.15 39.84 -28.62
CA ILE G 62 -6.90 39.35 -29.21
C ILE G 62 -6.49 40.26 -30.36
N PRO G 63 -5.26 40.75 -30.40
CA PRO G 63 -4.75 41.61 -31.49
C PRO G 63 -4.32 40.80 -32.70
N LEU G 64 -5.30 40.14 -33.34
CA LEU G 64 -4.99 39.16 -34.38
C LEU G 64 -4.23 39.79 -35.55
N LEU G 65 -4.70 40.95 -36.02
CA LEU G 65 -4.09 41.57 -37.20
C LEU G 65 -2.72 42.19 -36.92
N ASP G 66 -2.33 42.35 -35.66
CA ASP G 66 -0.98 42.82 -35.38
C ASP G 66 -0.01 41.66 -35.34
N VAL G 67 -0.44 40.55 -34.73
CA VAL G 67 0.33 39.32 -34.83
C VAL G 67 0.53 38.97 -36.29
N ILE G 68 -0.42 39.36 -37.15
CA ILE G 68 -0.33 38.92 -38.53
C ILE G 68 0.57 39.86 -39.32
N LYS G 69 0.52 41.16 -39.06
CA LYS G 69 1.46 42.05 -39.72
C LYS G 69 2.86 41.97 -39.08
N SER G 70 2.96 41.58 -37.80
CA SER G 70 4.25 41.42 -37.13
C SER G 70 4.15 40.62 -35.82
N GLY G 71 3.92 41.30 -34.69
CA GLY G 71 3.85 40.66 -33.40
C GLY G 71 3.76 41.64 -32.24
N GLY G 72 4.69 41.55 -31.28
CA GLY G 72 5.71 40.51 -31.30
C GLY G 72 7.16 40.96 -31.23
N GLY G 73 7.55 41.55 -30.09
CA GLY G 73 8.93 42.02 -29.90
C GLY G 73 9.44 41.81 -28.48
N PRO G 91 -0.14 42.76 -50.27
CA PRO G 91 -0.82 42.45 -51.52
C PRO G 91 -2.27 42.13 -51.23
N LEU G 92 -2.50 40.84 -50.93
CA LEU G 92 -3.74 40.41 -50.31
C LEU G 92 -3.94 41.10 -48.96
N LEU G 93 -2.98 40.97 -48.04
CA LEU G 93 -3.15 41.48 -46.69
C LEU G 93 -3.48 42.97 -46.69
N ASN G 94 -2.90 43.74 -47.61
CA ASN G 94 -3.30 45.13 -47.72
C ASN G 94 -4.76 45.15 -48.16
N ASN G 95 -5.49 46.17 -47.68
CA ASN G 95 -6.92 46.34 -47.95
C ASN G 95 -7.69 45.94 -46.70
N ILE G 96 -7.07 45.12 -45.84
CA ILE G 96 -7.72 44.67 -44.62
C ILE G 96 -7.72 45.86 -43.66
N LEU G 97 -8.66 46.78 -43.86
CA LEU G 97 -8.87 47.85 -42.90
C LEU G 97 -8.65 47.34 -41.47
N ASP G 98 -9.44 46.36 -41.05
CA ASP G 98 -9.24 45.86 -39.68
C ASP G 98 -10.04 44.57 -39.48
N ILE G 99 -9.82 43.94 -38.33
CA ILE G 99 -10.54 42.73 -37.95
C ILE G 99 -11.16 42.95 -36.58
N LYS G 100 -12.45 42.71 -36.48
CA LYS G 100 -13.17 42.76 -35.22
C LYS G 100 -13.63 41.36 -34.88
N ILE G 101 -13.38 40.93 -33.64
CA ILE G 101 -13.77 39.61 -33.20
C ILE G 101 -15.06 39.77 -32.41
N THR G 102 -16.11 39.08 -32.85
CA THR G 102 -17.42 39.18 -32.24
C THR G 102 -17.94 37.80 -31.92
N ASP G 103 -19.10 37.75 -31.28
CA ASP G 103 -19.81 36.53 -31.00
C ASP G 103 -18.92 35.45 -30.33
N PRO G 104 -18.13 35.83 -29.33
CA PRO G 104 -17.32 34.82 -28.64
C PRO G 104 -18.21 33.81 -27.95
N GLN G 105 -17.81 32.56 -28.02
CA GLN G 105 -18.70 31.55 -27.50
C GLN G 105 -17.93 30.49 -26.73
N LEU G 106 -18.45 30.13 -25.57
CA LEU G 106 -18.00 28.98 -24.80
C LEU G 106 -19.08 27.90 -24.89
N LEU G 107 -18.71 26.72 -25.38
CA LEU G 107 -19.64 25.62 -25.45
C LEU G 107 -19.49 24.72 -24.22
N GLU G 108 -20.33 23.70 -24.15
CA GLU G 108 -20.33 22.78 -23.04
C GLU G 108 -19.00 22.07 -22.90
N LEU G 109 -18.51 21.95 -21.67
CA LEU G 109 -17.23 21.31 -21.47
C LEU G 109 -17.35 19.79 -21.56
N GLY G 110 -16.31 19.16 -22.12
CA GLY G 110 -16.16 17.71 -22.07
C GLY G 110 -15.13 17.32 -21.03
N LEU G 111 -15.30 16.14 -20.44
CA LEU G 111 -14.40 15.70 -19.37
C LEU G 111 -14.12 14.21 -19.48
N VAL G 112 -12.84 13.83 -19.47
CA VAL G 112 -12.48 12.41 -19.43
C VAL G 112 -11.40 12.19 -18.38
N GLN G 113 -11.52 11.07 -17.66
CA GLN G 113 -10.55 10.67 -16.66
C GLN G 113 -9.63 9.62 -17.27
N SER G 114 -8.32 9.77 -17.04
CA SER G 114 -7.35 8.83 -17.57
C SER G 114 -7.62 7.42 -17.05
N PRO G 115 -7.14 6.41 -17.76
CA PRO G 115 -7.41 5.03 -17.31
C PRO G 115 -6.81 4.74 -15.95
N ASP G 116 -5.64 5.26 -15.65
CA ASP G 116 -5.09 5.02 -14.33
C ASP G 116 -5.76 5.87 -13.26
N GLY G 117 -6.71 6.72 -13.66
CA GLY G 117 -7.52 7.50 -12.74
C GLY G 117 -6.88 8.74 -12.17
N HIS G 118 -5.64 9.07 -12.54
CA HIS G 118 -4.93 10.18 -11.90
C HIS G 118 -5.09 11.53 -12.58
N ARG G 119 -5.67 11.60 -13.76
CA ARG G 119 -5.65 12.84 -14.53
C ARG G 119 -7.04 13.10 -15.10
N LEU G 120 -7.37 14.37 -15.25
CA LEU G 120 -8.58 14.77 -15.96
C LEU G 120 -8.16 15.51 -17.20
N TYR G 121 -8.94 15.36 -18.27
CA TYR G 121 -8.73 16.10 -19.51
C TYR G 121 -10.03 16.83 -19.82
N VAL G 122 -9.97 18.17 -19.78
CA VAL G 122 -11.11 19.05 -20.02
C VAL G 122 -11.03 19.51 -21.47
N THR G 123 -12.12 19.32 -22.19
CA THR G 123 -12.27 19.83 -23.54
C THR G 123 -13.09 21.11 -23.48
N ILE G 124 -12.48 22.22 -23.89
CA ILE G 124 -13.02 23.57 -23.80
C ILE G 124 -13.31 24.02 -25.22
N PRO G 125 -14.56 23.86 -25.69
CA PRO G 125 -14.88 24.23 -27.07
C PRO G 125 -15.29 25.69 -27.16
N LEU G 126 -14.67 26.38 -28.11
CA LEU G 126 -14.78 27.81 -28.32
C LEU G 126 -15.22 28.11 -29.75
N GLY G 127 -16.00 29.17 -29.88
CA GLY G 127 -16.36 29.70 -31.16
C GLY G 127 -16.23 31.21 -31.14
N LEU G 128 -16.03 31.77 -32.32
CA LEU G 128 -15.99 33.23 -32.44
C LEU G 128 -16.11 33.59 -33.91
N THR G 129 -16.40 34.87 -34.18
CA THR G 129 -16.55 35.33 -35.55
C THR G 129 -15.52 36.41 -35.83
N LEU G 130 -14.82 36.25 -36.94
CA LEU G 130 -13.88 37.23 -37.44
C LEU G 130 -14.62 38.11 -38.45
N ASN G 131 -14.56 39.42 -38.26
CA ASN G 131 -15.20 40.41 -39.12
C ASN G 131 -14.08 41.20 -39.78
N VAL G 132 -13.84 40.95 -41.06
CA VAL G 132 -12.74 41.57 -41.76
C VAL G 132 -13.31 42.70 -42.60
N ASN G 133 -12.98 43.93 -42.20
CA ASN G 133 -13.41 45.15 -42.89
C ASN G 133 -12.33 45.55 -43.90
N MET G 134 -12.69 45.51 -45.18
CA MET G 134 -11.82 45.97 -46.27
C MET G 134 -12.63 46.96 -47.10
N PRO G 135 -12.74 48.22 -46.65
CA PRO G 135 -13.60 49.18 -47.36
C PRO G 135 -13.09 49.54 -48.74
N VAL G 136 -11.77 49.75 -48.88
CA VAL G 136 -11.19 50.08 -50.17
C VAL G 136 -11.65 49.09 -51.23
N VAL G 137 -11.72 47.81 -50.89
CA VAL G 137 -12.18 46.79 -51.81
C VAL G 137 -13.62 46.38 -51.48
N GLY G 138 -14.33 47.20 -50.71
CA GLY G 138 -15.74 47.00 -50.39
C GLY G 138 -16.07 45.56 -50.06
N SER G 139 -15.51 45.05 -48.96
CA SER G 139 -15.67 43.64 -48.62
C SER G 139 -15.63 43.50 -47.09
N LEU G 140 -16.79 43.32 -46.47
CA LEU G 140 -16.86 42.86 -45.09
C LEU G 140 -17.02 41.33 -45.11
N LEU G 141 -15.98 40.61 -44.70
CA LEU G 141 -15.99 39.15 -44.67
C LEU G 141 -16.22 38.66 -43.24
N GLN G 142 -17.24 37.83 -43.05
CA GLN G 142 -17.47 37.18 -41.76
C GLN G 142 -17.04 35.73 -41.83
N LEU G 143 -16.16 35.34 -40.90
CA LEU G 143 -15.61 34.00 -40.80
C LEU G 143 -15.97 33.41 -39.44
N ALA G 144 -16.62 32.25 -39.46
CA ALA G 144 -16.88 31.51 -38.24
C ALA G 144 -15.68 30.63 -37.89
N VAL G 145 -15.19 30.79 -36.66
CA VAL G 145 -14.06 30.02 -36.15
C VAL G 145 -14.54 29.11 -35.03
N LYS G 146 -14.06 27.88 -35.06
CA LYS G 146 -14.23 26.93 -33.96
C LYS G 146 -12.87 26.38 -33.57
N LEU G 147 -12.73 26.08 -32.28
CA LEU G 147 -11.46 25.62 -31.74
C LEU G 147 -11.72 24.97 -30.39
N ASN G 148 -11.05 23.86 -30.13
CA ASN G 148 -11.09 23.25 -28.80
C ASN G 148 -9.74 23.42 -28.15
N ILE G 149 -9.74 23.66 -26.85
CA ILE G 149 -8.55 23.60 -26.02
C ILE G 149 -8.68 22.39 -25.10
N THR G 150 -7.60 21.63 -24.94
CA THR G 150 -7.57 20.52 -24.00
C THR G 150 -6.68 20.88 -22.84
N ALA G 151 -7.24 20.78 -21.64
CA ALA G 151 -6.52 21.12 -20.42
C ALA G 151 -6.40 19.88 -19.54
N GLU G 152 -5.16 19.54 -19.19
CA GLU G 152 -4.90 18.42 -18.29
C GLU G 152 -4.89 18.93 -16.87
N VAL G 153 -5.67 18.29 -15.99
CA VAL G 153 -5.83 18.67 -14.59
C VAL G 153 -5.29 17.54 -13.72
N LEU G 154 -4.46 17.89 -12.74
CA LEU G 154 -3.76 16.99 -11.85
C LEU G 154 -4.03 17.38 -10.40
N ALA G 155 -3.84 16.45 -9.47
CA ALA G 155 -3.85 16.77 -8.04
C ALA G 155 -2.41 16.75 -7.54
N VAL G 156 -2.04 17.77 -6.77
CA VAL G 156 -0.67 17.93 -6.31
C VAL G 156 -0.67 18.69 -4.98
N LYS G 157 0.29 18.35 -4.13
CA LYS G 157 0.44 19.00 -2.84
C LYS G 157 1.50 20.08 -2.88
N ASP G 158 1.25 21.17 -2.14
CA ASP G 158 2.22 22.25 -2.02
C ASP G 158 3.20 21.93 -0.89
N ASN G 159 4.21 22.80 -0.72
CA ASN G 159 5.23 22.56 0.29
C ASN G 159 4.63 22.56 1.70
N GLN G 160 3.39 23.00 1.85
CA GLN G 160 2.69 23.00 3.13
C GLN G 160 1.84 21.75 3.33
N GLY G 161 1.87 20.81 2.41
CA GLY G 161 1.02 19.65 2.52
C GLY G 161 -0.39 19.86 1.99
N ARG G 162 -0.72 21.06 1.51
CA ARG G 162 -2.05 21.34 0.99
C ARG G 162 -2.25 20.77 -0.40
N ILE G 163 -3.41 20.18 -0.62
CA ILE G 163 -3.76 19.55 -1.88
C ILE G 163 -4.39 20.60 -2.78
N HIS G 164 -4.04 20.57 -4.07
CA HIS G 164 -4.54 21.52 -5.06
C HIS G 164 -4.78 20.79 -6.37
N LEU G 165 -5.72 21.31 -7.15
CA LEU G 165 -5.86 20.94 -8.56
C LEU G 165 -5.02 21.93 -9.34
N VAL G 166 -4.18 21.42 -10.23
CA VAL G 166 -3.28 22.28 -10.97
C VAL G 166 -3.37 21.91 -12.45
N LEU G 167 -3.02 22.87 -13.30
CA LEU G 167 -2.95 22.66 -14.74
C LEU G 167 -1.67 21.94 -15.13
N GLY G 168 -1.82 20.83 -15.85
CA GLY G 168 -0.66 20.15 -16.44
C GLY G 168 -0.46 20.62 -17.86
N ASP G 169 -0.48 19.71 -18.85
CA ASP G 169 -0.43 20.12 -20.25
C ASP G 169 -1.72 20.83 -20.67
N CYS G 170 -1.57 21.90 -21.47
CA CYS G 170 -2.72 22.65 -21.97
C CYS G 170 -2.44 23.14 -23.38
N THR G 171 -3.29 22.75 -24.32
CA THR G 171 -3.01 23.04 -25.72
C THR G 171 -4.26 22.74 -26.54
N HIS G 172 -4.33 23.31 -27.72
CA HIS G 172 -5.49 23.06 -28.57
C HIS G 172 -5.46 21.66 -29.17
N SER G 173 -6.65 21.17 -29.44
CA SER G 173 -6.82 19.84 -30.00
C SER G 173 -6.46 19.86 -31.48
N PRO G 174 -5.53 19.05 -31.94
CA PRO G 174 -5.20 19.04 -33.37
C PRO G 174 -6.43 18.79 -34.23
N GLY G 175 -6.55 19.57 -35.30
CA GLY G 175 -7.64 19.40 -36.24
C GLY G 175 -9.00 19.88 -35.76
N SER G 176 -9.07 20.61 -34.65
CA SER G 176 -10.33 21.18 -34.20
C SER G 176 -10.49 22.64 -34.63
N LEU G 177 -9.45 23.25 -35.19
CA LEU G 177 -9.61 24.57 -35.75
C LEU G 177 -10.54 24.51 -36.96
N LYS G 178 -11.61 25.29 -36.95
CA LYS G 178 -12.51 25.32 -38.09
C LYS G 178 -12.68 26.77 -38.48
N ILE G 179 -12.36 27.07 -39.74
CA ILE G 179 -12.54 28.40 -40.31
C ILE G 179 -13.39 28.21 -41.54
N SER G 180 -14.56 28.82 -41.53
CA SER G 180 -15.53 28.65 -42.58
C SER G 180 -16.07 30.03 -42.98
N LEU G 181 -16.22 30.26 -44.27
CA LEU G 181 -16.70 31.56 -44.70
C LEU G 181 -18.19 31.67 -44.39
N LEU G 182 -18.54 32.66 -43.57
CA LEU G 182 -19.90 32.85 -43.09
C LEU G 182 -20.68 33.88 -43.86
N ASN G 183 -20.06 35.02 -44.16
CA ASN G 183 -20.78 36.11 -44.80
C ASN G 183 -19.75 37.00 -45.50
N GLY G 184 -20.25 37.95 -46.28
CA GLY G 184 -19.40 38.92 -46.95
C GLY G 184 -19.02 38.63 -48.38
N THR G 186 -16.92 36.20 -50.63
CA THR G 186 -16.75 37.38 -51.48
C THR G 186 -15.54 38.22 -51.05
N PRO G 187 -14.34 37.80 -51.50
CA PRO G 187 -13.11 38.55 -51.15
C PRO G 187 -12.63 39.50 -52.24
N VAL G 188 -13.05 39.22 -53.47
CA VAL G 188 -12.66 39.93 -54.69
C VAL G 188 -11.78 38.96 -55.45
N GLN G 189 -11.35 37.91 -54.75
CA GLN G 189 -10.41 36.88 -55.17
C GLN G 189 -9.91 36.22 -53.89
N SER G 190 -9.46 34.97 -53.96
CA SER G 190 -8.93 34.24 -52.80
C SER G 190 -7.42 34.14 -52.95
N PHE G 191 -6.63 34.84 -52.12
CA PHE G 191 -6.92 35.71 -50.94
C PHE G 191 -7.65 35.10 -49.75
N LEU G 192 -8.82 34.49 -49.97
CA LEU G 192 -9.45 33.83 -48.85
C LEU G 192 -8.85 32.46 -48.59
N ASP G 193 -8.24 31.84 -49.59
CA ASP G 193 -7.53 30.61 -49.33
C ASP G 193 -6.26 30.90 -48.54
N ASN G 194 -5.63 32.04 -48.85
CA ASN G 194 -4.42 32.48 -48.19
C ASN G 194 -4.69 32.97 -46.77
N LEU G 195 -5.77 33.73 -46.57
CA LEU G 195 -6.10 34.26 -45.26
C LEU G 195 -6.36 33.14 -44.27
N THR G 196 -7.11 32.12 -44.71
CA THR G 196 -7.35 30.97 -43.86
C THR G 196 -6.04 30.30 -43.44
N GLY G 197 -5.03 30.30 -44.31
CA GLY G 197 -3.75 29.72 -43.93
C GLY G 197 -3.06 30.49 -42.82
N ILE G 198 -2.98 31.81 -42.96
CA ILE G 198 -2.41 32.64 -41.90
C ILE G 198 -3.18 32.39 -40.60
N LEU G 199 -4.50 32.45 -40.67
CA LEU G 199 -5.31 32.24 -39.48
C LEU G 199 -5.02 30.88 -38.86
N THR G 200 -4.93 29.84 -39.69
CA THR G 200 -4.59 28.53 -39.16
C THR G 200 -3.27 28.57 -38.43
N LYS G 201 -2.35 29.42 -38.89
CA LYS G 201 -1.04 29.45 -38.27
C LYS G 201 -1.03 30.15 -36.91
N VAL G 202 -1.83 31.21 -36.76
CA VAL G 202 -1.69 32.13 -35.64
C VAL G 202 -2.77 31.94 -34.59
N LEU G 203 -4.00 31.64 -35.04
CA LEU G 203 -5.19 31.80 -34.20
C LEU G 203 -5.20 30.78 -33.07
N PRO G 204 -4.88 29.51 -33.29
CA PRO G 204 -4.84 28.56 -32.16
C PRO G 204 -3.85 28.96 -31.10
N GLU G 205 -2.66 29.39 -31.50
CA GLU G 205 -1.64 29.70 -30.52
C GLU G 205 -2.02 30.92 -29.68
N LEU G 206 -2.55 31.98 -30.30
CA LEU G 206 -3.04 33.15 -29.57
C LEU G 206 -4.12 32.75 -28.57
N ILE G 207 -5.11 31.99 -29.05
CA ILE G 207 -6.22 31.62 -28.19
C ILE G 207 -5.72 30.79 -27.01
N GLN G 208 -4.83 29.83 -27.26
CA GLN G 208 -4.46 28.97 -26.14
C GLN G 208 -3.57 29.72 -25.15
N GLY G 209 -2.70 30.61 -25.66
CA GLY G 209 -1.92 31.44 -24.76
C GLY G 209 -2.77 32.33 -23.87
N LYS G 210 -3.99 32.66 -24.32
CA LYS G 210 -4.87 33.35 -23.38
C LYS G 210 -5.66 32.41 -22.47
N VAL G 211 -6.14 31.28 -23.00
CA VAL G 211 -7.09 30.45 -22.27
C VAL G 211 -6.41 29.62 -21.19
N CYS G 212 -5.21 29.12 -21.46
CA CYS G 212 -4.54 28.24 -20.51
C CYS G 212 -4.17 28.94 -19.21
N PRO G 213 -3.57 30.14 -19.22
CA PRO G 213 -3.37 30.85 -17.93
C PRO G 213 -4.66 31.18 -17.19
N LEU G 214 -5.72 31.51 -17.93
CA LEU G 214 -7.01 31.71 -17.30
C LEU G 214 -7.47 30.44 -16.61
N VAL G 215 -7.35 29.30 -17.29
CA VAL G 215 -7.74 28.02 -16.70
C VAL G 215 -6.95 27.75 -15.43
N ASN G 216 -5.64 27.99 -15.47
CA ASN G 216 -4.82 27.75 -14.28
C ASN G 216 -5.31 28.58 -13.11
N GLY G 217 -5.48 29.89 -13.33
CA GLY G 217 -5.95 30.75 -12.26
C GLY G 217 -7.28 30.31 -11.70
N ILE G 218 -8.20 29.91 -12.57
CA ILE G 218 -9.49 29.43 -12.11
C ILE G 218 -9.33 28.20 -11.24
N LEU G 219 -8.49 27.25 -11.67
CA LEU G 219 -8.25 26.06 -10.88
C LEU G 219 -7.84 26.43 -9.47
N SER G 220 -6.89 27.34 -9.33
CA SER G 220 -6.42 27.66 -7.98
C SER G 220 -7.51 28.30 -7.13
N GLY G 221 -8.54 28.89 -7.72
CA GLY G 221 -9.55 29.57 -6.96
C GLY G 221 -10.83 28.80 -6.76
N LEU G 222 -10.89 27.52 -7.14
CA LEU G 222 -12.13 26.77 -7.02
C LEU G 222 -12.50 26.56 -5.55
N ASP G 223 -13.77 26.30 -5.33
CA ASP G 223 -14.28 25.86 -4.04
C ASP G 223 -13.34 24.83 -3.42
N VAL G 224 -12.78 25.16 -2.24
CA VAL G 224 -11.78 24.29 -1.63
C VAL G 224 -12.34 22.91 -1.32
N THR G 225 -13.64 22.82 -1.03
CA THR G 225 -14.26 21.53 -0.71
C THR G 225 -14.30 20.65 -1.95
N LEU G 226 -14.77 21.23 -3.06
CA LEU G 226 -14.75 20.54 -4.35
C LEU G 226 -13.34 20.13 -4.73
N VAL G 227 -12.39 21.06 -4.57
CA VAL G 227 -10.99 20.78 -4.87
C VAL G 227 -10.51 19.58 -4.08
N HIS G 228 -10.79 19.57 -2.78
CA HIS G 228 -10.33 18.48 -1.94
C HIS G 228 -10.93 17.15 -2.37
N ASN G 229 -12.22 17.12 -2.62
CA ASN G 229 -12.84 15.84 -2.94
C ASN G 229 -12.34 15.29 -4.27
N ILE G 230 -12.28 16.14 -5.31
CA ILE G 230 -11.79 15.67 -6.60
C ILE G 230 -10.32 15.29 -6.52
N ALA G 231 -9.50 16.11 -5.85
CA ALA G 231 -8.08 15.82 -5.78
C ALA G 231 -7.82 14.52 -5.02
N GLU G 232 -8.58 14.27 -3.95
CA GLU G 232 -8.46 12.96 -3.30
C GLU G 232 -8.77 11.85 -4.28
N LEU G 233 -9.83 12.00 -5.07
CA LEU G 233 -10.13 10.96 -6.06
C LEU G 233 -8.95 10.78 -7.02
N LEU G 234 -8.44 11.87 -7.58
CA LEU G 234 -7.38 11.74 -8.58
C LEU G 234 -6.13 11.12 -7.96
N ILE G 235 -5.77 11.57 -6.76
CA ILE G 235 -4.49 11.19 -6.16
C ILE G 235 -4.47 9.71 -5.82
N HIS G 236 -5.62 9.12 -5.53
CA HIS G 236 -5.71 7.69 -5.29
C HIS G 236 -6.08 6.90 -6.53
N GLY G 237 -6.10 7.53 -7.71
CA GLY G 237 -6.43 6.82 -8.94
C GLY G 237 -7.82 6.24 -8.95
N LEU G 238 -8.79 6.91 -8.31
CA LEU G 238 -10.16 6.41 -8.18
C LEU G 238 -11.03 6.96 -9.31
N GLN G 239 -11.66 6.05 -10.05
CA GLN G 239 -12.52 6.49 -11.13
C GLN G 239 -13.80 7.14 -10.60
N PHE G 240 -14.18 8.24 -11.22
CA PHE G 240 -15.47 8.86 -10.95
C PHE G 240 -16.13 9.46 -12.17
N VAL G 241 -15.42 9.78 -13.25
CA VAL G 241 -16.04 10.37 -14.43
C VAL G 241 -16.68 9.26 -15.27
N ILE G 242 -17.97 9.42 -15.58
CA ILE G 242 -18.75 8.36 -16.21
C ILE G 242 -18.43 8.32 -17.70
N LYS G 243 -18.02 7.16 -18.18
CA LYS G 243 -17.68 6.95 -19.58
C LYS G 243 -18.93 6.69 -20.40
N PRO H 34 -27.27 21.33 -3.04
CA PRO H 34 -28.00 21.13 -1.79
C PRO H 34 -27.10 20.54 -0.69
N THR H 35 -26.06 19.83 -1.11
CA THR H 35 -25.03 19.29 -0.21
C THR H 35 -24.59 20.32 0.83
N ASP H 36 -24.48 21.58 0.44
CA ASP H 36 -24.06 22.62 1.38
C ASP H 36 -25.14 22.96 2.40
N LEU H 37 -26.31 22.34 2.33
CA LEU H 37 -27.37 22.56 3.32
C LEU H 37 -27.45 21.46 4.37
N LEU H 38 -26.78 20.31 4.14
CA LEU H 38 -26.92 19.16 5.03
C LEU H 38 -26.43 19.47 6.44
N ALA H 39 -25.29 20.16 6.56
CA ALA H 39 -24.79 20.48 7.90
C ALA H 39 -25.85 21.22 8.71
N GLY H 40 -26.44 22.27 8.13
CA GLY H 40 -27.47 23.02 8.83
C GLY H 40 -28.70 22.18 9.11
N LYS H 41 -29.13 21.40 8.13
CA LYS H 41 -30.30 20.56 8.33
C LYS H 41 -30.05 19.58 9.48
N PHE H 42 -28.84 19.06 9.56
CA PHE H 42 -28.48 18.07 10.56
C PHE H 42 -28.47 18.69 11.95
N THR H 43 -27.85 19.86 12.09
CA THR H 43 -27.83 20.48 13.40
C THR H 43 -29.23 20.90 13.84
N ASP H 44 -30.08 21.32 12.88
CA ASP H 44 -31.47 21.62 13.19
C ASP H 44 -32.20 20.36 13.67
N ALA H 45 -32.05 19.25 12.96
CA ALA H 45 -32.74 18.04 13.37
C ALA H 45 -32.26 17.59 14.75
N LEU H 46 -30.96 17.63 15.01
CA LEU H 46 -30.48 17.23 16.33
C LEU H 46 -31.03 18.14 17.42
N SER H 47 -30.95 19.46 17.22
CA SER H 47 -31.44 20.39 18.23
C SER H 47 -32.92 20.15 18.50
N GLY H 48 -33.71 20.03 17.43
CA GLY H 48 -35.11 19.74 17.59
C GLY H 48 -35.36 18.45 18.33
N GLY H 49 -34.68 17.38 17.93
CA GLY H 49 -34.86 16.11 18.62
C GLY H 49 -34.55 16.24 20.10
N LEU H 50 -33.50 16.97 20.43
CA LEU H 50 -33.11 17.14 21.83
C LEU H 50 -34.22 17.82 22.61
N LEU H 51 -34.75 18.93 22.06
CA LEU H 51 -35.79 19.64 22.78
C LEU H 51 -37.06 18.82 22.85
N SER H 52 -37.47 18.22 21.73
CA SER H 52 -38.68 17.41 21.69
C SER H 52 -38.58 16.21 22.63
N GLY H 53 -37.41 15.61 22.73
CA GLY H 53 -37.19 14.47 23.60
C GLY H 53 -37.00 14.79 25.06
N GLY H 54 -37.20 16.04 25.49
CA GLY H 54 -37.17 16.37 26.91
C GLY H 54 -35.82 16.66 27.52
N LEU H 55 -34.88 17.24 26.76
CA LEU H 55 -33.55 17.52 27.29
C LEU H 55 -33.62 18.35 28.58
N LEU H 56 -34.40 19.44 28.56
CA LEU H 56 -34.36 20.39 29.67
C LEU H 56 -34.93 19.77 30.94
N GLY H 57 -36.05 19.04 30.82
CA GLY H 57 -36.59 18.35 31.97
C GLY H 57 -35.67 17.27 32.50
N ILE H 58 -35.02 16.52 31.61
CA ILE H 58 -34.05 15.52 32.07
C ILE H 58 -32.95 16.20 32.88
N LEU H 59 -32.43 17.31 32.39
CA LEU H 59 -31.38 18.01 33.13
C LEU H 59 -31.89 18.43 34.51
N GLU H 60 -33.09 19.02 34.56
CA GLU H 60 -33.62 19.47 35.84
C GLU H 60 -33.84 18.31 36.81
N ASN H 61 -33.99 17.09 36.28
CA ASN H 61 -34.32 15.92 37.10
C ASN H 61 -33.12 15.02 37.37
N ILE H 62 -31.92 15.51 37.16
CA ILE H 62 -30.77 14.69 37.54
C ILE H 62 -30.74 14.55 39.07
N PRO H 63 -30.59 13.33 39.63
CA PRO H 63 -30.51 13.15 41.10
C PRO H 63 -29.13 13.50 41.67
N LEU H 64 -28.74 14.76 41.48
CA LEU H 64 -27.40 15.21 41.82
C LEU H 64 -27.12 15.05 43.32
N LEU H 65 -28.03 15.54 44.17
CA LEU H 65 -27.72 15.44 45.59
C LEU H 65 -27.85 14.01 46.10
N ASP H 66 -28.47 13.11 45.35
CA ASP H 66 -28.51 11.73 45.81
C ASP H 66 -27.28 11.00 45.34
N VAL H 67 -26.87 11.27 44.09
CA VAL H 67 -25.60 10.77 43.62
C VAL H 67 -24.48 11.22 44.53
N ILE H 68 -24.61 12.40 45.13
CA ILE H 68 -23.49 12.94 45.87
C ILE H 68 -23.52 12.45 47.31
N LYS H 69 -24.65 12.62 48.00
CA LYS H 69 -24.78 12.02 49.33
C LYS H 69 -24.51 10.53 49.26
N SER H 70 -24.92 9.88 48.18
CA SER H 70 -24.56 8.50 47.90
C SER H 70 -23.11 8.21 48.28
N VAL H 90 -18.24 14.35 53.87
CA VAL H 90 -17.64 15.46 54.58
C VAL H 90 -18.72 16.28 55.30
N PRO H 91 -18.31 17.31 56.04
CA PRO H 91 -19.30 18.24 56.61
C PRO H 91 -20.10 18.98 55.55
N LEU H 92 -19.42 19.63 54.60
CA LEU H 92 -20.04 20.13 53.38
C LEU H 92 -21.28 19.33 52.98
N LEU H 93 -21.09 18.03 52.72
CA LEU H 93 -22.19 17.19 52.27
C LEU H 93 -23.30 17.09 53.30
N ASN H 94 -22.95 17.01 54.58
CA ASN H 94 -23.99 16.90 55.60
C ASN H 94 -24.81 18.17 55.72
N ASN H 95 -24.26 19.32 55.33
CA ASN H 95 -24.99 20.58 55.43
C ASN H 95 -25.71 20.94 54.14
N ILE H 96 -25.93 19.99 53.24
CA ILE H 96 -26.64 20.29 52.00
C ILE H 96 -28.07 19.74 52.07
N LEU H 97 -28.97 20.51 52.71
CA LEU H 97 -30.41 20.22 52.68
C LEU H 97 -30.89 19.69 51.32
N ASP H 98 -30.68 20.46 50.25
CA ASP H 98 -31.15 20.01 48.94
C ASP H 98 -30.49 20.84 47.84
N ILE H 99 -30.66 20.38 46.61
CA ILE H 99 -30.20 21.09 45.41
C ILE H 99 -31.33 21.09 44.40
N LYS H 100 -31.66 22.27 43.88
CA LYS H 100 -32.63 22.38 42.81
C LYS H 100 -31.93 22.83 41.53
N ILE H 101 -32.21 22.16 40.42
CA ILE H 101 -31.63 22.52 39.13
C ILE H 101 -32.65 23.30 38.31
N THR H 102 -32.29 24.53 37.93
CA THR H 102 -33.20 25.41 37.20
C THR H 102 -32.51 25.99 35.96
N ASP H 103 -33.27 26.74 35.17
CA ASP H 103 -32.77 27.42 33.99
C ASP H 103 -31.98 26.54 33.03
N PRO H 104 -32.52 25.37 32.66
CA PRO H 104 -31.83 24.52 31.67
C PRO H 104 -31.73 25.25 30.34
N GLN H 105 -30.58 25.10 29.68
CA GLN H 105 -30.34 25.81 28.43
C GLN H 105 -29.64 24.91 27.43
N LEU H 106 -30.12 24.93 26.21
CA LEU H 106 -29.43 24.34 25.06
C LEU H 106 -28.91 25.46 24.18
N LEU H 107 -27.60 25.51 23.99
CA LEU H 107 -27.06 26.54 23.13
C LEU H 107 -26.94 25.99 21.70
N GLU H 108 -26.50 26.84 20.77
CA GLU H 108 -26.40 26.43 19.39
C GLU H 108 -25.41 25.29 19.22
N LEU H 109 -25.78 24.30 18.40
CA LEU H 109 -24.90 23.17 18.18
C LEU H 109 -23.74 23.55 17.28
N GLY H 110 -22.60 22.94 17.54
CA GLY H 110 -21.45 23.02 16.65
C GLY H 110 -21.30 21.74 15.87
N LEU H 111 -20.67 21.85 14.68
CA LEU H 111 -20.46 20.70 13.83
C LEU H 111 -19.11 20.80 13.15
N VAL H 112 -18.31 19.74 13.26
CA VAL H 112 -17.01 19.64 12.61
C VAL H 112 -16.92 18.31 11.88
N GLN H 113 -16.29 18.30 10.71
CA GLN H 113 -16.03 17.08 9.98
C GLN H 113 -14.54 16.73 10.11
N SER H 114 -14.25 15.44 10.35
CA SER H 114 -12.87 14.99 10.47
C SER H 114 -12.10 15.23 9.17
N PRO H 115 -10.78 15.35 9.25
CA PRO H 115 -9.98 15.62 8.05
C PRO H 115 -10.16 14.59 6.96
N ASP H 116 -10.32 13.31 7.32
CA ASP H 116 -10.52 12.24 6.36
C ASP H 116 -11.96 12.16 5.85
N GLY H 117 -12.86 13.00 6.35
CA GLY H 117 -14.21 13.08 5.86
C GLY H 117 -15.15 12.02 6.33
N HIS H 118 -14.71 11.05 7.14
CA HIS H 118 -15.57 9.93 7.46
C HIS H 118 -16.40 10.14 8.71
N ARG H 119 -16.16 11.21 9.47
CA ARG H 119 -16.79 11.32 10.78
C ARG H 119 -17.24 12.75 11.03
N LEU H 120 -18.30 12.90 11.83
CA LEU H 120 -18.75 14.20 12.29
C LEU H 120 -18.63 14.28 13.81
N TYR H 121 -18.34 15.47 14.31
CA TYR H 121 -18.29 15.75 15.74
C TYR H 121 -19.29 16.86 16.03
N VAL H 122 -20.30 16.53 16.85
CA VAL H 122 -21.35 17.45 17.25
C VAL H 122 -21.02 17.98 18.63
N THR H 123 -20.95 19.30 18.76
CA THR H 123 -20.74 19.97 20.04
C THR H 123 -22.06 20.48 20.58
N ILE H 124 -22.44 19.99 21.76
CA ILE H 124 -23.72 20.28 22.40
C ILE H 124 -23.49 21.14 23.64
N PRO H 125 -23.67 22.47 23.55
CA PRO H 125 -23.42 23.33 24.72
C PRO H 125 -24.65 23.41 25.62
N LEU H 126 -24.47 23.12 26.90
CA LEU H 126 -25.56 23.05 27.87
C LEU H 126 -25.28 24.03 29.01
N GLY H 127 -26.35 24.60 29.53
CA GLY H 127 -26.27 25.40 30.73
C GLY H 127 -27.34 24.99 31.72
N LEU H 128 -27.06 25.25 32.98
CA LEU H 128 -28.05 25.03 34.03
C LEU H 128 -27.58 25.75 35.28
N THR H 129 -28.49 25.93 36.24
CA THR H 129 -28.19 26.61 37.49
C THR H 129 -28.44 25.66 38.64
N LEU H 130 -27.46 25.58 39.53
CA LEU H 130 -27.58 24.84 40.77
C LEU H 130 -28.01 25.79 41.88
N ASN H 131 -29.00 25.36 42.65
CA ASN H 131 -29.51 26.07 43.82
C ASN H 131 -29.19 25.17 44.99
N VAL H 132 -28.15 25.53 45.73
CA VAL H 132 -27.63 24.70 46.80
C VAL H 132 -28.12 25.29 48.12
N ASN H 133 -28.96 24.55 48.84
CA ASN H 133 -29.45 25.01 50.14
C ASN H 133 -28.46 24.56 51.21
N MET H 134 -27.72 25.52 51.76
CA MET H 134 -26.83 25.28 52.90
C MET H 134 -27.13 26.35 53.94
N PRO H 135 -28.10 26.10 54.81
CA PRO H 135 -28.52 27.13 55.78
C PRO H 135 -27.40 27.57 56.72
N VAL H 136 -26.51 26.66 57.09
CA VAL H 136 -25.40 27.01 57.98
C VAL H 136 -24.64 28.25 57.51
N VAL H 137 -24.37 28.38 56.19
CA VAL H 137 -23.57 29.52 55.72
C VAL H 137 -24.39 30.76 55.45
N GLY H 138 -25.71 30.68 55.61
CA GLY H 138 -26.53 31.87 55.57
C GLY H 138 -26.70 32.44 54.18
N SER H 139 -25.84 32.02 53.26
CA SER H 139 -25.82 32.58 51.92
C SER H 139 -26.78 31.82 50.99
N LEU H 140 -27.23 32.52 49.95
CA LEU H 140 -27.94 31.89 48.84
C LEU H 140 -26.90 31.41 47.86
N LEU H 141 -26.77 30.09 47.70
CA LEU H 141 -25.74 29.53 46.83
C LEU H 141 -26.36 29.18 45.48
N GLN H 142 -26.18 30.07 44.50
CA GLN H 142 -26.57 29.83 43.11
C GLN H 142 -25.32 29.72 42.25
N LEU H 143 -25.21 28.61 41.54
CA LEU H 143 -24.05 28.34 40.69
C LEU H 143 -24.51 28.19 39.25
N ALA H 144 -23.91 28.96 38.38
CA ALA H 144 -24.11 28.79 36.95
C ALA H 144 -23.14 27.72 36.44
N VAL H 145 -23.68 26.70 35.80
CA VAL H 145 -22.93 25.59 35.25
C VAL H 145 -23.05 25.63 33.73
N LYS H 146 -21.92 25.47 33.06
CA LYS H 146 -21.85 25.29 31.61
C LYS H 146 -21.06 24.01 31.34
N LEU H 147 -21.44 23.32 30.26
CA LEU H 147 -20.82 22.04 29.92
C LEU H 147 -21.13 21.69 28.48
N ASN H 148 -20.13 21.19 27.76
CA ASN H 148 -20.35 20.69 26.40
C ASN H 148 -20.27 19.17 26.37
N ILE H 149 -21.14 18.58 25.58
CA ILE H 149 -21.07 17.17 25.25
C ILE H 149 -20.60 17.08 23.80
N THR H 150 -19.70 16.14 23.52
CA THR H 150 -19.25 15.88 22.16
C THR H 150 -19.72 14.51 21.70
N ALA H 151 -20.41 14.49 20.57
CA ALA H 151 -20.96 13.24 20.05
C ALA H 151 -20.34 12.94 18.71
N GLU H 152 -19.77 11.75 18.61
CA GLU H 152 -19.16 11.31 17.37
C GLU H 152 -20.21 10.59 16.54
N VAL H 153 -20.31 10.98 15.28
CA VAL H 153 -21.26 10.40 14.35
C VAL H 153 -20.46 9.73 13.25
N LEU H 154 -20.79 8.47 12.99
CA LEU H 154 -20.12 7.59 12.05
C LEU H 154 -21.14 7.13 11.01
N ALA H 155 -20.65 6.71 9.85
CA ALA H 155 -21.44 6.02 8.84
C ALA H 155 -20.97 4.57 8.72
N VAL H 156 -21.92 3.64 8.67
CA VAL H 156 -21.54 2.23 8.60
C VAL H 156 -22.59 1.46 7.82
N LYS H 157 -22.16 0.44 7.09
CA LYS H 157 -23.07 -0.44 6.38
C LYS H 157 -23.30 -1.71 7.18
N ASP H 158 -24.55 -2.15 7.23
CA ASP H 158 -24.91 -3.37 7.93
C ASP H 158 -24.80 -4.55 6.97
N ASN H 159 -25.02 -5.76 7.50
CA ASN H 159 -24.86 -6.98 6.70
C ASN H 159 -25.80 -7.00 5.50
N GLN H 160 -26.82 -6.16 5.47
CA GLN H 160 -27.72 -6.11 4.34
C GLN H 160 -27.32 -5.03 3.34
N GLY H 161 -26.19 -4.37 3.56
CA GLY H 161 -25.73 -3.33 2.65
C GLY H 161 -26.32 -1.96 2.89
N ARG H 162 -27.25 -1.83 3.84
CA ARG H 162 -27.85 -0.54 4.14
C ARG H 162 -26.89 0.32 4.95
N ILE H 163 -26.81 1.60 4.60
CA ILE H 163 -25.92 2.54 5.26
C ILE H 163 -26.68 3.23 6.39
N HIS H 164 -26.02 3.46 7.52
CA HIS H 164 -26.67 4.06 8.68
C HIS H 164 -25.71 5.06 9.30
N LEU H 165 -26.28 6.09 9.94
CA LEU H 165 -25.54 6.95 10.85
C LEU H 165 -25.65 6.41 12.27
N VAL H 166 -24.50 6.24 12.93
CA VAL H 166 -24.44 5.67 14.26
C VAL H 166 -23.61 6.56 15.17
N LEU H 167 -23.92 6.53 16.45
CA LEU H 167 -23.17 7.27 17.44
C LEU H 167 -21.91 6.49 17.78
N GLY H 168 -20.76 7.12 17.65
CA GLY H 168 -19.55 6.49 18.14
C GLY H 168 -19.24 6.91 19.57
N ASP H 169 -18.07 7.52 19.76
CA ASP H 169 -17.72 8.10 21.06
C ASP H 169 -18.71 9.20 21.41
N CYS H 170 -19.10 9.27 22.68
CA CYS H 170 -19.94 10.36 23.14
C CYS H 170 -19.54 10.68 24.56
N THR H 171 -19.11 11.91 24.82
CA THR H 171 -18.58 12.17 26.15
C THR H 171 -18.43 13.67 26.33
N HIS H 172 -18.35 14.10 27.58
CA HIS H 172 -18.21 15.52 27.82
C HIS H 172 -16.82 16.00 27.41
N SER H 173 -16.74 17.27 27.01
CA SER H 173 -15.51 17.85 26.51
C SER H 173 -14.58 18.18 27.68
N PRO H 174 -13.36 17.66 27.71
CA PRO H 174 -12.46 18.05 28.79
C PRO H 174 -12.33 19.57 28.89
N GLY H 175 -12.41 20.07 30.12
CA GLY H 175 -12.23 21.49 30.36
C GLY H 175 -13.36 22.39 29.92
N SER H 176 -14.52 21.84 29.55
CA SER H 176 -15.66 22.68 29.19
C SER H 176 -16.59 22.93 30.36
N LEU H 177 -16.42 22.22 31.47
CA LEU H 177 -17.19 22.49 32.68
C LEU H 177 -16.82 23.84 33.26
N LYS H 178 -17.83 24.69 33.45
CA LYS H 178 -17.67 25.96 34.14
C LYS H 178 -18.70 26.04 35.25
N ILE H 179 -18.22 26.32 36.46
CA ILE H 179 -19.04 26.49 37.65
C ILE H 179 -18.71 27.85 38.23
N SER H 180 -19.71 28.73 38.29
CA SER H 180 -19.50 30.09 38.75
C SER H 180 -20.54 30.45 39.79
N LEU H 181 -20.09 30.96 40.94
CA LEU H 181 -20.98 31.34 42.02
C LEU H 181 -21.62 32.70 41.71
N LEU H 182 -22.95 32.74 41.75
CA LEU H 182 -23.73 33.90 41.37
C LEU H 182 -24.03 34.81 42.56
N ASN H 183 -24.68 35.94 42.26
CA ASN H 183 -25.14 36.93 43.24
C ASN H 183 -24.02 37.52 44.09
N GLY H 184 -22.89 37.82 43.46
CA GLY H 184 -21.76 38.40 44.17
C GLY H 184 -21.43 37.77 45.51
N VAL H 185 -21.40 36.44 45.58
CA VAL H 185 -21.03 35.72 46.80
C VAL H 185 -19.60 35.22 46.60
N THR H 186 -18.66 35.73 47.38
CA THR H 186 -17.31 35.17 47.32
C THR H 186 -17.01 34.49 48.64
N PRO H 187 -17.01 33.15 48.69
CA PRO H 187 -16.77 32.46 49.96
C PRO H 187 -15.32 32.49 50.39
N VAL H 188 -15.03 31.84 51.52
CA VAL H 188 -13.66 31.55 51.89
C VAL H 188 -13.15 30.48 50.93
N GLN H 189 -11.93 30.64 50.44
CA GLN H 189 -11.47 29.82 49.31
C GLN H 189 -11.59 28.31 49.56
N SER H 190 -11.29 27.84 50.78
CA SER H 190 -11.39 26.40 51.04
C SER H 190 -12.80 25.86 50.80
N PHE H 191 -13.83 26.68 51.05
CA PHE H 191 -15.21 26.28 50.84
C PHE H 191 -15.59 26.32 49.36
N LEU H 192 -15.25 27.41 48.67
CA LEU H 192 -15.45 27.44 47.24
C LEU H 192 -14.79 26.24 46.57
N ASP H 193 -13.59 25.85 47.05
CA ASP H 193 -12.87 24.73 46.46
C ASP H 193 -13.55 23.40 46.73
N ASN H 194 -13.98 23.16 47.98
CA ASN H 194 -14.58 21.88 48.27
C ASN H 194 -15.91 21.71 47.51
N LEU H 195 -16.69 22.79 47.42
CA LEU H 195 -17.96 22.72 46.73
C LEU H 195 -17.77 22.48 45.24
N THR H 196 -16.86 23.25 44.61
CA THR H 196 -16.56 23.07 43.20
C THR H 196 -16.04 21.68 42.92
N GLY H 197 -15.21 21.14 43.82
CA GLY H 197 -14.70 19.80 43.61
C GLY H 197 -15.78 18.75 43.61
N ILE H 198 -16.67 18.80 44.61
CA ILE H 198 -17.76 17.83 44.67
C ILE H 198 -18.53 17.87 43.36
N LEU H 199 -18.92 19.08 42.94
CA LEU H 199 -19.70 19.20 41.71
C LEU H 199 -18.91 18.69 40.49
N THR H 200 -17.65 19.10 40.38
CA THR H 200 -16.81 18.71 39.25
C THR H 200 -16.69 17.22 39.10
N LYS H 201 -16.67 16.48 40.21
CA LYS H 201 -16.44 15.04 40.11
C LYS H 201 -17.67 14.28 39.60
N VAL H 202 -18.87 14.79 39.84
CA VAL H 202 -20.12 14.05 39.62
C VAL H 202 -20.89 14.57 38.41
N LEU H 203 -20.93 15.86 38.24
CA LEU H 203 -21.93 16.44 37.35
C LEU H 203 -21.70 16.10 35.88
N PRO H 204 -20.47 16.19 35.35
CA PRO H 204 -20.29 15.88 33.90
C PRO H 204 -20.73 14.47 33.54
N GLU H 205 -20.42 13.52 34.39
CA GLU H 205 -20.76 12.13 34.11
C GLU H 205 -22.27 11.91 34.15
N LEU H 206 -22.95 12.51 35.12
CA LEU H 206 -24.41 12.45 35.13
C LEU H 206 -24.97 13.05 33.85
N ILE H 207 -24.54 14.27 33.52
CA ILE H 207 -25.12 14.95 32.37
C ILE H 207 -24.91 14.15 31.10
N GLN H 208 -23.72 13.58 30.92
CA GLN H 208 -23.43 12.87 29.68
C GLN H 208 -24.13 11.51 29.65
N GLY H 209 -24.21 10.84 30.81
CA GLY H 209 -24.95 9.59 30.88
C GLY H 209 -26.42 9.75 30.54
N LYS H 210 -26.96 10.97 30.72
CA LYS H 210 -28.30 11.24 30.23
C LYS H 210 -28.32 11.71 28.77
N VAL H 211 -27.39 12.58 28.36
CA VAL H 211 -27.52 13.22 27.05
C VAL H 211 -27.11 12.27 25.93
N CYS H 212 -26.09 11.46 26.13
CA CYS H 212 -25.64 10.58 25.04
C CYS H 212 -26.70 9.56 24.63
N PRO H 213 -27.37 8.87 25.55
CA PRO H 213 -28.44 7.95 25.11
C PRO H 213 -29.55 8.66 24.35
N LEU H 214 -29.91 9.88 24.79
CA LEU H 214 -30.91 10.67 24.08
C LEU H 214 -30.46 10.97 22.65
N VAL H 215 -29.21 11.40 22.49
CA VAL H 215 -28.68 11.67 21.14
C VAL H 215 -28.66 10.40 20.31
N ASN H 216 -28.31 9.28 20.92
CA ASN H 216 -28.33 8.02 20.20
C ASN H 216 -29.73 7.74 19.66
N GLY H 217 -30.73 7.86 20.54
CA GLY H 217 -32.10 7.63 20.11
C GLY H 217 -32.52 8.58 19.00
N ILE H 218 -32.19 9.86 19.14
CA ILE H 218 -32.53 10.84 18.12
C ILE H 218 -31.92 10.47 16.78
N LEU H 219 -30.64 10.08 16.77
CA LEU H 219 -30.05 9.58 15.53
C LEU H 219 -30.84 8.43 14.93
N SER H 220 -31.19 7.44 15.76
CA SER H 220 -31.82 6.26 15.21
C SER H 220 -33.15 6.58 14.54
N GLY H 221 -33.78 7.69 14.93
CA GLY H 221 -35.06 8.12 14.39
C GLY H 221 -35.02 9.26 13.42
N LEU H 222 -33.84 9.68 12.97
CA LEU H 222 -33.81 10.83 12.09
C LEU H 222 -34.44 10.49 10.75
N ASP H 223 -34.82 11.55 10.03
CA ASP H 223 -35.21 11.45 8.63
C ASP H 223 -34.33 10.47 7.90
N VAL H 224 -34.93 9.39 7.40
CA VAL H 224 -34.12 8.35 6.77
C VAL H 224 -33.38 8.92 5.57
N THR H 225 -33.95 9.93 4.91
CA THR H 225 -33.32 10.50 3.72
C THR H 225 -32.13 11.37 4.09
N LEU H 226 -32.32 12.28 5.05
CA LEU H 226 -31.19 13.07 5.53
C LEU H 226 -30.07 12.15 6.00
N VAL H 227 -30.44 11.13 6.78
CA VAL H 227 -29.48 10.14 7.26
C VAL H 227 -28.72 9.55 6.09
N HIS H 228 -29.45 9.10 5.07
CA HIS H 228 -28.82 8.45 3.95
C HIS H 228 -27.85 9.40 3.24
N ASN H 229 -28.28 10.63 3.00
CA ASN H 229 -27.42 11.54 2.24
C ASN H 229 -26.12 11.81 3.00
N ILE H 230 -26.24 12.13 4.29
CA ILE H 230 -25.06 12.43 5.10
C ILE H 230 -24.15 11.21 5.18
N ALA H 231 -24.75 10.03 5.36
CA ALA H 231 -23.96 8.80 5.46
C ALA H 231 -23.25 8.48 4.15
N GLU H 232 -23.90 8.73 3.02
CA GLU H 232 -23.22 8.55 1.74
C GLU H 232 -21.99 9.44 1.67
N LEU H 233 -22.12 10.69 2.08
CA LEU H 233 -20.94 11.56 2.09
C LEU H 233 -19.84 11.00 3.00
N LEU H 234 -20.21 10.60 4.23
CA LEU H 234 -19.22 10.17 5.21
C LEU H 234 -18.48 8.90 4.77
N ILE H 235 -19.21 7.91 4.22
CA ILE H 235 -18.59 6.63 3.91
C ILE H 235 -17.56 6.78 2.80
N HIS H 236 -17.76 7.75 1.89
CA HIS H 236 -16.80 8.00 0.82
C HIS H 236 -15.79 9.08 1.18
N GLY H 237 -15.78 9.54 2.42
CA GLY H 237 -14.80 10.54 2.82
C GLY H 237 -14.90 11.85 2.07
N LEU H 238 -16.10 12.25 1.67
CA LEU H 238 -16.31 13.48 0.91
C LEU H 238 -16.58 14.63 1.88
N GLN H 239 -15.76 15.68 1.81
CA GLN H 239 -15.98 16.86 2.65
C GLN H 239 -17.26 17.60 2.25
N PHE H 240 -18.01 18.08 3.24
CA PHE H 240 -19.14 18.96 2.97
C PHE H 240 -19.37 20.00 4.08
N VAL H 241 -18.89 19.78 5.30
CA VAL H 241 -19.10 20.74 6.37
C VAL H 241 -18.05 21.84 6.31
N ILE H 242 -18.49 23.09 6.18
CA ILE H 242 -17.62 24.24 6.03
C ILE H 242 -17.21 24.77 7.41
N LYS H 243 -15.91 24.91 7.61
CA LYS H 243 -15.39 25.45 8.88
C LYS H 243 -15.42 26.98 8.92
#